data_5EGN
#
_entry.id   5EGN
#
_cell.length_a   109.806
_cell.length_b   78.545
_cell.length_c   116.472
_cell.angle_alpha   90.00
_cell.angle_beta   99.37
_cell.angle_gamma   90.00
#
_symmetry.space_group_name_H-M   'P 1 21 1'
#
loop_
_entity.id
_entity.type
_entity.pdbx_description
1 polymer Esterase
2 water water
#
_entity_poly.entity_id   1
_entity_poly.type   'polypeptide(L)'
_entity_poly.pdbx_seq_one_letter_code
;MPHVENDGVKIYYDSYGEGVPIVFLHPFSTNGGIWYFQTFPFAQTNHVIVIDHRGHGRSDKPATGYSIMEHADDVVAVLD
ALKVDRAVFVGNSIGGMIAMQLNLDHPQRVIGNLILSSGTGLGEGMPPEAGAAFQNDYIGAFGGLLEGAVSARSKRERPE
ILAVMKAHFSVPSNFPKHVFDAATADPNGVFAWNIKDRLSSIQAPTLVVAGEEDLVTTVANNQLLADNIPGAELRVINDV
GHFYQLERPSEFNELLRGFVAAALEHHHHHH
;
_entity_poly.pdbx_strand_id   A,B,C,D,E,F,G,H
#
# COMPACT_ATOMS: atom_id res chain seq x y z
N PRO A 2 -32.19 9.40 -2.70
CA PRO A 2 -31.66 8.16 -3.28
C PRO A 2 -32.68 7.04 -3.30
N HIS A 3 -32.27 5.86 -3.76
CA HIS A 3 -33.15 4.70 -3.80
C HIS A 3 -32.52 3.49 -3.11
N VAL A 4 -33.35 2.69 -2.47
CA VAL A 4 -32.94 1.33 -2.11
C VAL A 4 -33.79 0.37 -2.91
N GLU A 5 -33.28 -0.82 -3.18
CA GLU A 5 -34.10 -1.82 -3.87
C GLU A 5 -34.50 -2.93 -2.90
N ASN A 6 -35.81 -3.15 -2.78
CA ASN A 6 -36.30 -4.25 -1.98
C ASN A 6 -37.08 -5.22 -2.86
N ASP A 7 -36.43 -6.33 -3.18
CA ASP A 7 -37.02 -7.41 -3.96
C ASP A 7 -37.51 -6.91 -5.32
N GLY A 8 -36.76 -5.96 -5.89
CA GLY A 8 -37.06 -5.41 -7.19
C GLY A 8 -37.88 -4.12 -7.15
N VAL A 9 -38.28 -3.70 -5.96
CA VAL A 9 -39.06 -2.47 -5.83
C VAL A 9 -38.23 -1.32 -5.26
N LYS A 10 -38.08 -0.24 -6.04
CA LYS A 10 -37.30 0.91 -5.61
C LYS A 10 -38.05 1.77 -4.61
N ILE A 11 -37.45 1.95 -3.44
CA ILE A 11 -37.97 2.84 -2.42
C ILE A 11 -37.13 4.11 -2.35
N TYR A 12 -37.76 5.26 -2.57
CA TYR A 12 -37.06 6.53 -2.47
C TYR A 12 -37.01 7.00 -1.02
N TYR A 13 -35.90 7.61 -0.65
CA TYR A 13 -35.73 8.15 0.69
C TYR A 13 -34.81 9.36 0.65
N ASP A 14 -34.94 10.24 1.64
CA ASP A 14 -33.96 11.30 1.80
C ASP A 14 -33.30 11.21 3.18
N SER A 15 -32.03 11.56 3.24
CA SER A 15 -31.26 11.49 4.48
C SER A 15 -30.40 12.73 4.70
N TYR A 16 -30.66 13.43 5.79
CA TYR A 16 -29.87 14.61 6.13
C TYR A 16 -29.35 14.55 7.57
N GLY A 17 -28.18 15.15 7.82
CA GLY A 17 -27.67 15.28 9.17
C GLY A 17 -27.08 14.02 9.79
N GLU A 18 -26.65 14.13 11.05
CA GLU A 18 -25.98 13.05 11.75
C GLU A 18 -26.39 12.96 13.23
N GLY A 19 -26.32 11.77 13.79
CA GLY A 19 -26.66 11.56 15.19
C GLY A 19 -27.65 10.43 15.40
N VAL A 20 -28.54 10.61 16.38
CA VAL A 20 -29.61 9.64 16.64
C VAL A 20 -30.63 9.71 15.52
N PRO A 21 -30.85 8.59 14.83
CA PRO A 21 -31.70 8.53 13.63
C PRO A 21 -33.19 8.73 13.92
N ILE A 22 -33.85 9.54 13.10
CA ILE A 22 -35.30 9.69 13.17
C ILE A 22 -35.92 9.38 11.82
N VAL A 23 -36.83 8.40 11.79
CA VAL A 23 -37.44 7.99 10.54
C VAL A 23 -38.87 8.49 10.39
N PHE A 24 -39.10 9.31 9.37
CA PHE A 24 -40.42 9.85 9.07
C PHE A 24 -41.14 9.05 7.99
N LEU A 25 -42.32 8.57 8.38
CA LEU A 25 -43.19 7.73 7.57
C LEU A 25 -44.48 8.48 7.28
N HIS A 26 -44.66 8.89 6.04
CA HIS A 26 -45.78 9.74 5.64
C HIS A 26 -47.13 8.99 5.66
N PRO A 27 -48.24 9.73 5.75
CA PRO A 27 -49.57 9.12 5.70
C PRO A 27 -49.94 8.60 4.32
N PHE A 28 -51.06 7.88 4.24
CA PHE A 28 -51.53 7.26 3.01
C PHE A 28 -51.86 8.30 1.93
N SER A 29 -51.55 7.96 0.69
CA SER A 29 -51.81 8.77 -0.51
C SER A 29 -50.90 10.01 -0.63
N THR A 30 -50.06 10.25 0.38
CA THR A 30 -49.15 11.38 0.33
C THR A 30 -47.73 10.92 0.01
N ASN A 31 -46.75 11.72 0.39
CA ASN A 31 -45.35 11.34 0.30
C ASN A 31 -44.49 12.06 1.33
N GLY A 32 -43.17 11.92 1.21
CA GLY A 32 -42.24 12.45 2.18
C GLY A 32 -42.25 13.96 2.34
N GLY A 33 -42.67 14.66 1.29
CA GLY A 33 -42.73 16.11 1.30
C GLY A 33 -43.45 16.65 2.52
N ILE A 34 -44.50 15.95 2.95
CA ILE A 34 -45.30 16.34 4.12
C ILE A 34 -44.47 16.62 5.37
N TRP A 35 -43.23 16.15 5.41
CA TRP A 35 -42.38 16.34 6.59
C TRP A 35 -41.45 17.55 6.46
N TYR A 36 -41.77 18.45 5.53
CA TYR A 36 -40.89 19.59 5.20
C TYR A 36 -40.50 20.40 6.43
N PHE A 37 -41.46 20.65 7.31
CA PHE A 37 -41.19 21.49 8.47
C PHE A 37 -40.51 20.73 9.61
N GLN A 38 -40.46 19.41 9.50
CA GLN A 38 -39.80 18.59 10.52
C GLN A 38 -38.40 18.18 10.07
N THR A 39 -38.29 17.83 8.80
CA THR A 39 -37.09 17.22 8.24
C THR A 39 -35.79 17.97 8.55
N PHE A 40 -35.78 19.27 8.30
CA PHE A 40 -34.54 20.05 8.37
C PHE A 40 -34.21 20.63 9.76
N PRO A 41 -35.22 21.08 10.52
CA PRO A 41 -34.87 21.45 11.90
C PRO A 41 -34.32 20.28 12.70
N PHE A 42 -34.88 19.09 12.50
CA PHE A 42 -34.39 17.90 13.19
C PHE A 42 -33.12 17.36 12.55
N ALA A 43 -32.80 17.83 11.35
CA ALA A 43 -31.56 17.45 10.69
C ALA A 43 -30.38 18.17 11.32
N GLN A 44 -30.66 19.18 12.13
CA GLN A 44 -29.62 19.94 12.82
C GLN A 44 -29.07 19.16 14.01
N THR A 45 -29.91 18.32 14.60
CA THR A 45 -29.53 17.57 15.81
C THR A 45 -29.55 16.06 15.59
N ASN A 46 -30.19 15.62 14.51
CA ASN A 46 -30.37 14.19 14.28
C ASN A 46 -30.09 13.75 12.85
N HIS A 47 -29.99 12.43 12.68
CA HIS A 47 -29.91 11.82 11.35
C HIS A 47 -31.32 11.57 10.84
N VAL A 48 -31.86 12.52 10.08
CA VAL A 48 -33.22 12.41 9.60
C VAL A 48 -33.31 11.60 8.31
N ILE A 49 -34.27 10.68 8.30
CA ILE A 49 -34.54 9.78 7.19
C ILE A 49 -36.02 9.85 6.87
N VAL A 50 -36.37 10.38 5.70
CA VAL A 50 -37.78 10.50 5.34
C VAL A 50 -38.09 9.62 4.14
N ILE A 51 -39.12 8.79 4.25
CA ILE A 51 -39.34 7.76 3.22
C ILE A 51 -40.64 7.88 2.44
N ASP A 52 -40.54 7.67 1.12
CA ASP A 52 -41.70 7.46 0.26
C ASP A 52 -42.07 5.97 0.27
N HIS A 53 -43.26 5.67 0.77
CA HIS A 53 -43.76 4.30 0.75
C HIS A 53 -43.90 3.81 -0.69
N ARG A 54 -43.90 2.50 -0.88
CA ARG A 54 -44.14 1.95 -2.22
C ARG A 54 -45.54 2.32 -2.67
N GLY A 55 -45.68 2.69 -3.94
CA GLY A 55 -46.97 3.13 -4.46
C GLY A 55 -47.21 4.61 -4.22
N HIS A 56 -46.22 5.27 -3.62
CA HIS A 56 -46.36 6.69 -3.30
C HIS A 56 -45.18 7.51 -3.82
N GLY A 57 -45.48 8.72 -4.28
CA GLY A 57 -44.48 9.70 -4.66
C GLY A 57 -43.43 9.24 -5.64
N ARG A 58 -42.18 9.16 -5.18
CA ARG A 58 -41.04 8.91 -6.04
C ARG A 58 -40.60 7.45 -6.04
N SER A 59 -41.25 6.65 -5.20
CA SER A 59 -40.94 5.23 -5.13
C SER A 59 -41.67 4.45 -6.23
N ASP A 60 -41.21 3.22 -6.47
CA ASP A 60 -41.88 2.35 -7.42
C ASP A 60 -43.31 2.08 -6.98
N LYS A 61 -44.18 1.81 -7.96
CA LYS A 61 -45.58 1.57 -7.66
C LYS A 61 -46.07 0.28 -8.32
N PRO A 62 -45.66 -0.87 -7.75
CA PRO A 62 -46.04 -2.17 -8.30
C PRO A 62 -47.53 -2.41 -8.24
N ALA A 63 -48.02 -3.39 -9.01
CA ALA A 63 -49.44 -3.65 -9.09
C ALA A 63 -49.97 -4.23 -7.78
N THR A 64 -49.16 -5.03 -7.11
CA THR A 64 -49.57 -5.66 -5.85
C THR A 64 -48.41 -5.76 -4.86
N GLY A 65 -48.75 -5.99 -3.60
CA GLY A 65 -47.76 -6.13 -2.55
C GLY A 65 -47.76 -4.96 -1.59
N TYR A 66 -48.93 -4.67 -1.04
CA TYR A 66 -49.09 -3.51 -0.16
C TYR A 66 -49.58 -3.90 1.23
N SER A 67 -48.96 -4.92 1.80
CA SER A 67 -49.19 -5.25 3.20
C SER A 67 -48.31 -4.34 4.05
N ILE A 68 -48.71 -4.11 5.29
CA ILE A 68 -47.95 -3.27 6.19
C ILE A 68 -46.58 -3.90 6.48
N MET A 69 -46.54 -5.23 6.44
CA MET A 69 -45.29 -5.96 6.65
C MET A 69 -44.30 -5.67 5.54
N GLU A 70 -44.79 -5.62 4.31
CA GLU A 70 -43.94 -5.33 3.15
C GLU A 70 -43.41 -3.89 3.20
N HIS A 71 -44.28 -2.96 3.60
CA HIS A 71 -43.86 -1.58 3.84
C HIS A 71 -42.74 -1.51 4.87
N ALA A 72 -42.94 -2.25 5.96
CA ALA A 72 -41.96 -2.34 7.03
C ALA A 72 -40.63 -2.87 6.50
N ASP A 73 -40.70 -3.85 5.61
CA ASP A 73 -39.49 -4.40 5.01
C ASP A 73 -38.79 -3.37 4.12
N ASP A 74 -39.58 -2.54 3.44
CA ASP A 74 -39.01 -1.43 2.67
C ASP A 74 -38.22 -0.50 3.60
N VAL A 75 -38.84 -0.15 4.73
CA VAL A 75 -38.17 0.66 5.74
C VAL A 75 -36.86 0.02 6.21
N VAL A 76 -36.90 -1.28 6.49
CA VAL A 76 -35.71 -2.00 6.94
C VAL A 76 -34.62 -1.99 5.87
N ALA A 77 -35.03 -2.05 4.60
CA ALA A 77 -34.09 -1.93 3.49
C ALA A 77 -33.39 -0.59 3.53
N VAL A 78 -34.17 0.47 3.71
CA VAL A 78 -33.61 1.82 3.82
C VAL A 78 -32.62 1.91 4.98
N LEU A 79 -32.99 1.37 6.14
CA LEU A 79 -32.13 1.40 7.31
C LEU A 79 -30.85 0.59 7.11
N ASP A 80 -30.97 -0.47 6.31
CA ASP A 80 -29.84 -1.34 6.01
C ASP A 80 -28.83 -0.63 5.10
N ALA A 81 -29.33 0.04 4.07
CA ALA A 81 -28.47 0.79 3.17
C ALA A 81 -27.81 1.95 3.91
N LEU A 82 -28.53 2.51 4.88
CA LEU A 82 -28.03 3.64 5.65
C LEU A 82 -27.21 3.20 6.86
N LYS A 83 -27.01 1.89 6.99
CA LYS A 83 -26.22 1.31 8.07
C LYS A 83 -26.71 1.77 9.44
N VAL A 84 -28.04 1.77 9.60
CA VAL A 84 -28.66 2.20 10.84
C VAL A 84 -29.08 1.00 11.68
N ASP A 85 -28.64 0.99 12.93
CA ASP A 85 -28.99 -0.07 13.86
C ASP A 85 -30.41 0.11 14.40
N ARG A 86 -30.62 1.17 15.18
CA ARG A 86 -31.94 1.48 15.72
C ARG A 86 -32.34 2.90 15.38
N ALA A 87 -33.63 3.18 15.34
CA ALA A 87 -34.10 4.51 14.95
C ALA A 87 -35.34 4.96 15.72
N VAL A 88 -35.54 6.27 15.76
CA VAL A 88 -36.77 6.87 16.25
C VAL A 88 -37.78 6.87 15.10
N PHE A 89 -38.96 6.31 15.33
CA PHE A 89 -39.93 6.21 14.25
C PHE A 89 -41.14 7.11 14.46
N VAL A 90 -41.34 8.01 13.49
CA VAL A 90 -42.47 8.92 13.49
C VAL A 90 -43.43 8.54 12.37
N GLY A 91 -44.56 7.94 12.75
CA GLY A 91 -45.51 7.45 11.78
C GLY A 91 -46.84 8.17 11.78
N ASN A 92 -47.31 8.52 10.59
CA ASN A 92 -48.58 9.21 10.42
C ASN A 92 -49.58 8.32 9.68
N SER A 93 -50.73 8.09 10.30
CA SER A 93 -51.75 7.17 9.77
C SER A 93 -51.16 5.80 9.47
N ILE A 94 -51.01 5.51 8.19
CA ILE A 94 -50.46 4.23 7.75
C ILE A 94 -48.99 4.13 8.14
N GLY A 95 -48.34 5.28 8.31
CA GLY A 95 -46.96 5.30 8.77
C GLY A 95 -46.87 4.77 10.18
N GLY A 96 -47.88 5.07 10.99
CA GLY A 96 -47.97 4.54 12.34
C GLY A 96 -48.13 3.03 12.31
N MET A 97 -48.95 2.56 11.38
CA MET A 97 -49.12 1.12 11.17
C MET A 97 -47.78 0.46 10.85
N ILE A 98 -47.04 1.08 9.92
CA ILE A 98 -45.74 0.58 9.50
C ILE A 98 -44.77 0.52 10.67
N ALA A 99 -44.77 1.57 11.48
CA ALA A 99 -43.90 1.63 12.66
C ALA A 99 -44.25 0.53 13.66
N MET A 100 -45.54 0.31 13.89
CA MET A 100 -45.98 -0.72 14.83
C MET A 100 -45.60 -2.12 14.35
N GLN A 101 -45.87 -2.39 13.08
CA GLN A 101 -45.46 -3.64 12.45
C GLN A 101 -43.96 -3.82 12.57
N LEU A 102 -43.22 -2.71 12.47
CA LEU A 102 -41.78 -2.74 12.59
C LEU A 102 -41.36 -3.09 14.02
N ASN A 103 -42.14 -2.64 15.00
CA ASN A 103 -41.90 -3.02 16.39
C ASN A 103 -42.17 -4.50 16.61
N LEU A 104 -43.13 -5.03 15.85
CA LEU A 104 -43.47 -6.44 15.93
C LEU A 104 -42.40 -7.35 15.33
N ASP A 105 -41.96 -7.03 14.12
CA ASP A 105 -41.03 -7.91 13.40
C ASP A 105 -39.57 -7.56 13.63
N HIS A 106 -39.28 -6.29 13.91
CA HIS A 106 -37.90 -5.87 14.13
C HIS A 106 -37.75 -4.99 15.37
N PRO A 107 -37.98 -5.56 16.56
CA PRO A 107 -37.86 -4.78 17.79
C PRO A 107 -36.41 -4.38 18.07
N GLN A 108 -35.48 -5.05 17.40
CA GLN A 108 -34.06 -4.83 17.59
C GLN A 108 -33.59 -3.53 16.92
N ARG A 109 -34.46 -2.91 16.14
CA ARG A 109 -34.10 -1.70 15.41
C ARG A 109 -34.94 -0.50 15.84
N VAL A 110 -35.48 -0.56 17.05
CA VAL A 110 -36.37 0.49 17.53
C VAL A 110 -35.81 1.21 18.76
N ILE A 111 -35.68 2.52 18.67
CA ILE A 111 -35.37 3.32 19.85
C ILE A 111 -36.67 3.71 20.53
N GLY A 112 -37.61 4.21 19.73
CA GLY A 112 -38.93 4.53 20.23
C GLY A 112 -39.85 4.98 19.12
N ASN A 113 -41.11 5.24 19.46
CA ASN A 113 -42.10 5.59 18.45
C ASN A 113 -42.90 6.85 18.79
N LEU A 114 -43.12 7.68 17.77
CA LEU A 114 -44.15 8.71 17.85
C LEU A 114 -45.23 8.35 16.84
N ILE A 115 -46.36 7.88 17.35
CA ILE A 115 -47.49 7.51 16.51
C ILE A 115 -48.45 8.68 16.39
N LEU A 116 -48.55 9.25 15.18
CA LEU A 116 -49.44 10.38 14.95
C LEU A 116 -50.68 9.99 14.16
N SER A 117 -51.84 10.13 14.79
CA SER A 117 -53.13 9.93 14.15
C SER A 117 -53.24 8.58 13.42
N SER A 118 -53.12 7.49 14.17
CA SER A 118 -53.20 6.16 13.56
C SER A 118 -54.13 5.26 14.34
N GLY A 119 -54.17 3.99 13.95
CA GLY A 119 -55.04 3.01 14.57
C GLY A 119 -54.83 1.63 13.97
N THR A 120 -55.65 0.66 14.39
CA THR A 120 -55.59 -0.68 13.84
C THR A 120 -57.00 -1.23 13.66
N GLY A 121 -57.16 -2.15 12.72
CA GLY A 121 -58.48 -2.63 12.34
C GLY A 121 -59.32 -1.46 11.87
N LEU A 122 -58.70 -0.61 11.05
CA LEU A 122 -59.31 0.65 10.62
C LEU A 122 -60.56 0.41 9.79
N GLY A 123 -60.51 -0.58 8.92
CA GLY A 123 -61.60 -0.87 8.00
C GLY A 123 -62.92 -1.17 8.66
N GLU A 124 -62.89 -1.92 9.76
CA GLU A 124 -64.13 -2.31 10.44
C GLU A 124 -64.68 -1.17 11.29
N GLY A 125 -63.83 -0.21 11.60
CA GLY A 125 -64.20 0.94 12.42
C GLY A 125 -64.86 2.06 11.63
N MET A 126 -64.70 2.02 10.30
CA MET A 126 -65.33 3.01 9.44
C MET A 126 -66.78 2.62 9.16
N PRO A 127 -67.64 3.63 8.93
CA PRO A 127 -69.04 3.35 8.60
C PRO A 127 -69.15 2.47 7.35
N PRO A 128 -69.97 1.42 7.41
CA PRO A 128 -70.12 0.44 6.32
C PRO A 128 -70.44 1.08 4.97
N GLU A 129 -71.17 2.18 4.97
CA GLU A 129 -71.57 2.84 3.73
C GLU A 129 -70.36 3.43 2.99
N ALA A 130 -69.36 3.84 3.76
CA ALA A 130 -68.20 4.54 3.21
C ALA A 130 -67.37 3.70 2.22
N GLY A 131 -67.27 2.40 2.50
CA GLY A 131 -66.58 1.49 1.58
C GLY A 131 -67.28 1.50 0.23
N ALA A 132 -68.61 1.41 0.29
CA ALA A 132 -69.44 1.51 -0.90
C ALA A 132 -69.26 2.86 -1.58
N ALA A 133 -68.99 3.90 -0.79
CA ALA A 133 -68.74 5.22 -1.35
C ALA A 133 -67.43 5.22 -2.15
N PHE A 134 -66.44 4.49 -1.65
CA PHE A 134 -65.16 4.38 -2.35
C PHE A 134 -65.28 3.49 -3.60
N GLN A 135 -66.22 2.55 -3.58
CA GLN A 135 -66.47 1.72 -4.75
C GLN A 135 -67.29 2.46 -5.80
N ASN A 136 -68.12 3.40 -5.35
CA ASN A 136 -69.06 4.10 -6.22
C ASN A 136 -68.42 5.34 -6.84
N ASP A 137 -67.77 6.14 -6.00
CA ASP A 137 -67.07 7.33 -6.45
C ASP A 137 -65.82 7.53 -5.63
N TYR A 138 -64.69 7.10 -6.18
CA TYR A 138 -63.42 7.11 -5.46
C TYR A 138 -63.00 8.51 -4.98
N ILE A 139 -62.83 9.42 -5.93
CA ILE A 139 -62.34 10.76 -5.65
C ILE A 139 -63.30 11.54 -4.74
N GLY A 140 -64.59 11.40 -5.00
CA GLY A 140 -65.61 12.05 -4.20
C GLY A 140 -65.60 11.57 -2.77
N ALA A 141 -65.62 10.24 -2.60
CA ALA A 141 -65.56 9.64 -1.26
C ALA A 141 -64.30 10.06 -0.52
N PHE A 142 -63.16 10.06 -1.21
CA PHE A 142 -61.89 10.44 -0.59
C PHE A 142 -61.92 11.90 -0.15
N GLY A 143 -62.48 12.77 -0.98
CA GLY A 143 -62.62 14.17 -0.62
C GLY A 143 -63.47 14.32 0.63
N GLY A 144 -64.61 13.65 0.63
CA GLY A 144 -65.48 13.63 1.79
C GLY A 144 -64.77 13.18 3.05
N LEU A 145 -63.91 12.18 2.92
CA LEU A 145 -63.12 11.70 4.05
C LEU A 145 -62.11 12.76 4.50
N LEU A 146 -61.56 13.49 3.54
CA LEU A 146 -60.53 14.47 3.83
C LEU A 146 -61.09 15.73 4.48
N GLU A 147 -62.38 15.98 4.30
CA GLU A 147 -63.01 17.10 5.00
C GLU A 147 -63.11 16.85 6.51
N GLY A 148 -62.85 15.62 6.93
CA GLY A 148 -62.86 15.28 8.34
C GLY A 148 -61.45 15.07 8.87
N ALA A 149 -60.45 15.39 8.05
CA ALA A 149 -59.06 15.17 8.39
C ALA A 149 -58.39 16.43 8.94
N VAL A 150 -59.04 17.57 8.77
CA VAL A 150 -58.49 18.82 9.28
C VAL A 150 -59.49 19.52 10.19
N SER A 151 -58.98 20.24 11.18
CA SER A 151 -59.83 20.95 12.12
C SER A 151 -60.47 22.16 11.47
N ALA A 152 -61.50 22.70 12.12
CA ALA A 152 -62.17 23.89 11.64
C ALA A 152 -61.22 25.08 11.62
N ARG A 153 -60.41 25.17 12.66
CA ARG A 153 -59.40 26.22 12.78
C ARG A 153 -58.39 26.13 11.64
N SER A 154 -58.03 24.91 11.27
CA SER A 154 -57.13 24.68 10.15
C SER A 154 -57.80 25.03 8.83
N LYS A 155 -59.09 24.73 8.71
CA LYS A 155 -59.85 25.10 7.53
C LYS A 155 -59.93 26.61 7.38
N ARG A 156 -59.88 27.31 8.52
CA ARG A 156 -59.94 28.76 8.54
C ARG A 156 -58.59 29.37 8.17
N GLU A 157 -57.54 28.99 8.89
CA GLU A 157 -56.25 29.65 8.76
C GLU A 157 -55.32 29.00 7.74
N ARG A 158 -55.46 27.69 7.51
CA ARG A 158 -54.59 26.99 6.56
C ARG A 158 -55.36 26.08 5.61
N PRO A 159 -56.09 26.66 4.64
CA PRO A 159 -56.84 25.88 3.65
C PRO A 159 -55.94 25.12 2.68
N GLU A 160 -54.69 25.58 2.57
CA GLU A 160 -53.71 24.97 1.68
C GLU A 160 -53.42 23.51 2.04
N ILE A 161 -53.67 23.15 3.29
CA ILE A 161 -53.47 21.78 3.75
C ILE A 161 -54.47 20.83 3.10
N LEU A 162 -55.76 21.12 3.27
CA LEU A 162 -56.80 20.32 2.64
C LEU A 162 -56.66 20.35 1.13
N ALA A 163 -56.22 21.50 0.60
CA ALA A 163 -55.94 21.62 -0.82
C ALA A 163 -54.89 20.61 -1.30
N VAL A 164 -53.72 20.62 -0.66
CA VAL A 164 -52.62 19.77 -1.08
C VAL A 164 -52.94 18.30 -0.84
N MET A 165 -53.75 18.02 0.18
CA MET A 165 -54.10 16.63 0.47
C MET A 165 -55.11 16.10 -0.53
N LYS A 166 -56.02 16.97 -0.97
CA LYS A 166 -56.95 16.61 -2.02
C LYS A 166 -56.22 16.45 -3.34
N ALA A 167 -55.12 17.18 -3.48
CA ALA A 167 -54.29 17.09 -4.67
C ALA A 167 -53.48 15.80 -4.70
N HIS A 168 -53.07 15.33 -3.54
CA HIS A 168 -52.21 14.15 -3.43
C HIS A 168 -52.79 12.89 -4.11
N PHE A 169 -54.08 12.62 -3.90
CA PHE A 169 -54.67 11.41 -4.44
C PHE A 169 -55.28 11.63 -5.82
N SER A 170 -55.29 12.86 -6.29
CA SER A 170 -55.83 13.18 -7.61
C SER A 170 -54.72 13.20 -8.65
N VAL A 171 -53.48 13.09 -8.19
CA VAL A 171 -52.34 13.04 -9.10
C VAL A 171 -51.81 11.62 -9.22
N PRO A 172 -52.06 10.98 -10.37
CA PRO A 172 -51.65 9.59 -10.63
C PRO A 172 -50.14 9.41 -10.54
N SER A 173 -49.40 10.48 -10.79
CA SER A 173 -47.95 10.46 -10.72
C SER A 173 -47.47 10.24 -9.29
N ASN A 174 -48.27 10.72 -8.33
CA ASN A 174 -47.94 10.57 -6.92
C ASN A 174 -48.63 9.37 -6.30
N PHE A 175 -49.91 9.21 -6.63
CA PHE A 175 -50.72 8.15 -6.05
C PHE A 175 -51.71 7.63 -7.09
N PRO A 176 -51.31 6.60 -7.84
CA PRO A 176 -52.19 6.04 -8.87
C PRO A 176 -53.32 5.21 -8.26
N LYS A 177 -54.36 4.97 -9.04
CA LYS A 177 -55.57 4.31 -8.54
C LYS A 177 -55.35 2.85 -8.18
N HIS A 178 -54.47 2.19 -8.93
CA HIS A 178 -54.22 0.77 -8.73
C HIS A 178 -53.52 0.50 -7.40
N VAL A 179 -52.79 1.49 -6.90
CA VAL A 179 -52.16 1.36 -5.60
C VAL A 179 -53.21 1.39 -4.50
N PHE A 180 -54.18 2.28 -4.65
CA PHE A 180 -55.31 2.33 -3.72
C PHE A 180 -56.05 0.99 -3.74
N ASP A 181 -56.42 0.55 -4.94
CA ASP A 181 -57.15 -0.70 -5.10
C ASP A 181 -56.39 -1.90 -4.51
N ALA A 182 -55.10 -1.97 -4.78
CA ALA A 182 -54.27 -3.07 -4.30
C ALA A 182 -54.13 -3.05 -2.78
N ALA A 183 -53.93 -1.86 -2.22
CA ALA A 183 -53.80 -1.71 -0.77
C ALA A 183 -55.10 -2.09 -0.06
N THR A 184 -56.22 -1.68 -0.64
CA THR A 184 -57.53 -2.02 -0.08
C THR A 184 -57.81 -3.52 -0.20
N ALA A 185 -57.28 -4.13 -1.25
CA ALA A 185 -57.54 -5.54 -1.54
C ALA A 185 -56.69 -6.48 -0.70
N ASP A 186 -55.54 -5.99 -0.24
CA ASP A 186 -54.64 -6.81 0.58
C ASP A 186 -55.27 -7.07 1.95
N PRO A 187 -55.32 -8.35 2.35
CA PRO A 187 -55.88 -8.74 3.66
C PRO A 187 -55.09 -8.16 4.84
N ASN A 188 -53.94 -7.57 4.56
CA ASN A 188 -53.18 -6.86 5.57
C ASN A 188 -52.78 -5.47 5.05
N GLY A 189 -53.64 -4.90 4.22
CA GLY A 189 -53.43 -3.57 3.70
C GLY A 189 -53.83 -2.52 4.72
N VAL A 190 -53.88 -1.26 4.29
CA VAL A 190 -54.13 -0.15 5.21
C VAL A 190 -55.46 -0.27 5.95
N PHE A 191 -56.45 -0.88 5.32
CA PHE A 191 -57.77 -1.00 5.92
C PHE A 191 -57.95 -2.30 6.71
N ALA A 192 -57.28 -3.35 6.28
CA ALA A 192 -57.52 -4.68 6.83
C ALA A 192 -56.51 -5.06 7.92
N TRP A 193 -55.37 -4.39 7.94
CA TRP A 193 -54.32 -4.64 8.92
C TRP A 193 -54.85 -4.50 10.34
N ASN A 194 -54.71 -5.55 11.14
CA ASN A 194 -55.28 -5.58 12.48
C ASN A 194 -54.40 -6.32 13.48
N ILE A 195 -53.88 -5.60 14.47
CA ILE A 195 -53.03 -6.19 15.48
C ILE A 195 -53.52 -5.86 16.89
N LYS A 196 -54.84 -5.80 17.06
CA LYS A 196 -55.45 -5.50 18.36
C LYS A 196 -54.94 -6.42 19.47
N ASP A 197 -54.78 -7.69 19.16
CA ASP A 197 -54.38 -8.69 20.15
C ASP A 197 -52.87 -8.67 20.41
N ARG A 198 -52.13 -8.05 19.51
CA ARG A 198 -50.67 -8.09 19.57
C ARG A 198 -50.07 -6.76 20.01
N LEU A 199 -50.92 -5.80 20.35
CA LEU A 199 -50.45 -4.47 20.74
C LEU A 199 -49.64 -4.49 22.02
N SER A 200 -50.01 -5.37 22.95
CA SER A 200 -49.36 -5.44 24.25
C SER A 200 -47.97 -6.06 24.17
N SER A 201 -47.62 -6.57 22.99
CA SER A 201 -46.27 -7.08 22.75
C SER A 201 -45.32 -5.96 22.37
N ILE A 202 -45.88 -4.83 21.92
CA ILE A 202 -45.08 -3.63 21.69
C ILE A 202 -44.67 -3.04 23.03
N GLN A 203 -43.38 -3.02 23.32
CA GLN A 203 -42.92 -2.57 24.64
C GLN A 203 -42.07 -1.32 24.58
N ALA A 204 -41.60 -0.98 23.38
CA ALA A 204 -40.74 0.17 23.18
C ALA A 204 -41.45 1.46 23.60
N PRO A 205 -40.68 2.48 23.99
CA PRO A 205 -41.25 3.79 24.35
C PRO A 205 -42.10 4.36 23.23
N THR A 206 -43.39 4.57 23.52
CA THR A 206 -44.33 4.99 22.49
C THR A 206 -45.13 6.22 22.91
N LEU A 207 -45.09 7.26 22.08
CA LEU A 207 -45.92 8.44 22.27
C LEU A 207 -46.98 8.51 21.19
N VAL A 208 -48.23 8.27 21.55
CA VAL A 208 -49.33 8.33 20.60
C VAL A 208 -49.95 9.73 20.63
N VAL A 209 -50.07 10.34 19.46
CA VAL A 209 -50.56 11.72 19.36
C VAL A 209 -51.81 11.78 18.48
N ALA A 210 -52.88 12.35 19.03
CA ALA A 210 -54.15 12.39 18.33
C ALA A 210 -54.72 13.81 18.28
N GLY A 211 -55.32 14.15 17.14
CA GLY A 211 -56.03 15.42 17.01
C GLY A 211 -57.44 15.27 17.50
N GLU A 212 -57.93 16.30 18.20
CA GLU A 212 -59.27 16.26 18.77
C GLU A 212 -60.36 16.18 17.71
N GLU A 213 -60.15 16.87 16.59
CA GLU A 213 -61.16 16.93 15.54
C GLU A 213 -60.92 15.95 14.40
N ASP A 214 -59.99 15.03 14.59
CA ASP A 214 -59.71 14.02 13.57
C ASP A 214 -60.86 13.01 13.49
N LEU A 215 -61.47 12.92 12.31
CA LEU A 215 -62.58 12.01 12.07
C LEU A 215 -62.15 10.85 11.18
N VAL A 216 -61.04 11.04 10.47
CA VAL A 216 -60.40 9.98 9.69
C VAL A 216 -59.82 8.93 10.63
N THR A 217 -59.10 9.40 11.65
CA THR A 217 -58.63 8.57 12.75
C THR A 217 -59.17 9.19 14.04
N THR A 218 -60.20 8.56 14.60
CA THR A 218 -60.90 9.11 15.76
C THR A 218 -60.04 9.04 17.02
N VAL A 219 -60.40 9.83 18.02
CA VAL A 219 -59.66 9.84 19.27
C VAL A 219 -59.70 8.46 19.90
N ALA A 220 -60.83 7.78 19.76
CA ALA A 220 -60.99 6.41 20.25
C ALA A 220 -59.98 5.47 19.59
N ASN A 221 -59.75 5.66 18.28
CA ASN A 221 -58.82 4.82 17.54
C ASN A 221 -57.40 4.92 18.07
N ASN A 222 -56.94 6.13 18.36
CA ASN A 222 -55.62 6.32 18.95
C ASN A 222 -55.58 5.84 20.39
N GLN A 223 -56.71 5.98 21.08
CA GLN A 223 -56.81 5.56 22.47
C GLN A 223 -56.63 4.05 22.57
N LEU A 224 -57.16 3.32 21.60
CA LEU A 224 -56.99 1.87 21.56
C LEU A 224 -55.51 1.51 21.47
N LEU A 225 -54.76 2.34 20.76
CA LEU A 225 -53.32 2.16 20.62
C LEU A 225 -52.59 2.47 21.93
N ALA A 226 -52.88 3.63 22.49
CA ALA A 226 -52.18 4.10 23.68
C ALA A 226 -52.46 3.24 24.91
N ASP A 227 -53.69 2.74 25.01
CA ASP A 227 -54.12 2.01 26.20
C ASP A 227 -53.55 0.59 26.26
N ASN A 228 -53.27 0.00 25.11
CA ASN A 228 -52.84 -1.39 25.06
C ASN A 228 -51.33 -1.57 24.86
N ILE A 229 -50.64 -0.50 24.50
CA ILE A 229 -49.19 -0.51 24.47
C ILE A 229 -48.66 -0.11 25.86
N PRO A 230 -47.96 -1.03 26.53
CA PRO A 230 -47.42 -0.81 27.87
C PRO A 230 -46.55 0.45 27.98
N GLY A 231 -46.95 1.35 28.88
CA GLY A 231 -46.17 2.54 29.15
C GLY A 231 -46.31 3.63 28.11
N ALA A 232 -47.28 3.47 27.21
CA ALA A 232 -47.52 4.44 26.16
C ALA A 232 -48.20 5.69 26.71
N GLU A 233 -47.85 6.84 26.15
CA GLU A 233 -48.50 8.10 26.51
C GLU A 233 -49.35 8.60 25.35
N LEU A 234 -50.52 9.15 25.68
CA LEU A 234 -51.39 9.73 24.68
C LEU A 234 -51.53 11.23 24.88
N ARG A 235 -51.41 11.97 23.78
CA ARG A 235 -51.65 13.41 23.79
C ARG A 235 -52.75 13.74 22.80
N VAL A 236 -53.92 14.11 23.31
CA VAL A 236 -55.02 14.53 22.46
C VAL A 236 -54.89 16.02 22.17
N ILE A 237 -54.64 16.40 20.93
CA ILE A 237 -54.31 17.77 20.61
C ILE A 237 -55.54 18.60 20.22
N ASN A 238 -55.77 19.70 20.94
CA ASN A 238 -56.88 20.62 20.66
C ASN A 238 -56.70 21.35 19.32
N ASP A 239 -57.81 21.50 18.58
CA ASP A 239 -57.86 22.27 17.33
C ASP A 239 -57.01 21.65 16.20
N VAL A 240 -56.86 20.33 16.21
CA VAL A 240 -56.06 19.64 15.18
C VAL A 240 -56.80 18.42 14.63
N GLY A 241 -56.61 18.10 13.36
CA GLY A 241 -57.19 16.91 12.78
C GLY A 241 -56.16 15.81 12.56
N HIS A 242 -55.95 15.44 11.29
CA HIS A 242 -55.10 14.29 10.95
C HIS A 242 -53.64 14.66 10.78
N PHE A 243 -53.36 15.95 10.56
CA PHE A 243 -52.02 16.36 10.19
C PHE A 243 -51.44 17.40 11.15
N TYR A 244 -51.13 16.97 12.36
CA TYR A 244 -50.53 17.83 13.37
C TYR A 244 -49.23 18.47 12.89
N GLN A 245 -48.47 17.73 12.09
CA GLN A 245 -47.16 18.22 11.64
C GLN A 245 -47.31 19.35 10.62
N LEU A 246 -48.51 19.50 10.07
CA LEU A 246 -48.77 20.58 9.11
C LEU A 246 -49.68 21.65 9.70
N GLU A 247 -50.63 21.24 10.54
CA GLU A 247 -51.60 22.16 11.12
C GLU A 247 -50.96 23.07 12.16
N ARG A 248 -50.14 22.49 13.04
CA ARG A 248 -49.37 23.27 14.01
C ARG A 248 -47.94 22.74 14.09
N PRO A 249 -47.14 22.97 13.04
CA PRO A 249 -45.82 22.36 12.84
C PRO A 249 -44.84 22.55 14.00
N SER A 250 -44.70 23.78 14.49
CA SER A 250 -43.74 24.08 15.56
C SER A 250 -44.07 23.34 16.86
N GLU A 251 -45.36 23.24 17.18
CA GLU A 251 -45.78 22.53 18.38
C GLU A 251 -45.52 21.04 18.27
N PHE A 252 -45.77 20.48 17.10
CA PHE A 252 -45.42 19.09 16.83
C PHE A 252 -43.91 18.90 17.00
N ASN A 253 -43.15 19.90 16.53
CA ASN A 253 -41.70 19.87 16.65
C ASN A 253 -41.23 19.87 18.10
N GLU A 254 -41.95 20.60 18.95
CA GLU A 254 -41.65 20.63 20.38
C GLU A 254 -41.99 19.30 21.03
N LEU A 255 -43.12 18.73 20.63
CA LEU A 255 -43.56 17.44 21.16
C LEU A 255 -42.56 16.34 20.80
N LEU A 256 -42.07 16.36 19.56
CA LEU A 256 -41.09 15.38 19.10
C LEU A 256 -39.73 15.65 19.73
N ARG A 257 -39.46 16.92 20.02
CA ARG A 257 -38.24 17.30 20.74
C ARG A 257 -38.26 16.74 22.16
N GLY A 258 -39.46 16.45 22.65
CA GLY A 258 -39.63 15.90 23.97
C GLY A 258 -39.17 14.46 24.07
N PHE A 259 -39.18 13.77 22.95
CA PHE A 259 -38.68 12.40 22.88
C PHE A 259 -37.18 12.39 22.64
N VAL A 260 -36.40 12.47 23.71
CA VAL A 260 -34.95 12.53 23.57
C VAL A 260 -34.21 11.59 24.52
N ALA A 261 -34.58 11.61 25.80
CA ALA A 261 -33.84 10.88 26.83
C ALA A 261 -33.83 9.38 26.57
N PRO B 2 15.45 22.75 19.45
CA PRO B 2 15.68 21.96 20.66
C PRO B 2 14.74 20.74 20.73
N HIS B 3 14.74 20.06 21.86
CA HIS B 3 13.95 18.84 22.02
C HIS B 3 13.16 18.86 23.33
N VAL B 4 11.95 18.31 23.28
CA VAL B 4 11.17 18.11 24.50
C VAL B 4 10.89 16.63 24.70
N GLU B 5 10.60 16.22 25.91
CA GLU B 5 10.25 14.83 26.16
C GLU B 5 8.77 14.70 26.50
N ASN B 6 8.07 13.87 25.74
CA ASN B 6 6.70 13.51 26.08
C ASN B 6 6.57 12.00 26.23
N ASP B 7 6.23 11.57 27.43
CA ASP B 7 6.06 10.15 27.74
C ASP B 7 7.29 9.33 27.36
N GLY B 8 8.47 9.94 27.51
CA GLY B 8 9.72 9.25 27.24
C GLY B 8 10.20 9.38 25.80
N VAL B 9 9.44 10.09 24.99
CA VAL B 9 9.77 10.25 23.57
C VAL B 9 10.23 11.67 23.25
N LYS B 10 11.40 11.80 22.66
CA LYS B 10 11.93 13.12 22.31
C LYS B 10 11.30 13.64 21.02
N ILE B 11 10.66 14.80 21.15
CA ILE B 11 10.05 15.52 20.04
C ILE B 11 10.90 16.73 19.73
N TYR B 12 11.38 16.82 18.48
CA TYR B 12 12.18 17.97 18.08
C TYR B 12 11.30 19.11 17.61
N TYR B 13 11.73 20.33 17.89
CA TYR B 13 11.05 21.51 17.39
C TYR B 13 12.02 22.68 17.21
N ASP B 14 11.67 23.58 16.30
CA ASP B 14 12.39 24.84 16.13
C ASP B 14 11.48 25.99 16.52
N SER B 15 12.07 27.06 17.06
CA SER B 15 11.30 28.22 17.48
C SER B 15 11.93 29.52 17.01
N TYR B 16 11.20 30.27 16.21
CA TYR B 16 11.68 31.56 15.72
C TYR B 16 10.62 32.65 15.88
N GLY B 17 11.05 33.90 15.92
CA GLY B 17 10.14 35.03 15.89
C GLY B 17 9.43 35.39 17.18
N GLU B 18 8.59 36.43 17.10
CA GLU B 18 7.88 36.98 18.26
C GLU B 18 6.44 37.36 17.89
N GLY B 19 5.53 37.22 18.86
CA GLY B 19 4.16 37.65 18.66
C GLY B 19 3.12 36.54 18.82
N VAL B 20 2.07 36.60 17.99
CA VAL B 20 1.04 35.58 17.99
C VAL B 20 1.62 34.27 17.46
N PRO B 21 1.59 33.21 18.28
CA PRO B 21 2.21 31.94 17.91
C PRO B 21 1.52 31.25 16.73
N ILE B 22 2.32 30.75 15.79
CA ILE B 22 1.83 29.90 14.73
C ILE B 22 2.56 28.56 14.75
N VAL B 23 1.81 27.47 14.88
CA VAL B 23 2.39 26.14 14.96
C VAL B 23 2.26 25.40 13.62
N PHE B 24 3.40 25.08 13.01
CA PHE B 24 3.40 24.38 11.73
C PHE B 24 3.57 22.88 11.93
N LEU B 25 2.64 22.11 11.36
CA LEU B 25 2.64 20.66 11.49
C LEU B 25 2.75 20.00 10.13
N HIS B 26 3.88 19.33 9.89
CA HIS B 26 4.20 18.76 8.59
C HIS B 26 3.36 17.52 8.27
N PRO B 27 3.25 17.18 6.96
CA PRO B 27 2.54 15.97 6.55
C PRO B 27 3.28 14.67 6.85
N PHE B 28 2.60 13.56 6.62
CA PHE B 28 3.12 12.22 6.89
C PHE B 28 4.39 11.94 6.07
N SER B 29 5.34 11.26 6.71
CA SER B 29 6.62 10.83 6.11
C SER B 29 7.64 11.95 5.91
N THR B 30 7.25 13.19 6.19
CA THR B 30 8.17 14.32 6.03
C THR B 30 8.67 14.83 7.38
N ASN B 31 9.12 16.09 7.40
CA ASN B 31 9.52 16.74 8.64
C ASN B 31 9.35 18.27 8.55
N GLY B 32 9.81 18.96 9.58
CA GLY B 32 9.57 20.39 9.71
C GLY B 32 10.17 21.27 8.64
N GLY B 33 11.29 20.84 8.06
CA GLY B 33 11.97 21.57 7.01
C GLY B 33 11.07 21.96 5.85
N ILE B 34 10.02 21.17 5.64
CA ILE B 34 9.04 21.44 4.59
C ILE B 34 8.41 22.83 4.69
N TRP B 35 8.51 23.47 5.86
CA TRP B 35 7.94 24.79 6.06
C TRP B 35 8.95 25.92 5.85
N TYR B 36 10.05 25.62 5.15
CA TYR B 36 11.14 26.57 4.98
C TYR B 36 10.72 27.95 4.47
N PHE B 37 9.80 27.99 3.51
CA PHE B 37 9.40 29.26 2.91
C PHE B 37 8.36 30.00 3.75
N GLN B 38 7.80 29.31 4.74
CA GLN B 38 6.79 29.92 5.60
C GLN B 38 7.40 30.35 6.93
N THR B 39 8.28 29.50 7.45
CA THR B 39 8.85 29.66 8.78
C THR B 39 9.46 31.03 9.05
N PHE B 40 10.32 31.49 8.15
CA PHE B 40 11.08 32.72 8.41
C PHE B 40 10.38 34.02 7.98
N PRO B 41 9.64 34.01 6.84
CA PRO B 41 8.85 35.22 6.58
C PRO B 41 7.81 35.49 7.67
N PHE B 42 7.21 34.43 8.21
CA PHE B 42 6.21 34.58 9.26
C PHE B 42 6.86 34.76 10.62
N ALA B 43 8.16 34.52 10.70
CA ALA B 43 8.91 34.79 11.92
C ALA B 43 9.14 36.29 12.05
N GLN B 44 8.93 37.02 10.96
CA GLN B 44 9.01 38.46 10.97
C GLN B 44 7.83 39.08 11.71
N THR B 45 6.70 38.37 11.68
CA THR B 45 5.46 38.90 12.22
C THR B 45 4.88 38.07 13.35
N ASN B 46 5.31 36.80 13.46
CA ASN B 46 4.73 35.90 14.43
C ASN B 46 5.74 35.04 15.16
N HIS B 47 5.28 34.35 16.20
CA HIS B 47 6.11 33.35 16.88
C HIS B 47 5.93 31.99 16.23
N VAL B 48 6.76 31.72 15.24
CA VAL B 48 6.71 30.47 14.49
C VAL B 48 7.34 29.30 15.23
N ILE B 49 6.57 28.23 15.39
CA ILE B 49 7.01 27.01 16.04
C ILE B 49 6.85 25.82 15.09
N VAL B 50 7.94 25.16 14.76
CA VAL B 50 7.91 24.08 13.77
C VAL B 50 8.30 22.74 14.39
N ILE B 51 7.38 21.78 14.38
CA ILE B 51 7.60 20.52 15.09
C ILE B 51 7.81 19.32 14.18
N ASP B 52 8.78 18.49 14.52
CA ASP B 52 8.95 17.17 13.92
C ASP B 52 8.10 16.16 14.70
N HIS B 53 7.13 15.57 14.02
CA HIS B 53 6.30 14.52 14.63
C HIS B 53 7.16 13.35 15.07
N ARG B 54 6.70 12.60 16.06
CA ARG B 54 7.41 11.40 16.48
C ARG B 54 7.44 10.42 15.32
N GLY B 55 8.60 9.79 15.11
CA GLY B 55 8.77 8.90 13.99
C GLY B 55 9.25 9.62 12.74
N HIS B 56 9.43 10.94 12.85
CA HIS B 56 9.81 11.76 11.72
C HIS B 56 11.04 12.62 12.00
N GLY B 57 11.90 12.75 10.99
CA GLY B 57 13.05 13.64 11.03
C GLY B 57 13.97 13.49 12.23
N ARG B 58 13.98 14.51 13.08
CA ARG B 58 14.93 14.58 14.19
C ARG B 58 14.30 14.10 15.50
N SER B 59 13.03 13.75 15.46
CA SER B 59 12.33 13.27 16.65
C SER B 59 12.59 11.78 16.89
N ASP B 60 12.35 11.34 18.12
CA ASP B 60 12.49 9.93 18.46
C ASP B 60 11.45 9.10 17.71
N LYS B 61 11.79 7.83 17.47
CA LYS B 61 10.94 6.96 16.65
C LYS B 61 10.68 5.62 17.34
N PRO B 62 9.79 5.62 18.35
CA PRO B 62 9.47 4.41 19.10
C PRO B 62 8.76 3.37 18.25
N ALA B 63 8.65 2.15 18.77
CA ALA B 63 8.05 1.05 18.02
C ALA B 63 6.54 1.21 17.91
N THR B 64 5.92 1.86 18.90
CA THR B 64 4.47 2.05 18.92
C THR B 64 4.09 3.42 19.49
N GLY B 65 2.79 3.72 19.47
CA GLY B 65 2.27 4.95 20.04
C GLY B 65 2.05 6.06 19.02
N TYR B 66 1.43 5.71 17.89
CA TYR B 66 1.20 6.69 16.84
C TYR B 66 -0.29 6.91 16.54
N SER B 67 -1.09 7.04 17.59
CA SER B 67 -2.45 7.52 17.41
C SER B 67 -2.38 9.04 17.35
N ILE B 68 -3.36 9.66 16.71
CA ILE B 68 -3.35 11.11 16.51
C ILE B 68 -3.35 11.87 17.83
N MET B 69 -3.97 11.27 18.84
CA MET B 69 -4.08 11.90 20.16
C MET B 69 -2.71 12.08 20.80
N GLU B 70 -1.86 11.07 20.65
CA GLU B 70 -0.51 11.09 21.20
C GLU B 70 0.35 12.13 20.48
N HIS B 71 0.15 12.25 19.17
CA HIS B 71 0.76 13.30 18.37
C HIS B 71 0.39 14.67 18.92
N ALA B 72 -0.92 14.85 19.12
CA ALA B 72 -1.45 16.09 19.68
C ALA B 72 -0.79 16.40 21.01
N ASP B 73 -0.67 15.39 21.87
CA ASP B 73 -0.04 15.58 23.18
C ASP B 73 1.44 15.93 23.06
N ASP B 74 2.10 15.44 22.02
CA ASP B 74 3.47 15.87 21.72
C ASP B 74 3.46 17.36 21.43
N VAL B 75 2.48 17.80 20.63
CA VAL B 75 2.33 19.21 20.34
C VAL B 75 2.13 20.05 21.61
N VAL B 76 1.19 19.67 22.49
CA VAL B 76 0.97 20.47 23.70
C VAL B 76 2.17 20.39 24.64
N ALA B 77 2.95 19.32 24.54
CA ALA B 77 4.18 19.22 25.32
C ALA B 77 5.15 20.30 24.88
N VAL B 78 5.35 20.39 23.57
CA VAL B 78 6.14 21.46 22.99
C VAL B 78 5.62 22.83 23.44
N LEU B 79 4.31 23.02 23.39
CA LEU B 79 3.70 24.29 23.77
C LEU B 79 3.92 24.62 25.24
N ASP B 80 3.95 23.59 26.08
CA ASP B 80 4.15 23.77 27.51
C ASP B 80 5.57 24.17 27.82
N ALA B 81 6.52 23.52 27.17
CA ALA B 81 7.93 23.88 27.36
C ALA B 81 8.21 25.31 26.91
N LEU B 82 7.49 25.76 25.89
CA LEU B 82 7.66 27.11 25.36
C LEU B 82 6.75 28.11 26.05
N LYS B 83 6.06 27.66 27.10
CA LYS B 83 5.12 28.50 27.85
C LYS B 83 4.13 29.21 26.92
N VAL B 84 3.66 28.50 25.90
CA VAL B 84 2.74 29.09 24.93
C VAL B 84 1.29 28.73 25.29
N ASP B 85 0.44 29.75 25.41
CA ASP B 85 -0.93 29.55 25.85
C ASP B 85 -1.89 29.28 24.69
N ARG B 86 -1.86 30.14 23.68
CA ARG B 86 -2.73 29.96 22.52
C ARG B 86 -1.93 30.09 21.22
N ALA B 87 -2.38 29.42 20.18
CA ALA B 87 -1.70 29.47 18.89
C ALA B 87 -2.61 29.20 17.71
N VAL B 88 -2.23 29.72 16.55
CA VAL B 88 -2.87 29.42 15.28
C VAL B 88 -2.23 28.16 14.70
N PHE B 89 -3.03 27.19 14.26
CA PHE B 89 -2.46 25.94 13.80
C PHE B 89 -2.54 25.74 12.29
N VAL B 90 -1.38 25.44 11.69
CA VAL B 90 -1.30 25.15 10.27
C VAL B 90 -0.89 23.69 10.06
N GLY B 91 -1.85 22.84 9.70
CA GLY B 91 -1.60 21.43 9.58
C GLY B 91 -1.76 20.87 8.17
N ASN B 92 -0.78 20.07 7.75
CA ASN B 92 -0.81 19.44 6.44
C ASN B 92 -0.96 17.92 6.58
N SER B 93 -1.97 17.38 5.89
CA SER B 93 -2.30 15.95 5.98
C SER B 93 -2.49 15.51 7.42
N ILE B 94 -1.51 14.78 7.94
CA ILE B 94 -1.56 14.30 9.30
C ILE B 94 -1.51 15.49 10.27
N GLY B 95 -0.89 16.57 9.84
CA GLY B 95 -0.82 17.79 10.64
C GLY B 95 -2.20 18.36 10.88
N GLY B 96 -3.05 18.29 9.86
CA GLY B 96 -4.43 18.72 9.98
C GLY B 96 -5.21 17.84 10.95
N MET B 97 -4.98 16.54 10.87
CA MET B 97 -5.61 15.60 11.79
C MET B 97 -5.21 15.91 13.23
N ILE B 98 -3.91 16.10 13.43
CA ILE B 98 -3.36 16.43 14.75
C ILE B 98 -3.96 17.73 15.27
N ALA B 99 -4.05 18.72 14.39
CA ALA B 99 -4.60 20.02 14.76
C ALA B 99 -6.06 19.94 15.16
N MET B 100 -6.85 19.20 14.39
CA MET B 100 -8.27 19.03 14.69
C MET B 100 -8.47 18.26 16.01
N GLN B 101 -7.67 17.21 16.21
CA GLN B 101 -7.70 16.48 17.47
C GLN B 101 -7.37 17.41 18.63
N LEU B 102 -6.41 18.30 18.41
CA LEU B 102 -6.00 19.28 19.42
C LEU B 102 -7.14 20.26 19.71
N ASN B 103 -7.92 20.56 18.67
CA ASN B 103 -9.12 21.37 18.85
C ASN B 103 -10.13 20.67 19.73
N LEU B 104 -10.26 19.36 19.54
CA LEU B 104 -11.19 18.58 20.35
C LEU B 104 -10.78 18.45 21.82
N ASP B 105 -9.51 18.21 22.07
CA ASP B 105 -9.07 17.96 23.45
C ASP B 105 -8.67 19.23 24.20
N HIS B 106 -8.16 20.22 23.48
CA HIS B 106 -7.73 21.46 24.12
C HIS B 106 -8.16 22.70 23.31
N PRO B 107 -9.47 22.97 23.27
CA PRO B 107 -10.02 24.07 22.47
C PRO B 107 -9.57 25.45 22.94
N GLN B 108 -9.15 25.54 24.20
CA GLN B 108 -8.71 26.81 24.77
C GLN B 108 -7.27 27.12 24.40
N ARG B 109 -6.67 26.22 23.63
CA ARG B 109 -5.30 26.39 23.18
C ARG B 109 -5.26 26.78 21.71
N VAL B 110 -6.42 27.02 21.13
CA VAL B 110 -6.52 27.30 19.70
C VAL B 110 -7.07 28.70 19.38
N ILE B 111 -6.31 29.46 18.62
CA ILE B 111 -6.76 30.77 18.14
C ILE B 111 -7.58 30.59 16.85
N GLY B 112 -7.02 29.83 15.92
CA GLY B 112 -7.65 29.54 14.65
C GLY B 112 -6.89 28.46 13.92
N ASN B 113 -7.46 27.94 12.84
CA ASN B 113 -6.84 26.82 12.13
C ASN B 113 -6.74 27.01 10.62
N LEU B 114 -5.59 26.62 10.07
CA LEU B 114 -5.46 26.43 8.63
C LEU B 114 -5.20 24.95 8.38
N ILE B 115 -6.23 24.23 7.95
CA ILE B 115 -6.06 22.82 7.60
C ILE B 115 -5.76 22.70 6.11
N LEU B 116 -4.57 22.21 5.80
CA LEU B 116 -4.13 22.06 4.41
C LEU B 116 -4.10 20.61 3.98
N SER B 117 -4.95 20.27 3.00
CA SER B 117 -4.95 18.95 2.39
C SER B 117 -5.06 17.82 3.40
N SER B 118 -6.16 17.77 4.13
CA SER B 118 -6.36 16.72 5.12
C SER B 118 -7.77 16.14 5.02
N GLY B 119 -8.12 15.30 5.98
CA GLY B 119 -9.41 14.63 5.98
C GLY B 119 -9.54 13.76 7.21
N THR B 120 -10.61 12.98 7.26
CA THR B 120 -10.82 12.06 8.38
C THR B 120 -11.46 10.77 7.88
N GLY B 121 -11.11 9.65 8.50
CA GLY B 121 -11.56 8.35 8.05
C GLY B 121 -11.00 8.04 6.67
N LEU B 122 -9.72 8.37 6.47
CA LEU B 122 -9.09 8.22 5.17
C LEU B 122 -8.93 6.77 4.74
N GLY B 123 -8.63 5.89 5.69
CA GLY B 123 -8.39 4.50 5.41
C GLY B 123 -9.55 3.80 4.72
N GLU B 124 -10.77 4.18 5.09
CA GLU B 124 -11.96 3.56 4.52
C GLU B 124 -12.22 4.04 3.09
N GLY B 125 -11.55 5.13 2.71
CA GLY B 125 -11.67 5.65 1.36
C GLY B 125 -10.69 4.97 0.42
N MET B 126 -9.73 4.24 0.99
CA MET B 126 -8.72 3.57 0.19
C MET B 126 -9.17 2.19 -0.26
N PRO B 127 -8.62 1.70 -1.38
CA PRO B 127 -8.90 0.34 -1.85
C PRO B 127 -8.44 -0.69 -0.81
N PRO B 128 -9.24 -1.74 -0.60
CA PRO B 128 -8.98 -2.76 0.43
C PRO B 128 -7.61 -3.42 0.33
N GLU B 129 -7.05 -3.52 -0.87
CA GLU B 129 -5.79 -4.24 -1.06
C GLU B 129 -4.57 -3.36 -0.93
N ALA B 130 -4.79 -2.07 -0.68
CA ALA B 130 -3.69 -1.11 -0.59
C ALA B 130 -2.71 -1.46 0.52
N GLY B 131 -3.25 -1.88 1.66
CA GLY B 131 -2.44 -2.31 2.78
C GLY B 131 -1.46 -3.41 2.39
N ALA B 132 -1.94 -4.33 1.56
CA ALA B 132 -1.10 -5.41 1.05
C ALA B 132 -0.03 -4.85 0.11
N ALA B 133 -0.41 -3.86 -0.69
CA ALA B 133 0.49 -3.23 -1.63
C ALA B 133 1.67 -2.57 -0.94
N PHE B 134 1.41 -1.94 0.20
CA PHE B 134 2.50 -1.28 0.94
C PHE B 134 3.45 -2.26 1.61
N GLN B 135 3.04 -3.52 1.70
CA GLN B 135 3.91 -4.56 2.29
C GLN B 135 4.64 -5.33 1.21
N ASN B 136 3.98 -5.55 0.08
CA ASN B 136 4.57 -6.28 -1.04
C ASN B 136 5.48 -5.40 -1.89
N ASP B 137 5.08 -4.15 -2.05
CA ASP B 137 5.88 -3.17 -2.80
C ASP B 137 5.83 -1.83 -2.08
N TYR B 138 6.62 -1.71 -1.01
CA TYR B 138 6.58 -0.54 -0.14
C TYR B 138 6.99 0.75 -0.86
N ILE B 139 8.22 0.77 -1.36
CA ILE B 139 8.74 1.92 -2.09
C ILE B 139 7.87 2.25 -3.31
N GLY B 140 7.43 1.21 -4.00
CA GLY B 140 6.58 1.36 -5.17
C GLY B 140 5.23 1.94 -4.84
N ALA B 141 4.58 1.41 -3.80
CA ALA B 141 3.27 1.89 -3.39
C ALA B 141 3.32 3.33 -2.89
N PHE B 142 4.33 3.65 -2.08
CA PHE B 142 4.44 5.00 -1.53
C PHE B 142 4.77 6.00 -2.62
N GLY B 143 5.68 5.63 -3.52
CA GLY B 143 6.03 6.47 -4.64
C GLY B 143 4.83 6.74 -5.51
N GLY B 144 4.09 5.68 -5.82
CA GLY B 144 2.88 5.79 -6.62
C GLY B 144 1.82 6.66 -5.97
N LEU B 145 1.70 6.56 -4.65
CA LEU B 145 0.77 7.38 -3.91
C LEU B 145 1.19 8.85 -3.97
N LEU B 146 2.48 9.09 -3.90
CA LEU B 146 3.02 10.45 -4.00
C LEU B 146 2.91 10.99 -5.42
N GLU B 147 2.73 10.12 -6.39
CA GLU B 147 2.52 10.53 -7.77
C GLU B 147 1.19 11.26 -7.94
N GLY B 148 0.28 11.07 -6.98
CA GLY B 148 -1.02 11.72 -7.02
C GLY B 148 -1.12 12.87 -6.04
N ALA B 149 0.01 13.20 -5.42
CA ALA B 149 0.06 14.24 -4.40
C ALA B 149 0.58 15.55 -4.97
N VAL B 150 1.14 15.51 -6.17
CA VAL B 150 1.70 16.69 -6.80
C VAL B 150 0.96 16.99 -8.10
N SER B 151 0.73 18.26 -8.39
CA SER B 151 0.00 18.65 -9.58
C SER B 151 0.83 18.47 -10.85
N ALA B 152 0.17 18.52 -11.99
CA ALA B 152 0.84 18.38 -13.29
C ALA B 152 1.81 19.53 -13.52
N ARG B 153 1.36 20.75 -13.27
CA ARG B 153 2.19 21.93 -13.46
C ARG B 153 3.42 21.90 -12.56
N SER B 154 3.25 21.42 -11.34
CA SER B 154 4.37 21.30 -10.41
C SER B 154 5.35 20.22 -10.87
N LYS B 155 4.81 19.13 -11.41
CA LYS B 155 5.65 18.05 -11.93
C LYS B 155 6.50 18.52 -13.11
N ARG B 156 5.91 19.36 -13.96
CA ARG B 156 6.65 19.90 -15.10
C ARG B 156 7.66 20.97 -14.68
N GLU B 157 7.23 21.91 -13.84
CA GLU B 157 8.02 23.10 -13.55
C GLU B 157 8.91 22.95 -12.32
N ARG B 158 8.51 22.15 -11.35
CA ARG B 158 9.31 21.96 -10.14
C ARG B 158 9.43 20.49 -9.75
N PRO B 159 10.26 19.73 -10.49
CA PRO B 159 10.43 18.28 -10.24
C PRO B 159 11.08 17.98 -8.90
N GLU B 160 11.77 18.97 -8.34
CA GLU B 160 12.47 18.79 -7.08
C GLU B 160 11.51 18.56 -5.91
N ILE B 161 10.26 18.96 -6.09
CA ILE B 161 9.23 18.75 -5.08
C ILE B 161 8.84 17.28 -4.99
N LEU B 162 8.46 16.70 -6.13
CA LEU B 162 8.20 15.26 -6.21
C LEU B 162 9.43 14.47 -5.76
N ALA B 163 10.60 14.91 -6.21
CA ALA B 163 11.86 14.26 -5.85
C ALA B 163 12.08 14.24 -4.33
N VAL B 164 11.94 15.40 -3.69
CA VAL B 164 12.21 15.50 -2.26
C VAL B 164 11.16 14.72 -1.47
N MET B 165 9.93 14.68 -1.98
CA MET B 165 8.87 13.91 -1.33
C MET B 165 9.15 12.41 -1.38
N LYS B 166 9.64 11.92 -2.51
CA LYS B 166 9.99 10.49 -2.60
C LYS B 166 11.22 10.18 -1.73
N ALA B 167 12.16 11.10 -1.75
CA ALA B 167 13.35 11.03 -0.90
C ALA B 167 12.95 10.90 0.57
N HIS B 168 11.89 11.59 0.97
CA HIS B 168 11.45 11.57 2.37
C HIS B 168 11.12 10.16 2.87
N PHE B 169 10.37 9.39 2.08
CA PHE B 169 10.02 8.04 2.51
C PHE B 169 11.13 7.04 2.13
N SER B 170 12.08 7.48 1.33
CA SER B 170 13.20 6.60 0.97
C SER B 170 14.38 6.71 1.93
N VAL B 171 14.32 7.65 2.87
CA VAL B 171 15.39 7.81 3.85
C VAL B 171 14.92 7.39 5.25
N PRO B 172 15.32 6.18 5.67
CA PRO B 172 14.90 5.58 6.95
C PRO B 172 15.31 6.38 8.19
N SER B 173 16.40 7.14 8.14
CA SER B 173 16.79 7.95 9.28
C SER B 173 15.80 9.10 9.48
N ASN B 174 15.10 9.46 8.40
CA ASN B 174 14.05 10.45 8.46
C ASN B 174 12.68 9.82 8.70
N PHE B 175 12.38 8.78 7.93
CA PHE B 175 11.10 8.08 8.09
C PHE B 175 11.26 6.58 7.86
N PRO B 176 11.42 5.83 8.96
CA PRO B 176 11.60 4.38 8.91
C PRO B 176 10.30 3.62 8.66
N LYS B 177 10.42 2.40 8.15
CA LYS B 177 9.30 1.56 7.79
C LYS B 177 8.43 1.19 9.00
N HIS B 178 9.07 1.06 10.16
CA HIS B 178 8.38 0.60 11.36
C HIS B 178 7.39 1.63 11.86
N VAL B 179 7.71 2.92 11.66
CA VAL B 179 6.79 3.99 12.01
C VAL B 179 5.54 3.91 11.13
N PHE B 180 5.75 3.63 9.85
CA PHE B 180 4.65 3.47 8.91
C PHE B 180 3.75 2.31 9.32
N ASP B 181 4.36 1.16 9.59
CA ASP B 181 3.61 -0.02 9.98
C ASP B 181 2.82 0.20 11.28
N ALA B 182 3.50 0.77 12.28
CA ALA B 182 2.89 1.05 13.57
C ALA B 182 1.72 2.02 13.44
N ALA B 183 1.91 3.08 12.67
CA ALA B 183 0.87 4.09 12.48
C ALA B 183 -0.32 3.51 11.70
N THR B 184 -0.03 2.67 10.72
CA THR B 184 -1.07 2.05 9.90
C THR B 184 -1.89 1.07 10.72
N ALA B 185 -1.23 0.34 11.62
CA ALA B 185 -1.91 -0.67 12.43
C ALA B 185 -2.73 -0.07 13.57
N ASP B 186 -2.43 1.18 13.92
CA ASP B 186 -3.09 1.82 15.06
C ASP B 186 -4.55 2.14 14.75
N PRO B 187 -5.46 1.78 15.67
CA PRO B 187 -6.90 2.02 15.50
C PRO B 187 -7.27 3.50 15.50
N ASN B 188 -6.32 4.36 15.86
CA ASN B 188 -6.54 5.80 15.79
C ASN B 188 -5.35 6.51 15.14
N GLY B 189 -4.68 5.79 14.25
CA GLY B 189 -3.55 6.34 13.51
C GLY B 189 -4.02 7.15 12.32
N VAL B 190 -3.09 7.52 11.45
CA VAL B 190 -3.37 8.40 10.33
C VAL B 190 -4.49 7.88 9.42
N PHE B 191 -4.59 6.56 9.28
CA PHE B 191 -5.57 5.96 8.38
C PHE B 191 -6.90 5.67 9.07
N ALA B 192 -6.85 5.36 10.36
CA ALA B 192 -8.03 4.90 11.08
C ALA B 192 -8.74 6.02 11.83
N TRP B 193 -8.03 7.12 12.08
CA TRP B 193 -8.57 8.26 12.81
C TRP B 193 -9.84 8.81 12.15
N ASN B 194 -10.92 8.88 12.92
CA ASN B 194 -12.21 9.32 12.39
C ASN B 194 -12.98 10.15 13.41
N ILE B 195 -13.26 11.40 13.08
CA ILE B 195 -13.99 12.30 13.97
C ILE B 195 -15.16 12.99 13.27
N LYS B 196 -15.79 12.28 12.33
CA LYS B 196 -16.85 12.86 11.52
C LYS B 196 -18.03 13.37 12.34
N ASP B 197 -18.36 12.67 13.42
CA ASP B 197 -19.49 13.05 14.26
C ASP B 197 -19.16 14.22 15.17
N ARG B 198 -17.87 14.52 15.31
CA ARG B 198 -17.42 15.54 16.25
C ARG B 198 -17.02 16.85 15.58
N LEU B 199 -16.97 16.84 14.24
CA LEU B 199 -16.54 18.01 13.47
C LEU B 199 -17.33 19.27 13.80
N SER B 200 -18.62 19.11 14.11
CA SER B 200 -19.49 20.24 14.37
C SER B 200 -19.26 20.86 15.75
N SER B 201 -18.43 20.23 16.57
CA SER B 201 -18.12 20.73 17.89
C SER B 201 -16.94 21.69 17.86
N ILE B 202 -16.17 21.65 16.78
CA ILE B 202 -15.02 22.51 16.62
C ILE B 202 -15.46 23.96 16.37
N GLN B 203 -15.00 24.87 17.22
CA GLN B 203 -15.54 26.23 17.23
C GLN B 203 -14.57 27.33 16.77
N ALA B 204 -13.28 27.00 16.74
CA ALA B 204 -12.27 27.97 16.32
C ALA B 204 -12.45 28.35 14.85
N PRO B 205 -12.09 29.60 14.49
CA PRO B 205 -12.11 30.01 13.08
C PRO B 205 -11.20 29.12 12.24
N THR B 206 -11.77 28.49 11.22
CA THR B 206 -11.07 27.44 10.49
C THR B 206 -11.10 27.64 8.98
N LEU B 207 -9.93 27.58 8.35
CA LEU B 207 -9.82 27.66 6.90
C LEU B 207 -9.25 26.36 6.34
N VAL B 208 -10.05 25.70 5.52
CA VAL B 208 -9.62 24.45 4.89
C VAL B 208 -9.13 24.72 3.47
N VAL B 209 -7.92 24.26 3.16
CA VAL B 209 -7.32 24.50 1.86
C VAL B 209 -7.06 23.18 1.14
N ALA B 210 -7.61 23.04 -0.06
CA ALA B 210 -7.50 21.81 -0.81
C ALA B 210 -6.89 22.02 -2.20
N GLY B 211 -6.04 21.10 -2.62
CA GLY B 211 -5.49 21.12 -3.95
C GLY B 211 -6.45 20.50 -4.95
N GLU B 212 -6.59 21.13 -6.10
CA GLU B 212 -7.51 20.66 -7.13
C GLU B 212 -7.13 19.28 -7.67
N GLU B 213 -5.83 19.01 -7.75
CA GLU B 213 -5.35 17.77 -8.33
C GLU B 213 -4.83 16.77 -7.30
N ASP B 214 -5.15 17.02 -6.03
CA ASP B 214 -4.75 16.14 -4.94
C ASP B 214 -5.58 14.85 -4.95
N LEU B 215 -4.90 13.71 -5.05
CA LEU B 215 -5.56 12.41 -5.09
C LEU B 215 -5.47 11.72 -3.74
N VAL B 216 -4.37 11.98 -3.01
CA VAL B 216 -4.17 11.44 -1.66
C VAL B 216 -5.23 11.98 -0.71
N THR B 217 -5.45 13.29 -0.78
CA THR B 217 -6.53 13.95 -0.05
C THR B 217 -7.40 14.70 -1.05
N THR B 218 -8.59 14.17 -1.31
CA THR B 218 -9.48 14.74 -2.31
C THR B 218 -10.17 16.00 -1.80
N VAL B 219 -10.73 16.79 -2.71
CA VAL B 219 -11.44 17.99 -2.32
C VAL B 219 -12.72 17.59 -1.60
N ALA B 220 -13.14 16.35 -1.79
CA ALA B 220 -14.33 15.83 -1.11
C ALA B 220 -14.07 15.66 0.39
N ASN B 221 -12.91 15.13 0.73
CA ASN B 221 -12.50 15.00 2.14
C ASN B 221 -12.42 16.37 2.82
N ASN B 222 -11.66 17.27 2.21
CA ASN B 222 -11.54 18.65 2.69
C ASN B 222 -12.89 19.33 2.78
N GLN B 223 -13.78 18.98 1.85
CA GLN B 223 -15.14 19.52 1.82
C GLN B 223 -15.91 19.06 3.03
N LEU B 224 -15.75 17.79 3.38
CA LEU B 224 -16.34 17.26 4.60
C LEU B 224 -15.89 18.09 5.78
N LEU B 225 -14.57 18.22 5.91
CA LEU B 225 -13.98 19.02 6.99
C LEU B 225 -14.54 20.44 7.07
N ALA B 226 -14.49 21.16 5.95
CA ALA B 226 -14.87 22.57 5.90
C ALA B 226 -16.37 22.78 6.10
N ASP B 227 -17.16 21.87 5.56
CA ASP B 227 -18.62 22.01 5.59
C ASP B 227 -19.20 21.61 6.95
N ASN B 228 -18.52 20.73 7.69
CA ASN B 228 -19.10 20.30 8.95
C ASN B 228 -18.57 21.05 10.18
N ILE B 229 -17.48 21.79 10.02
CA ILE B 229 -17.04 22.71 11.07
C ILE B 229 -17.77 24.04 10.89
N PRO B 230 -18.59 24.43 11.88
CA PRO B 230 -19.47 25.60 11.79
C PRO B 230 -18.76 26.88 11.38
N GLY B 231 -19.14 27.43 10.23
CA GLY B 231 -18.60 28.70 9.77
C GLY B 231 -17.23 28.63 9.14
N ALA B 232 -16.74 27.41 8.89
CA ALA B 232 -15.41 27.23 8.31
C ALA B 232 -15.45 27.51 6.81
N GLU B 233 -14.31 27.92 6.27
CA GLU B 233 -14.21 28.27 4.86
C GLU B 233 -13.36 27.25 4.08
N LEU B 234 -13.72 27.04 2.82
CA LEU B 234 -12.97 26.14 1.96
C LEU B 234 -12.34 26.89 0.78
N ARG B 235 -11.08 26.58 0.50
CA ARG B 235 -10.38 27.10 -0.67
C ARG B 235 -9.78 25.96 -1.49
N VAL B 236 -10.24 25.84 -2.74
CA VAL B 236 -9.69 24.84 -3.66
C VAL B 236 -8.67 25.47 -4.59
N ILE B 237 -7.45 24.92 -4.60
CA ILE B 237 -6.33 25.60 -5.27
C ILE B 237 -5.83 24.89 -6.53
N ASN B 238 -5.84 25.61 -7.65
CA ASN B 238 -5.10 25.21 -8.82
C ASN B 238 -3.72 25.87 -8.79
N ASP B 239 -2.73 25.30 -9.48
CA ASP B 239 -2.77 23.90 -9.85
C ASP B 239 -1.82 23.20 -8.90
N VAL B 240 -2.34 22.78 -7.74
CA VAL B 240 -1.54 22.18 -6.68
C VAL B 240 -2.17 20.88 -6.19
N GLY B 241 -1.35 20.04 -5.58
CA GLY B 241 -1.87 18.83 -4.99
C GLY B 241 -1.85 18.86 -3.48
N HIS B 242 -0.93 18.10 -2.91
CA HIS B 242 -0.90 17.88 -1.47
C HIS B 242 -0.06 18.92 -0.75
N PHE B 243 0.88 19.53 -1.45
CA PHE B 243 1.86 20.39 -0.80
C PHE B 243 1.85 21.82 -1.34
N TYR B 244 0.79 22.55 -1.01
CA TYR B 244 0.61 23.93 -1.47
C TYR B 244 1.74 24.86 -1.01
N GLN B 245 2.25 24.61 0.20
CA GLN B 245 3.30 25.46 0.75
C GLN B 245 4.62 25.34 -0.02
N LEU B 246 4.73 24.30 -0.83
CA LEU B 246 5.93 24.09 -1.63
C LEU B 246 5.69 24.33 -3.11
N GLU B 247 4.52 23.93 -3.61
CA GLU B 247 4.21 24.04 -5.03
C GLU B 247 4.06 25.51 -5.44
N ARG B 248 3.33 26.28 -4.64
CA ARG B 248 3.20 27.72 -4.87
C ARG B 248 3.35 28.48 -3.55
N PRO B 249 4.57 28.55 -3.02
CA PRO B 249 4.89 29.07 -1.68
C PRO B 249 4.40 30.49 -1.43
N SER B 250 4.66 31.40 -2.38
CA SER B 250 4.32 32.81 -2.20
C SER B 250 2.81 33.03 -2.05
N GLU B 251 2.04 32.34 -2.86
CA GLU B 251 0.57 32.46 -2.81
C GLU B 251 0.01 31.88 -1.52
N PHE B 252 0.57 30.75 -1.08
CA PHE B 252 0.18 30.17 0.21
C PHE B 252 0.47 31.17 1.33
N ASN B 253 1.62 31.82 1.25
CA ASN B 253 1.99 32.86 2.20
C ASN B 253 1.00 34.01 2.19
N GLU B 254 0.53 34.39 1.01
CA GLU B 254 -0.52 35.38 0.86
C GLU B 254 -1.78 34.95 1.63
N LEU B 255 -2.23 33.74 1.36
CA LEU B 255 -3.43 33.17 1.97
C LEU B 255 -3.35 33.15 3.50
N LEU B 256 -2.27 32.59 4.04
CA LEU B 256 -2.08 32.52 5.49
C LEU B 256 -1.93 33.91 6.11
N ARG B 257 -1.24 34.81 5.40
CA ARG B 257 -1.08 36.18 5.85
C ARG B 257 -2.44 36.86 5.99
N GLY B 258 -3.34 36.55 5.06
CA GLY B 258 -4.68 37.07 5.10
C GLY B 258 -5.52 36.45 6.20
N PHE B 259 -5.25 35.18 6.51
CA PHE B 259 -5.95 34.46 7.58
C PHE B 259 -5.81 35.12 8.94
N VAL B 260 -4.58 35.14 9.45
CA VAL B 260 -4.31 35.51 10.83
C VAL B 260 -4.74 36.94 11.19
N ALA B 261 -5.98 37.09 11.63
CA ALA B 261 -6.51 38.39 11.99
C ALA B 261 -7.13 38.39 13.38
N PRO C 2 -4.34 -12.57 -21.82
CA PRO C 2 -5.19 -11.65 -21.05
C PRO C 2 -4.64 -10.23 -21.02
N HIS C 3 -5.30 -9.35 -20.27
CA HIS C 3 -4.89 -7.95 -20.20
C HIS C 3 -5.19 -7.34 -18.84
N VAL C 4 -4.45 -6.31 -18.49
CA VAL C 4 -4.70 -5.56 -17.27
C VAL C 4 -5.01 -4.10 -17.60
N GLU C 5 -5.65 -3.40 -16.66
CA GLU C 5 -6.00 -2.01 -16.87
C GLU C 5 -5.10 -1.08 -16.06
N ASN C 6 -4.44 -0.15 -16.73
CA ASN C 6 -3.59 0.82 -16.05
C ASN C 6 -3.75 2.21 -16.63
N ASP C 7 -4.28 3.12 -15.81
CA ASP C 7 -4.53 4.51 -16.19
C ASP C 7 -5.47 4.60 -17.39
N GLY C 8 -6.40 3.65 -17.47
CA GLY C 8 -7.36 3.61 -18.56
C GLY C 8 -6.79 2.97 -19.80
N VAL C 9 -5.55 2.52 -19.70
CA VAL C 9 -4.86 1.89 -20.83
C VAL C 9 -4.77 0.38 -20.64
N LYS C 10 -5.27 -0.36 -21.62
CA LYS C 10 -5.23 -1.81 -21.56
C LYS C 10 -3.88 -2.36 -22.00
N ILE C 11 -3.24 -3.11 -21.11
CA ILE C 11 -1.94 -3.71 -21.37
C ILE C 11 -2.07 -5.22 -21.54
N TYR C 12 -1.71 -5.73 -22.72
CA TYR C 12 -1.80 -7.16 -22.98
C TYR C 12 -0.59 -7.90 -22.42
N TYR C 13 -0.84 -9.11 -21.92
CA TYR C 13 0.24 -9.97 -21.47
C TYR C 13 -0.13 -11.43 -21.68
N ASP C 14 0.88 -12.28 -21.82
CA ASP C 14 0.64 -13.73 -21.80
C ASP C 14 1.37 -14.35 -20.60
N SER C 15 0.77 -15.38 -20.03
CA SER C 15 1.31 -16.03 -18.85
C SER C 15 1.32 -17.55 -18.94
N TYR C 16 2.50 -18.14 -18.85
CA TYR C 16 2.63 -19.60 -18.89
C TYR C 16 3.57 -20.08 -17.79
N GLY C 17 3.29 -21.26 -17.24
CA GLY C 17 4.24 -21.93 -16.37
C GLY C 17 4.29 -21.54 -14.91
N GLU C 18 5.13 -22.23 -14.16
CA GLU C 18 5.34 -22.03 -12.73
C GLU C 18 6.82 -22.25 -12.40
N GLY C 19 7.33 -21.62 -11.35
CA GLY C 19 6.60 -20.67 -10.53
C GLY C 19 7.48 -19.47 -10.27
N VAL C 20 8.79 -19.70 -10.28
CA VAL C 20 9.77 -18.62 -10.19
C VAL C 20 9.71 -17.83 -11.49
N PRO C 21 9.37 -16.54 -11.39
CA PRO C 21 8.94 -15.73 -12.54
C PRO C 21 10.06 -15.14 -13.39
N ILE C 22 9.89 -15.20 -14.70
CA ILE C 22 10.73 -14.47 -15.63
C ILE C 22 9.85 -13.54 -16.46
N VAL C 23 10.16 -12.25 -16.45
CA VAL C 23 9.36 -11.29 -17.20
C VAL C 23 10.07 -10.84 -18.49
N PHE C 24 9.43 -11.10 -19.63
CA PHE C 24 9.99 -10.73 -20.92
C PHE C 24 9.39 -9.43 -21.46
N LEU C 25 10.31 -8.50 -21.72
CA LEU C 25 10.03 -7.15 -22.18
C LEU C 25 10.67 -6.92 -23.54
N HIS C 26 9.85 -6.86 -24.58
CA HIS C 26 10.32 -6.78 -25.96
C HIS C 26 10.91 -5.41 -26.32
N PRO C 27 11.72 -5.34 -27.38
CA PRO C 27 12.30 -4.06 -27.83
C PRO C 27 11.28 -3.12 -28.48
N PHE C 28 11.73 -1.89 -28.73
CA PHE C 28 10.91 -0.85 -29.33
C PHE C 28 10.37 -1.28 -30.70
N SER C 29 9.13 -0.88 -30.99
CA SER C 29 8.46 -1.12 -32.26
C SER C 29 7.97 -2.56 -32.48
N THR C 30 8.35 -3.48 -31.60
CA THR C 30 7.94 -4.88 -31.75
C THR C 30 6.85 -5.27 -30.75
N ASN C 31 6.74 -6.56 -30.47
CA ASN C 31 5.83 -7.07 -29.45
C ASN C 31 6.34 -8.38 -28.83
N GLY C 32 5.50 -8.99 -28.01
CA GLY C 32 5.89 -10.17 -27.24
C GLY C 32 6.22 -11.41 -28.04
N GLY C 33 5.68 -11.49 -29.25
CA GLY C 33 5.93 -12.63 -30.13
C GLY C 33 7.40 -12.89 -30.36
N ILE C 34 8.20 -11.83 -30.29
CA ILE C 34 9.65 -11.92 -30.46
C ILE C 34 10.30 -12.88 -29.46
N TRP C 35 9.60 -13.22 -28.39
CA TRP C 35 10.13 -14.13 -27.37
C TRP C 35 9.67 -15.57 -27.58
N TYR C 36 9.22 -15.88 -28.79
CA TYR C 36 8.64 -17.19 -29.10
C TYR C 36 9.54 -18.38 -28.70
N PHE C 37 10.83 -18.26 -28.95
CA PHE C 37 11.75 -19.36 -28.66
C PHE C 37 12.17 -19.42 -27.20
N GLN C 38 11.85 -18.37 -26.44
CA GLN C 38 12.18 -18.33 -25.02
C GLN C 38 10.96 -18.67 -24.17
N THR C 39 9.82 -18.12 -24.58
CA THR C 39 8.58 -18.18 -23.81
C THR C 39 8.19 -19.58 -23.34
N PHE C 40 8.15 -20.53 -24.27
CA PHE C 40 7.61 -21.85 -23.97
C PHE C 40 8.63 -22.84 -23.36
N PRO C 41 9.90 -22.82 -23.83
CA PRO C 41 10.87 -23.67 -23.13
C PRO C 41 11.05 -23.29 -21.65
N PHE C 42 11.16 -21.99 -21.37
CA PHE C 42 11.33 -21.55 -19.99
C PHE C 42 10.04 -21.68 -19.18
N ALA C 43 8.92 -21.87 -19.86
CA ALA C 43 7.65 -22.11 -19.18
C ALA C 43 7.61 -23.50 -18.58
N GLN C 44 8.56 -24.35 -19.01
CA GLN C 44 8.69 -25.70 -18.46
C GLN C 44 9.36 -25.67 -17.09
N THR C 45 10.19 -24.66 -16.88
CA THR C 45 10.96 -24.56 -15.64
C THR C 45 10.61 -23.32 -14.82
N ASN C 46 10.02 -22.32 -15.46
CA ASN C 46 9.74 -21.05 -14.80
C ASN C 46 8.33 -20.52 -15.04
N HIS C 47 7.98 -19.46 -14.31
CA HIS C 47 6.73 -18.74 -14.56
C HIS C 47 6.99 -17.61 -15.55
N VAL C 48 6.86 -17.91 -16.84
CA VAL C 48 7.09 -16.96 -17.90
C VAL C 48 5.93 -16.00 -18.11
N ILE C 49 6.23 -14.70 -18.04
CA ILE C 49 5.26 -13.64 -18.27
C ILE C 49 5.77 -12.71 -19.37
N VAL C 50 5.05 -12.64 -20.48
CA VAL C 50 5.50 -11.84 -21.62
C VAL C 50 4.59 -10.64 -21.84
N ILE C 51 5.15 -9.42 -21.82
CA ILE C 51 4.29 -8.25 -21.91
C ILE C 51 4.41 -7.46 -23.20
N ASP C 52 3.25 -7.05 -23.74
CA ASP C 52 3.19 -6.09 -24.83
C ASP C 52 3.11 -4.68 -24.26
N HIS C 53 4.13 -3.87 -24.50
CA HIS C 53 4.16 -2.49 -24.04
C HIS C 53 2.99 -1.71 -24.63
N ARG C 54 2.61 -0.62 -23.97
CA ARG C 54 1.55 0.24 -24.48
C ARG C 54 1.99 0.86 -25.79
N GLY C 55 1.07 0.96 -26.74
CA GLY C 55 1.40 1.44 -28.07
C GLY C 55 1.96 0.36 -28.95
N HIS C 56 2.03 -0.87 -28.42
CA HIS C 56 2.61 -2.00 -29.15
C HIS C 56 1.66 -3.19 -29.19
N GLY C 57 1.71 -3.93 -30.31
CA GLY C 57 1.01 -5.19 -30.45
C GLY C 57 -0.48 -5.18 -30.14
N ARG C 58 -0.86 -5.91 -29.10
CA ARG C 58 -2.27 -6.09 -28.77
C ARG C 58 -2.73 -5.15 -27.65
N SER C 59 -1.77 -4.42 -27.07
CA SER C 59 -2.09 -3.48 -26.00
C SER C 59 -2.69 -2.19 -26.57
N ASP C 60 -3.35 -1.43 -25.72
CA ASP C 60 -3.89 -0.13 -26.12
C ASP C 60 -2.76 0.79 -26.57
N LYS C 61 -3.09 1.69 -27.49
CA LYS C 61 -2.08 2.58 -28.07
C LYS C 61 -2.50 4.04 -27.95
N PRO C 62 -2.48 4.58 -26.71
CA PRO C 62 -2.92 5.95 -26.47
C PRO C 62 -2.05 7.00 -27.17
N ALA C 63 -2.49 8.24 -27.17
CA ALA C 63 -1.76 9.30 -27.86
C ALA C 63 -0.62 9.83 -26.99
N THR C 64 -0.76 9.64 -25.68
CA THR C 64 0.17 10.24 -24.72
C THR C 64 0.47 9.25 -23.60
N GLY C 65 1.63 9.40 -22.95
CA GLY C 65 1.95 8.60 -21.79
C GLY C 65 2.95 7.50 -22.08
N TYR C 66 3.98 7.84 -22.83
CA TYR C 66 5.00 6.87 -23.19
C TYR C 66 6.35 7.19 -22.55
N SER C 67 6.34 7.52 -21.27
CA SER C 67 7.58 7.63 -20.52
C SER C 67 7.98 6.24 -20.04
N ILE C 68 9.28 6.04 -19.82
CA ILE C 68 9.79 4.75 -19.36
C ILE C 68 9.16 4.35 -18.03
N MET C 69 8.94 5.35 -17.18
CA MET C 69 8.35 5.11 -15.87
C MET C 69 6.92 4.57 -15.96
N GLU C 70 6.16 5.06 -16.93
CA GLU C 70 4.79 4.60 -17.11
C GLU C 70 4.74 3.20 -17.73
N HIS C 71 5.74 2.90 -18.57
CA HIS C 71 5.93 1.54 -19.08
C HIS C 71 6.17 0.57 -17.92
N ALA C 72 7.14 0.93 -17.08
CA ALA C 72 7.44 0.16 -15.88
C ALA C 72 6.22 0.02 -14.99
N ASP C 73 5.40 1.06 -14.94
CA ASP C 73 4.16 1.05 -14.18
C ASP C 73 3.18 0.03 -14.75
N ASP C 74 3.15 -0.07 -16.08
CA ASP C 74 2.35 -1.11 -16.74
C ASP C 74 2.82 -2.49 -16.31
N VAL C 75 4.14 -2.70 -16.34
CA VAL C 75 4.69 -3.98 -15.91
C VAL C 75 4.31 -4.32 -14.46
N VAL C 76 4.39 -3.32 -13.58
CA VAL C 76 4.00 -3.52 -12.18
C VAL C 76 2.52 -3.88 -12.08
N ALA C 77 1.69 -3.26 -12.92
CA ALA C 77 0.27 -3.58 -12.96
C ALA C 77 0.07 -5.05 -13.28
N VAL C 78 0.73 -5.51 -14.35
CA VAL C 78 0.67 -6.92 -14.72
C VAL C 78 1.12 -7.83 -13.58
N LEU C 79 2.24 -7.47 -12.96
CA LEU C 79 2.80 -8.24 -11.84
C LEU C 79 1.84 -8.31 -10.66
N ASP C 80 1.08 -7.24 -10.45
CA ASP C 80 0.12 -7.17 -9.35
C ASP C 80 -1.08 -8.06 -9.63
N ALA C 81 -1.62 -8.00 -10.84
CA ALA C 81 -2.74 -8.85 -11.20
C ALA C 81 -2.35 -10.33 -11.14
N LEU C 82 -1.08 -10.62 -11.43
CA LEU C 82 -0.57 -11.98 -11.40
C LEU C 82 -0.03 -12.35 -10.02
N LYS C 83 -0.17 -11.43 -9.07
CA LYS C 83 0.26 -11.64 -7.69
C LYS C 83 1.70 -12.16 -7.60
N VAL C 84 2.58 -11.55 -8.37
CA VAL C 84 3.99 -11.91 -8.38
C VAL C 84 4.78 -10.95 -7.50
N ASP C 85 5.54 -11.49 -6.55
CA ASP C 85 6.28 -10.66 -5.61
C ASP C 85 7.62 -10.22 -6.18
N ARG C 86 8.44 -11.18 -6.58
CA ARG C 86 9.73 -10.88 -7.19
C ARG C 86 9.88 -11.63 -8.51
N ALA C 87 10.67 -11.07 -9.43
CA ALA C 87 10.85 -11.70 -10.74
C ALA C 87 12.20 -11.37 -11.36
N VAL C 88 12.67 -12.25 -12.24
CA VAL C 88 13.84 -11.98 -13.05
C VAL C 88 13.40 -11.26 -14.32
N PHE C 89 14.03 -10.13 -14.62
CA PHE C 89 13.60 -9.31 -15.74
C PHE C 89 14.55 -9.41 -16.93
N VAL C 90 14.00 -9.83 -18.06
CA VAL C 90 14.76 -9.91 -19.31
C VAL C 90 14.25 -8.85 -20.28
N GLY C 91 14.98 -7.74 -20.38
CA GLY C 91 14.57 -6.63 -21.21
C GLY C 91 15.50 -6.35 -22.37
N ASN C 92 14.91 -6.11 -23.54
CA ASN C 92 15.66 -5.82 -24.75
C ASN C 92 15.41 -4.39 -25.22
N SER C 93 16.48 -3.64 -25.46
CA SER C 93 16.40 -2.24 -25.84
C SER C 93 15.62 -1.42 -24.83
N ILE C 94 14.42 -0.99 -25.22
CA ILE C 94 13.57 -0.22 -24.33
C ILE C 94 13.10 -1.08 -23.17
N GLY C 95 13.05 -2.39 -23.39
CA GLY C 95 12.71 -3.33 -22.35
C GLY C 95 13.75 -3.30 -21.25
N GLY C 96 15.00 -3.08 -21.64
CA GLY C 96 16.09 -2.93 -20.70
C GLY C 96 15.92 -1.67 -19.89
N MET C 97 15.54 -0.59 -20.58
CA MET C 97 15.26 0.69 -19.93
C MET C 97 14.15 0.52 -18.89
N ILE C 98 13.07 -0.15 -19.31
CA ILE C 98 11.92 -0.39 -18.44
C ILE C 98 12.32 -1.23 -17.23
N ALA C 99 13.16 -2.24 -17.46
CA ALA C 99 13.63 -3.11 -16.39
C ALA C 99 14.47 -2.35 -15.37
N MET C 100 15.40 -1.52 -15.85
CA MET C 100 16.25 -0.72 -14.97
C MET C 100 15.42 0.28 -14.16
N GLN C 101 14.49 0.96 -14.84
CA GLN C 101 13.58 1.89 -14.19
C GLN C 101 12.79 1.17 -13.10
N LEU C 102 12.40 -0.06 -13.40
CA LEU C 102 11.69 -0.90 -12.45
C LEU C 102 12.57 -1.22 -11.24
N ASN C 103 13.86 -1.42 -11.48
CA ASN C 103 14.81 -1.61 -10.40
C ASN C 103 14.90 -0.39 -9.51
N LEU C 104 14.73 0.79 -10.13
CA LEU C 104 14.79 2.04 -9.37
C LEU C 104 13.54 2.28 -8.53
N ASP C 105 12.35 2.11 -9.13
CA ASP C 105 11.11 2.47 -8.45
C ASP C 105 10.49 1.33 -7.62
N HIS C 106 10.76 0.09 -8.01
CA HIS C 106 10.21 -1.06 -7.30
C HIS C 106 11.27 -2.12 -7.00
N PRO C 107 12.24 -1.80 -6.13
CA PRO C 107 13.35 -2.72 -5.86
C PRO C 107 12.93 -4.02 -5.15
N GLN C 108 11.78 -4.01 -4.49
CA GLN C 108 11.30 -5.17 -3.76
C GLN C 108 10.73 -6.24 -4.70
N ARG C 109 10.68 -5.91 -5.99
CA ARG C 109 10.08 -6.79 -6.98
C ARG C 109 11.11 -7.37 -7.95
N VAL C 110 12.39 -7.24 -7.62
CA VAL C 110 13.45 -7.66 -8.54
C VAL C 110 14.33 -8.76 -7.96
N ILE C 111 14.40 -9.88 -8.67
CA ILE C 111 15.34 -10.95 -8.33
C ILE C 111 16.69 -10.68 -8.97
N GLY C 112 16.66 -10.41 -10.28
CA GLY C 112 17.85 -10.10 -11.04
C GLY C 112 17.47 -9.58 -12.41
N ASN C 113 18.47 -9.14 -13.18
CA ASN C 113 18.20 -8.57 -14.50
C ASN C 113 19.09 -9.14 -15.60
N LEU C 114 18.49 -9.47 -16.73
CA LEU C 114 19.24 -9.70 -17.95
C LEU C 114 18.89 -8.58 -18.93
N ILE C 115 19.78 -7.60 -19.05
CA ILE C 115 19.59 -6.50 -19.98
C ILE C 115 20.24 -6.81 -21.32
N LEU C 116 19.41 -7.02 -22.34
CA LEU C 116 19.92 -7.36 -23.67
C LEU C 116 19.92 -6.17 -24.60
N SER C 117 21.12 -5.75 -25.00
CA SER C 117 21.30 -4.68 -25.98
C SER C 117 20.54 -3.42 -25.62
N SER C 118 20.97 -2.75 -24.56
CA SER C 118 20.30 -1.52 -24.13
C SER C 118 21.30 -0.45 -23.73
N GLY C 119 20.78 0.64 -23.17
CA GLY C 119 21.61 1.76 -22.75
C GLY C 119 20.79 2.84 -22.09
N THR C 120 21.42 3.98 -21.82
CA THR C 120 20.71 5.11 -21.23
C THR C 120 21.29 6.42 -21.80
N GLY C 121 20.43 7.42 -21.92
CA GLY C 121 20.80 8.65 -22.60
C GLY C 121 21.10 8.34 -24.05
N LEU C 122 20.31 7.43 -24.63
CA LEU C 122 20.59 6.89 -25.95
C LEU C 122 20.48 7.94 -27.06
N GLY C 123 19.49 8.82 -26.95
CA GLY C 123 19.28 9.86 -27.94
C GLY C 123 20.46 10.81 -28.06
N GLU C 124 21.17 11.00 -26.95
CA GLU C 124 22.34 11.86 -26.90
C GLU C 124 23.45 11.37 -27.82
N GLY C 125 23.59 10.05 -27.93
CA GLY C 125 24.70 9.48 -28.65
C GLY C 125 24.53 9.51 -30.16
N MET C 126 23.31 9.81 -30.60
CA MET C 126 23.02 9.86 -32.03
C MET C 126 23.27 11.28 -32.55
N PRO C 127 23.75 11.39 -33.81
CA PRO C 127 24.10 12.72 -34.33
C PRO C 127 22.86 13.58 -34.53
N PRO C 128 22.98 14.90 -34.33
CA PRO C 128 21.82 15.80 -34.34
C PRO C 128 20.90 15.64 -35.54
N GLU C 129 21.46 15.25 -36.68
CA GLU C 129 20.68 15.09 -37.91
C GLU C 129 19.83 13.82 -37.89
N ALA C 130 20.11 12.93 -36.95
CA ALA C 130 19.40 11.66 -36.83
C ALA C 130 17.91 11.87 -36.62
N GLY C 131 17.57 12.75 -35.69
CA GLY C 131 16.19 13.15 -35.51
C GLY C 131 15.69 13.66 -36.84
N ALA C 132 16.46 14.55 -37.46
CA ALA C 132 16.10 15.15 -38.73
C ALA C 132 16.03 14.12 -39.87
N ALA C 133 16.47 12.90 -39.59
CA ALA C 133 16.31 11.80 -40.54
C ALA C 133 14.92 11.15 -40.40
N PHE C 134 14.50 10.90 -39.16
CA PHE C 134 13.16 10.35 -38.92
C PHE C 134 12.09 11.37 -39.29
N GLN C 135 12.53 12.62 -39.27
CA GLN C 135 11.73 13.77 -39.67
C GLN C 135 10.98 13.58 -40.99
N ASN C 136 11.71 13.61 -42.10
CA ASN C 136 11.12 13.58 -43.42
C ASN C 136 11.11 12.19 -44.05
N ASP C 137 11.89 11.28 -43.50
CA ASP C 137 12.00 9.92 -44.03
C ASP C 137 11.89 8.88 -42.92
N TYR C 138 10.69 8.68 -42.40
CA TYR C 138 10.45 7.77 -41.30
C TYR C 138 10.78 6.31 -41.66
N ILE C 139 10.18 5.82 -42.75
CA ILE C 139 10.39 4.47 -43.21
C ILE C 139 11.86 4.20 -43.52
N GLY C 140 12.47 5.12 -44.27
CA GLY C 140 13.87 5.00 -44.65
C GLY C 140 14.84 5.05 -43.48
N ALA C 141 14.65 6.00 -42.58
CA ALA C 141 15.53 6.15 -41.43
C ALA C 141 15.38 4.99 -40.46
N PHE C 142 14.15 4.56 -40.22
CA PHE C 142 13.90 3.45 -39.30
C PHE C 142 14.47 2.16 -39.88
N GLY C 143 14.29 1.95 -41.19
CA GLY C 143 14.84 0.78 -41.85
C GLY C 143 16.35 0.76 -41.79
N GLY C 144 16.96 1.88 -42.17
CA GLY C 144 18.40 2.02 -42.12
C GLY C 144 18.94 1.80 -40.72
N LEU C 145 18.17 2.22 -39.72
CA LEU C 145 18.54 2.00 -38.33
C LEU C 145 18.48 0.51 -37.99
N LEU C 146 17.46 -0.15 -38.50
CA LEU C 146 17.27 -1.58 -38.26
C LEU C 146 18.34 -2.43 -38.95
N GLU C 147 18.94 -1.91 -40.00
CA GLU C 147 20.01 -2.63 -40.69
C GLU C 147 21.30 -2.66 -39.88
N GLY C 148 21.38 -1.81 -38.85
CA GLY C 148 22.52 -1.80 -37.96
C GLY C 148 22.24 -2.60 -36.70
N ALA C 149 21.06 -3.22 -36.67
CA ALA C 149 20.61 -3.96 -35.50
C ALA C 149 20.82 -5.46 -35.68
N VAL C 150 21.14 -5.87 -36.91
CA VAL C 150 21.33 -7.27 -37.23
C VAL C 150 22.75 -7.52 -37.74
N SER C 151 23.35 -8.63 -37.34
CA SER C 151 24.71 -8.94 -37.74
C SER C 151 24.75 -9.39 -39.20
N ALA C 152 25.94 -9.39 -39.78
CA ALA C 152 26.14 -9.79 -41.17
C ALA C 152 25.75 -11.26 -41.36
N ARG C 153 26.20 -12.11 -40.43
CA ARG C 153 25.88 -13.53 -40.48
C ARG C 153 24.38 -13.78 -40.33
N SER C 154 23.72 -12.96 -39.52
CA SER C 154 22.28 -13.09 -39.34
C SER C 154 21.54 -12.62 -40.58
N LYS C 155 22.05 -11.56 -41.21
CA LYS C 155 21.46 -11.07 -42.45
C LYS C 155 21.63 -12.11 -43.56
N ARG C 156 22.70 -12.87 -43.49
CA ARG C 156 23.02 -13.87 -44.50
C ARG C 156 22.19 -15.14 -44.30
N GLU C 157 22.20 -15.67 -43.08
CA GLU C 157 21.60 -16.96 -42.78
C GLU C 157 20.12 -16.86 -42.39
N ARG C 158 19.74 -15.75 -41.76
CA ARG C 158 18.36 -15.58 -41.31
C ARG C 158 17.79 -14.21 -41.69
N PRO C 159 17.47 -14.01 -42.97
CA PRO C 159 16.92 -12.72 -43.45
C PRO C 159 15.55 -12.40 -42.88
N GLU C 160 14.85 -13.42 -42.39
CA GLU C 160 13.50 -13.26 -41.86
C GLU C 160 13.46 -12.38 -40.61
N ILE C 161 14.60 -12.23 -39.96
CA ILE C 161 14.68 -11.42 -38.74
C ILE C 161 14.58 -9.93 -39.09
N LEU C 162 15.47 -9.46 -39.95
CA LEU C 162 15.42 -8.08 -40.42
C LEU C 162 14.12 -7.83 -41.16
N ALA C 163 13.64 -8.84 -41.90
CA ALA C 163 12.36 -8.73 -42.58
C ALA C 163 11.21 -8.46 -41.61
N VAL C 164 11.07 -9.30 -40.59
CA VAL C 164 9.96 -9.19 -39.65
C VAL C 164 10.08 -7.92 -38.78
N MET C 165 11.31 -7.50 -38.51
CA MET C 165 11.50 -6.30 -37.69
C MET C 165 11.20 -5.04 -38.50
N LYS C 166 11.59 -5.04 -39.77
CA LYS C 166 11.21 -3.97 -40.69
C LYS C 166 9.70 -3.95 -40.84
N ALA C 167 9.09 -5.12 -40.70
CA ALA C 167 7.63 -5.24 -40.74
C ALA C 167 6.97 -4.65 -39.50
N HIS C 168 7.64 -4.75 -38.35
CA HIS C 168 7.05 -4.31 -37.09
C HIS C 168 6.66 -2.83 -37.05
N PHE C 169 7.53 -1.95 -37.53
CA PHE C 169 7.26 -0.51 -37.43
C PHE C 169 6.45 0.02 -38.62
N SER C 170 6.30 -0.79 -39.65
CA SER C 170 5.58 -0.37 -40.85
C SER C 170 4.12 -0.83 -40.82
N VAL C 171 3.76 -1.63 -39.84
CA VAL C 171 2.38 -2.07 -39.67
C VAL C 171 1.72 -1.29 -38.53
N PRO C 172 0.87 -0.32 -38.89
CA PRO C 172 0.20 0.59 -37.94
C PRO C 172 -0.65 -0.16 -36.91
N SER C 173 -1.12 -1.35 -37.28
CA SER C 173 -1.91 -2.18 -36.39
C SER C 173 -1.08 -2.63 -35.20
N ASN C 174 0.22 -2.76 -35.41
CA ASN C 174 1.14 -3.19 -34.36
C ASN C 174 1.85 -2.02 -33.73
N PHE C 175 2.36 -1.12 -34.56
CA PHE C 175 3.08 0.05 -34.09
C PHE C 175 2.71 1.28 -34.91
N PRO C 176 1.66 1.99 -34.48
CA PRO C 176 1.24 3.22 -35.16
C PRO C 176 2.24 4.35 -34.93
N LYS C 177 2.30 5.30 -35.86
CA LYS C 177 3.36 6.30 -35.83
C LYS C 177 3.20 7.31 -34.69
N HIS C 178 1.97 7.53 -34.22
CA HIS C 178 1.73 8.48 -33.15
C HIS C 178 2.42 8.01 -31.86
N VAL C 179 2.56 6.70 -31.73
CA VAL C 179 3.29 6.12 -30.61
C VAL C 179 4.77 6.50 -30.70
N PHE C 180 5.33 6.43 -31.91
CA PHE C 180 6.71 6.82 -32.12
C PHE C 180 6.90 8.31 -31.83
N ASP C 181 5.97 9.12 -32.31
CA ASP C 181 6.02 10.57 -32.08
C ASP C 181 5.98 10.88 -30.59
N ALA C 182 5.03 10.28 -29.88
CA ALA C 182 4.89 10.50 -28.45
C ALA C 182 6.11 10.02 -27.67
N ALA C 183 6.64 8.87 -28.03
CA ALA C 183 7.82 8.32 -27.35
C ALA C 183 9.05 9.18 -27.58
N THR C 184 9.19 9.69 -28.80
CA THR C 184 10.32 10.55 -29.15
C THR C 184 10.21 11.91 -28.46
N ALA C 185 8.98 12.40 -28.30
CA ALA C 185 8.74 13.73 -27.76
C ALA C 185 8.79 13.77 -26.24
N ASP C 186 8.58 12.64 -25.59
CA ASP C 186 8.56 12.59 -24.13
C ASP C 186 9.97 12.80 -23.57
N PRO C 187 10.10 13.70 -22.57
CA PRO C 187 11.40 14.00 -21.96
C PRO C 187 11.98 12.83 -21.18
N ASN C 188 11.19 11.78 -21.00
CA ASN C 188 11.67 10.55 -20.37
C ASN C 188 11.29 9.33 -21.20
N GLY C 189 11.22 9.52 -22.52
CA GLY C 189 10.91 8.45 -23.44
C GLY C 189 12.15 7.66 -23.82
N VAL C 190 12.03 6.83 -24.85
CA VAL C 190 13.11 5.92 -25.24
C VAL C 190 14.44 6.62 -25.53
N PHE C 191 14.39 7.82 -26.09
CA PHE C 191 15.61 8.52 -26.47
C PHE C 191 16.10 9.50 -25.40
N ALA C 192 15.17 10.04 -24.62
CA ALA C 192 15.51 11.09 -23.66
C ALA C 192 15.81 10.55 -22.27
N TRP C 193 15.34 9.33 -21.99
CA TRP C 193 15.53 8.70 -20.69
C TRP C 193 17.01 8.53 -20.36
N ASN C 194 17.42 9.05 -19.20
CA ASN C 194 18.82 9.00 -18.79
C ASN C 194 18.97 8.86 -17.28
N ILE C 195 19.54 7.74 -16.85
CA ILE C 195 19.76 7.48 -15.43
C ILE C 195 21.23 7.19 -15.12
N LYS C 196 22.13 7.82 -15.88
CA LYS C 196 23.57 7.60 -15.70
C LYS C 196 24.05 7.86 -14.28
N ASP C 197 23.54 8.94 -13.68
CA ASP C 197 23.94 9.30 -12.33
C ASP C 197 23.38 8.33 -11.29
N ARG C 198 22.38 7.55 -11.67
CA ARG C 198 21.65 6.73 -10.72
C ARG C 198 21.84 5.23 -10.92
N LEU C 199 22.64 4.85 -11.93
CA LEU C 199 22.91 3.45 -12.21
C LEU C 199 23.48 2.72 -10.99
N SER C 200 24.24 3.45 -10.18
CA SER C 200 24.89 2.87 -9.01
C SER C 200 23.90 2.57 -7.88
N SER C 201 22.64 2.94 -8.07
CA SER C 201 21.61 2.67 -7.09
C SER C 201 21.02 1.27 -7.31
N ILE C 202 21.23 0.73 -8.50
CA ILE C 202 20.78 -0.62 -8.83
C ILE C 202 21.65 -1.64 -8.12
N GLN C 203 21.05 -2.44 -7.24
CA GLN C 203 21.81 -3.35 -6.38
C GLN C 203 21.63 -4.82 -6.76
N ALA C 204 20.55 -5.13 -7.46
CA ALA C 204 20.26 -6.52 -7.85
C ALA C 204 21.31 -7.07 -8.81
N PRO C 205 21.54 -8.39 -8.76
CA PRO C 205 22.46 -9.05 -9.70
C PRO C 205 22.05 -8.82 -11.15
N THR C 206 22.98 -8.27 -11.95
CA THR C 206 22.66 -7.86 -13.31
C THR C 206 23.65 -8.40 -14.33
N LEU C 207 23.12 -9.03 -15.38
CA LEU C 207 23.95 -9.46 -16.50
C LEU C 207 23.60 -8.66 -17.75
N VAL C 208 24.56 -7.86 -18.22
CA VAL C 208 24.36 -7.08 -19.43
C VAL C 208 24.96 -7.80 -20.64
N VAL C 209 24.14 -8.00 -21.67
CA VAL C 209 24.57 -8.72 -22.86
C VAL C 209 24.54 -7.82 -24.09
N ALA C 210 25.68 -7.71 -24.77
CA ALA C 210 25.81 -6.82 -25.91
C ALA C 210 26.21 -7.56 -27.19
N GLY C 211 25.57 -7.19 -28.29
CA GLY C 211 25.95 -7.73 -29.59
C GLY C 211 27.12 -6.94 -30.16
N GLU C 212 28.09 -7.64 -30.74
CA GLU C 212 29.30 -7.01 -31.25
C GLU C 212 29.01 -6.11 -32.45
N GLU C 213 28.05 -6.52 -33.29
CA GLU C 213 27.75 -5.79 -34.51
C GLU C 213 26.52 -4.90 -34.38
N ASP C 214 26.06 -4.70 -33.15
CA ASP C 214 24.92 -3.82 -32.88
C ASP C 214 25.33 -2.36 -33.01
N LEU C 215 24.58 -1.61 -33.81
CA LEU C 215 24.86 -0.20 -34.07
C LEU C 215 23.80 0.71 -33.46
N VAL C 216 22.62 0.14 -33.19
CA VAL C 216 21.57 0.82 -32.44
C VAL C 216 22.01 1.04 -31.01
N THR C 217 22.39 -0.07 -30.37
CA THR C 217 22.94 -0.05 -29.03
C THR C 217 24.37 -0.58 -29.13
N THR C 218 25.35 0.32 -29.01
CA THR C 218 26.74 -0.05 -29.18
C THR C 218 27.28 -0.77 -27.95
N VAL C 219 28.41 -1.45 -28.10
CA VAL C 219 29.03 -2.15 -27.00
C VAL C 219 29.38 -1.16 -25.89
N ALA C 220 29.73 0.07 -26.29
CA ALA C 220 30.03 1.13 -25.34
C ALA C 220 28.80 1.46 -24.49
N ASN C 221 27.64 1.52 -25.14
CA ASN C 221 26.38 1.80 -24.46
C ASN C 221 26.08 0.79 -23.36
N ASN C 222 26.21 -0.50 -23.67
CA ASN C 222 25.99 -1.53 -22.67
C ASN C 222 27.08 -1.54 -21.60
N GLN C 223 28.31 -1.26 -22.00
CA GLN C 223 29.43 -1.31 -21.09
C GLN C 223 29.34 -0.20 -20.04
N LEU C 224 28.75 0.92 -20.42
CA LEU C 224 28.45 1.97 -19.44
C LEU C 224 27.60 1.40 -18.32
N LEU C 225 26.49 0.79 -18.72
CA LEU C 225 25.55 0.13 -17.83
C LEU C 225 26.25 -0.88 -16.90
N ALA C 226 26.98 -1.81 -17.51
CA ALA C 226 27.66 -2.86 -16.76
C ALA C 226 28.70 -2.28 -15.80
N ASP C 227 29.37 -1.22 -16.21
CA ASP C 227 30.44 -0.65 -15.42
C ASP C 227 29.92 0.22 -14.27
N ASN C 228 28.72 0.76 -14.39
CA ASN C 228 28.23 1.61 -13.30
C ASN C 228 27.24 0.91 -12.36
N ILE C 229 26.78 -0.27 -12.74
CA ILE C 229 25.93 -1.06 -11.83
C ILE C 229 26.79 -1.99 -10.97
N PRO C 230 26.68 -1.87 -9.64
CA PRO C 230 27.47 -2.68 -8.71
C PRO C 230 27.30 -4.18 -8.92
N GLY C 231 28.40 -4.88 -9.19
CA GLY C 231 28.38 -6.32 -9.34
C GLY C 231 27.79 -6.80 -10.66
N ALA C 232 27.58 -5.88 -11.59
CA ALA C 232 27.04 -6.23 -12.90
C ALA C 232 28.11 -6.91 -13.75
N GLU C 233 27.69 -7.88 -14.56
CA GLU C 233 28.60 -8.55 -15.47
C GLU C 233 28.24 -8.25 -16.92
N LEU C 234 29.26 -8.21 -17.76
CA LEU C 234 29.06 -7.90 -19.16
C LEU C 234 29.54 -9.04 -20.05
N ARG C 235 28.73 -9.37 -21.04
CA ARG C 235 29.13 -10.37 -22.03
C ARG C 235 28.88 -9.82 -23.43
N VAL C 236 29.96 -9.59 -24.17
CA VAL C 236 29.86 -9.17 -25.56
C VAL C 236 29.73 -10.40 -26.45
N ILE C 237 28.70 -10.46 -27.28
CA ILE C 237 28.45 -11.67 -28.07
C ILE C 237 28.88 -11.51 -29.53
N ASN C 238 29.67 -12.47 -30.02
CA ASN C 238 30.14 -12.48 -31.39
C ASN C 238 29.00 -12.76 -32.39
N ASP C 239 29.15 -12.21 -33.60
CA ASP C 239 28.23 -12.43 -34.71
C ASP C 239 26.77 -12.08 -34.39
N VAL C 240 26.56 -11.19 -33.43
CA VAL C 240 25.20 -10.87 -32.98
C VAL C 240 25.00 -9.36 -32.91
N GLY C 241 23.79 -8.90 -33.23
CA GLY C 241 23.47 -7.49 -33.14
C GLY C 241 22.54 -7.17 -31.99
N HIS C 242 21.34 -6.70 -32.32
CA HIS C 242 20.40 -6.19 -31.32
C HIS C 242 19.49 -7.29 -30.78
N PHE C 243 19.30 -8.35 -31.56
CA PHE C 243 18.32 -9.38 -31.20
C PHE C 243 18.97 -10.75 -31.00
N TYR C 244 19.76 -10.87 -29.94
CA TYR C 244 20.46 -12.11 -29.61
C TYR C 244 19.50 -13.28 -29.44
N GLN C 245 18.33 -13.02 -28.82
CA GLN C 245 17.36 -14.07 -28.58
C GLN C 245 16.76 -14.62 -29.88
N LEU C 246 16.95 -13.88 -30.97
CA LEU C 246 16.38 -14.26 -32.25
C LEU C 246 17.45 -14.70 -33.24
N GLU C 247 18.62 -14.07 -33.16
CA GLU C 247 19.73 -14.38 -34.06
C GLU C 247 20.35 -15.74 -33.74
N ARG C 248 20.57 -15.99 -32.46
CA ARG C 248 21.05 -17.29 -32.00
C ARG C 248 20.28 -17.73 -30.76
N PRO C 249 19.01 -18.12 -30.95
CA PRO C 249 18.06 -18.39 -29.85
C PRO C 249 18.53 -19.41 -28.82
N SER C 250 19.09 -20.53 -29.27
CA SER C 250 19.51 -21.60 -28.38
C SER C 250 20.59 -21.15 -27.41
N GLU C 251 21.60 -20.46 -27.94
CA GLU C 251 22.70 -19.96 -27.13
C GLU C 251 22.24 -18.92 -26.11
N PHE C 252 21.36 -18.02 -26.55
CA PHE C 252 20.78 -17.04 -25.63
C PHE C 252 20.02 -17.76 -24.53
N ASN C 253 19.31 -18.83 -24.90
CA ASN C 253 18.55 -19.61 -23.94
C ASN C 253 19.45 -20.24 -22.89
N GLU C 254 20.59 -20.79 -23.30
CA GLU C 254 21.49 -21.37 -22.32
C GLU C 254 22.11 -20.29 -21.43
N LEU C 255 22.40 -19.12 -22.02
CA LEU C 255 22.95 -18.02 -21.24
C LEU C 255 21.95 -17.55 -20.18
N LEU C 256 20.67 -17.50 -20.55
CA LEU C 256 19.62 -17.09 -19.63
C LEU C 256 19.40 -18.14 -18.54
N ARG C 257 19.53 -19.41 -18.92
CA ARG C 257 19.45 -20.49 -17.94
C ARG C 257 20.66 -20.45 -17.00
N GLY C 258 21.72 -19.77 -17.46
CA GLY C 258 22.92 -19.59 -16.68
C GLY C 258 22.68 -19.14 -15.24
N PHE C 259 21.94 -18.05 -15.06
CA PHE C 259 21.61 -17.57 -13.73
C PHE C 259 20.17 -17.88 -13.34
N VAL C 260 20.02 -18.57 -12.21
CA VAL C 260 18.71 -18.99 -11.71
C VAL C 260 17.79 -17.81 -11.42
N PRO D 2 21.26 16.96 15.94
CA PRO D 2 22.01 17.02 17.19
C PRO D 2 22.90 18.27 17.27
N HIS D 3 23.74 18.33 18.30
CA HIS D 3 24.61 19.48 18.51
C HIS D 3 25.95 19.05 19.11
N VAL D 4 27.03 19.72 18.71
CA VAL D 4 28.35 19.42 19.24
C VAL D 4 28.99 20.69 19.79
N GLU D 5 29.96 20.55 20.69
CA GLU D 5 30.55 21.73 21.30
C GLU D 5 31.99 21.99 20.84
N ASN D 6 32.25 23.24 20.49
CA ASN D 6 33.59 23.71 20.14
C ASN D 6 33.71 25.14 20.60
N ASP D 7 34.74 25.44 21.41
CA ASP D 7 34.92 26.77 22.03
C ASP D 7 33.87 26.98 23.12
N GLY D 8 33.24 25.89 23.55
CA GLY D 8 32.11 26.00 24.44
C GLY D 8 30.94 26.63 23.71
N VAL D 9 31.07 26.68 22.38
CA VAL D 9 30.04 27.19 21.50
C VAL D 9 29.34 25.99 20.87
N LYS D 10 28.02 25.96 20.98
CA LYS D 10 27.25 24.85 20.46
C LYS D 10 26.92 25.02 18.99
N ILE D 11 27.35 24.06 18.19
CA ILE D 11 27.08 24.04 16.76
C ILE D 11 26.04 22.97 16.46
N TYR D 12 24.93 23.39 15.86
CA TYR D 12 23.89 22.46 15.49
C TYR D 12 24.18 21.85 14.13
N TYR D 13 23.80 20.58 13.97
CA TYR D 13 23.92 19.89 12.70
C TYR D 13 22.84 18.83 12.56
N ASP D 14 22.48 18.52 11.33
CA ASP D 14 21.61 17.39 11.05
C ASP D 14 22.36 16.36 10.21
N SER D 15 22.08 15.08 10.47
CA SER D 15 22.75 13.99 9.77
C SER D 15 21.74 12.94 9.32
N TYR D 16 21.67 12.73 8.00
CA TYR D 16 20.78 11.72 7.45
C TYR D 16 21.54 10.79 6.51
N GLY D 17 21.13 9.51 6.49
CA GLY D 17 21.65 8.56 5.52
C GLY D 17 22.99 7.93 5.82
N GLU D 18 23.46 7.10 4.91
CA GLU D 18 24.72 6.36 5.07
C GLU D 18 25.57 6.39 3.79
N GLY D 19 26.88 6.25 3.93
CA GLY D 19 27.77 6.14 2.80
C GLY D 19 28.82 7.23 2.69
N VAL D 20 29.10 7.66 1.46
CA VAL D 20 30.04 8.74 1.20
C VAL D 20 29.47 10.05 1.74
N PRO D 21 30.17 10.67 2.69
CA PRO D 21 29.66 11.87 3.36
C PRO D 21 29.62 13.11 2.46
N ILE D 22 28.53 13.86 2.54
CA ILE D 22 28.43 15.16 1.91
C ILE D 22 28.05 16.22 2.94
N VAL D 23 28.91 17.23 3.08
CA VAL D 23 28.71 18.30 4.06
C VAL D 23 28.18 19.57 3.40
N PHE D 24 26.98 19.99 3.80
CA PHE D 24 26.38 21.18 3.23
C PHE D 24 26.59 22.41 4.11
N LEU D 25 27.13 23.47 3.52
CA LEU D 25 27.47 24.67 4.26
C LEU D 25 26.73 25.89 3.70
N HIS D 26 25.82 26.44 4.51
CA HIS D 26 24.90 27.48 4.05
C HIS D 26 25.56 28.86 3.94
N PRO D 27 24.93 29.76 3.17
CA PRO D 27 25.44 31.13 3.04
C PRO D 27 25.26 31.99 4.28
N PHE D 28 25.86 33.17 4.25
CA PHE D 28 25.81 34.12 5.36
C PHE D 28 24.37 34.57 5.64
N SER D 29 24.05 34.73 6.93
CA SER D 29 22.76 35.19 7.43
C SER D 29 21.63 34.16 7.31
N THR D 30 21.90 33.02 6.69
CA THR D 30 20.90 31.97 6.56
C THR D 30 21.18 30.81 7.51
N ASN D 31 20.61 29.64 7.19
CA ASN D 31 20.91 28.42 7.93
C ASN D 31 20.74 27.18 7.05
N GLY D 32 20.83 26.00 7.67
CA GLY D 32 20.86 24.75 6.94
C GLY D 32 19.61 24.39 6.16
N GLY D 33 18.47 24.94 6.57
CA GLY D 33 17.21 24.69 5.91
C GLY D 33 17.23 24.98 4.41
N ILE D 34 18.11 25.90 4.02
CA ILE D 34 18.31 26.26 2.62
C ILE D 34 18.66 25.06 1.74
N TRP D 35 19.12 23.97 2.34
CA TRP D 35 19.49 22.78 1.59
C TRP D 35 18.38 21.73 1.54
N TYR D 36 17.14 22.17 1.81
CA TYR D 36 16.00 21.25 1.90
C TYR D 36 15.84 20.34 0.69
N PHE D 37 16.07 20.87 -0.51
CA PHE D 37 15.88 20.10 -1.73
C PHE D 37 17.09 19.23 -2.07
N GLN D 38 18.21 19.48 -1.40
CA GLN D 38 19.41 18.68 -1.62
C GLN D 38 19.55 17.62 -0.55
N THR D 39 19.26 18.00 0.69
CA THR D 39 19.50 17.18 1.88
C THR D 39 18.97 15.75 1.77
N PHE D 40 17.72 15.60 1.38
CA PHE D 40 17.05 14.30 1.46
C PHE D 40 17.19 13.40 0.22
N PRO D 41 17.21 13.98 -0.99
CA PRO D 41 17.56 13.10 -2.13
C PRO D 41 18.93 12.46 -1.95
N PHE D 42 19.95 13.27 -1.71
CA PHE D 42 21.31 12.76 -1.52
C PHE D 42 21.46 11.89 -0.28
N ALA D 43 20.53 12.02 0.67
CA ALA D 43 20.53 11.16 1.84
C ALA D 43 20.19 9.71 1.47
N GLN D 44 19.69 9.51 0.25
CA GLN D 44 19.40 8.17 -0.24
C GLN D 44 20.68 7.42 -0.61
N THR D 45 21.64 8.16 -1.15
CA THR D 45 22.85 7.57 -1.70
C THR D 45 24.10 7.96 -0.91
N ASN D 46 23.97 8.99 -0.08
CA ASN D 46 25.12 9.52 0.65
C ASN D 46 24.84 9.78 2.13
N HIS D 47 25.91 10.04 2.88
CA HIS D 47 25.77 10.45 4.27
C HIS D 47 25.73 11.98 4.34
N VAL D 48 24.52 12.52 4.33
CA VAL D 48 24.32 13.96 4.29
C VAL D 48 24.45 14.61 5.66
N ILE D 49 25.34 15.59 5.74
CA ILE D 49 25.55 16.36 6.97
C ILE D 49 25.33 17.85 6.70
N VAL D 50 24.31 18.41 7.33
CA VAL D 50 23.98 19.83 7.14
C VAL D 50 24.26 20.62 8.40
N ILE D 51 25.09 21.66 8.29
CA ILE D 51 25.58 22.38 9.46
C ILE D 51 25.08 23.83 9.52
N ASP D 52 24.63 24.22 10.71
CA ASP D 52 24.39 25.62 11.02
C ASP D 52 25.67 26.25 11.57
N HIS D 53 26.19 27.25 10.87
CA HIS D 53 27.36 27.98 11.33
C HIS D 53 27.07 28.65 12.67
N ARG D 54 28.11 28.94 13.43
CA ARG D 54 27.94 29.68 14.68
C ARG D 54 27.43 31.08 14.36
N GLY D 55 26.51 31.58 15.18
CA GLY D 55 25.90 32.87 14.93
C GLY D 55 24.70 32.76 14.01
N HIS D 56 24.37 31.54 13.60
CA HIS D 56 23.26 31.32 12.67
C HIS D 56 22.27 30.28 13.18
N GLY D 57 20.99 30.52 12.90
CA GLY D 57 19.94 29.55 13.11
C GLY D 57 19.86 28.92 14.49
N ARG D 58 20.12 27.61 14.54
CA ARG D 58 19.95 26.83 15.76
C ARG D 58 21.26 26.70 16.54
N SER D 59 22.35 27.21 15.97
CA SER D 59 23.64 27.17 16.65
C SER D 59 23.79 28.35 17.60
N ASP D 60 24.75 28.25 18.51
CA ASP D 60 25.01 29.33 19.46
C ASP D 60 25.51 30.58 18.73
N LYS D 61 25.31 31.73 19.35
CA LYS D 61 25.66 33.00 18.73
C LYS D 61 26.48 33.87 19.68
N PRO D 62 27.76 33.52 19.89
CA PRO D 62 28.65 34.26 20.79
C PRO D 62 28.98 35.66 20.29
N ALA D 63 29.57 36.47 21.15
CA ALA D 63 29.98 37.82 20.80
C ALA D 63 31.09 37.79 19.76
N THR D 64 32.05 36.90 19.96
CA THR D 64 33.18 36.65 19.05
C THR D 64 33.55 35.17 19.22
N GLY D 65 34.33 34.59 18.31
CA GLY D 65 34.81 35.23 17.09
C GLY D 65 34.35 34.49 15.86
N TYR D 66 34.18 35.23 14.76
CA TYR D 66 33.65 34.65 13.54
C TYR D 66 34.67 34.68 12.41
N SER D 67 35.88 34.21 12.70
CA SER D 67 36.88 34.02 11.67
C SER D 67 36.57 32.72 10.92
N ILE D 68 36.97 32.65 9.65
CA ILE D 68 36.67 31.48 8.83
C ILE D 68 37.39 30.23 9.35
N MET D 69 38.55 30.43 9.95
CA MET D 69 39.30 29.33 10.55
C MET D 69 38.49 28.67 11.66
N GLU D 70 37.87 29.49 12.49
CA GLU D 70 37.07 28.98 13.61
C GLU D 70 35.81 28.26 13.13
N HIS D 71 35.16 28.80 12.10
CA HIS D 71 34.02 28.14 11.45
C HIS D 71 34.43 26.76 10.93
N ALA D 72 35.53 26.73 10.20
CA ALA D 72 36.08 25.49 9.66
C ALA D 72 36.36 24.49 10.78
N ASP D 73 36.88 24.99 11.89
CA ASP D 73 37.18 24.15 13.05
C ASP D 73 35.88 23.59 13.66
N ASP D 74 34.80 24.37 13.57
CA ASP D 74 33.49 23.89 14.00
C ASP D 74 33.05 22.71 13.12
N VAL D 75 33.22 22.87 11.81
CA VAL D 75 32.94 21.77 10.89
C VAL D 75 33.76 20.53 11.25
N VAL D 76 35.04 20.73 11.56
CA VAL D 76 35.91 19.63 11.97
C VAL D 76 35.38 18.95 13.23
N ALA D 77 34.87 19.75 14.16
CA ALA D 77 34.26 19.23 15.38
C ALA D 77 33.08 18.32 15.06
N VAL D 78 32.18 18.79 14.20
CA VAL D 78 31.04 18.00 13.78
C VAL D 78 31.49 16.68 13.12
N LEU D 79 32.48 16.78 12.25
CA LEU D 79 33.03 15.61 11.58
C LEU D 79 33.62 14.61 12.58
N ASP D 80 34.18 15.14 13.67
CA ASP D 80 34.77 14.29 14.70
C ASP D 80 33.69 13.56 15.49
N ALA D 81 32.63 14.27 15.87
CA ALA D 81 31.55 13.65 16.62
C ALA D 81 30.87 12.54 15.83
N LEU D 82 30.81 12.70 14.52
CA LEU D 82 30.17 11.71 13.65
C LEU D 82 31.15 10.65 13.17
N LYS D 83 32.36 10.68 13.73
CA LYS D 83 33.42 9.74 13.38
C LYS D 83 33.62 9.66 11.86
N VAL D 84 33.54 10.80 11.20
CA VAL D 84 33.70 10.87 9.76
C VAL D 84 35.12 11.24 9.39
N ASP D 85 35.76 10.42 8.56
CA ASP D 85 37.13 10.67 8.13
C ASP D 85 37.19 11.77 7.07
N ARG D 86 36.48 11.57 5.96
CA ARG D 86 36.49 12.56 4.88
C ARG D 86 35.10 12.82 4.33
N ALA D 87 34.94 13.96 3.68
CA ALA D 87 33.65 14.32 3.10
C ALA D 87 33.80 15.16 1.84
N VAL D 88 32.76 15.13 1.01
CA VAL D 88 32.63 16.05 -0.11
C VAL D 88 32.01 17.36 0.38
N PHE D 89 32.66 18.48 0.17
CA PHE D 89 32.14 19.72 0.74
C PHE D 89 31.41 20.61 -0.27
N VAL D 90 30.15 20.89 0.04
CA VAL D 90 29.34 21.79 -0.76
C VAL D 90 29.10 23.10 0.00
N GLY D 91 29.86 24.13 -0.33
CA GLY D 91 29.74 25.41 0.34
C GLY D 91 29.25 26.56 -0.54
N ASN D 92 28.29 27.33 -0.01
CA ASN D 92 27.74 28.50 -0.67
C ASN D 92 28.13 29.78 0.08
N SER D 93 28.67 30.76 -0.64
CA SER D 93 29.15 32.01 -0.04
C SER D 93 30.18 31.72 1.05
N ILE D 94 29.82 32.01 2.29
CA ILE D 94 30.74 31.84 3.41
C ILE D 94 31.04 30.36 3.62
N GLY D 95 30.12 29.51 3.18
CA GLY D 95 30.30 28.07 3.25
C GLY D 95 31.45 27.62 2.37
N GLY D 96 31.58 28.24 1.20
CA GLY D 96 32.67 27.96 0.29
C GLY D 96 34.00 28.38 0.90
N MET D 97 33.99 29.53 1.57
CA MET D 97 35.17 30.03 2.26
C MET D 97 35.61 29.04 3.33
N ILE D 98 34.63 28.56 4.10
CA ILE D 98 34.88 27.59 5.16
C ILE D 98 35.46 26.30 4.57
N ALA D 99 34.91 25.87 3.44
CA ALA D 99 35.38 24.68 2.76
C ALA D 99 36.82 24.83 2.29
N MET D 100 37.17 26.00 1.78
CA MET D 100 38.52 26.25 1.31
C MET D 100 39.52 26.34 2.47
N GLN D 101 39.11 26.99 3.55
CA GLN D 101 39.92 27.04 4.77
C GLN D 101 40.18 25.63 5.29
N LEU D 102 39.13 24.81 5.25
CA LEU D 102 39.21 23.43 5.70
C LEU D 102 40.15 22.63 4.79
N ASN D 103 40.13 22.97 3.51
CA ASN D 103 41.05 22.35 2.54
C ASN D 103 42.49 22.72 2.85
N LEU D 104 42.71 23.97 3.26
CA LEU D 104 44.04 24.42 3.62
C LEU D 104 44.54 23.75 4.91
N ASP D 105 43.64 23.59 5.87
CA ASP D 105 44.02 23.12 7.20
C ASP D 105 43.90 21.60 7.37
N HIS D 106 42.92 20.99 6.72
CA HIS D 106 42.67 19.56 6.89
C HIS D 106 42.37 18.83 5.58
N PRO D 107 43.36 18.75 4.67
CA PRO D 107 43.14 18.11 3.37
C PRO D 107 42.85 16.61 3.48
N GLN D 108 43.17 16.02 4.62
CA GLN D 108 42.90 14.62 4.87
C GLN D 108 41.43 14.37 5.18
N ARG D 109 40.63 15.42 5.12
CA ARG D 109 39.21 15.34 5.43
C ARG D 109 38.37 15.65 4.20
N VAL D 110 39.03 15.83 3.06
CA VAL D 110 38.34 16.29 1.86
C VAL D 110 38.40 15.28 0.72
N ILE D 111 37.22 14.88 0.24
CA ILE D 111 37.12 14.06 -0.96
C ILE D 111 37.16 14.97 -2.19
N GLY D 112 36.35 16.03 -2.13
CA GLY D 112 36.28 17.02 -3.20
C GLY D 112 35.47 18.21 -2.75
N ASN D 113 35.45 19.27 -3.56
CA ASN D 113 34.72 20.48 -3.21
C ASN D 113 33.78 20.97 -4.30
N LEU D 114 32.57 21.35 -3.93
CA LEU D 114 31.73 22.15 -4.80
C LEU D 114 31.59 23.53 -4.19
N ILE D 115 32.24 24.52 -4.80
CA ILE D 115 32.17 25.90 -4.34
C ILE D 115 31.09 26.65 -5.11
N LEU D 116 30.00 26.98 -4.41
CA LEU D 116 28.87 27.65 -5.05
C LEU D 116 28.79 29.13 -4.68
N SER D 117 28.98 30.01 -5.66
CA SER D 117 28.82 31.45 -5.48
C SER D 117 29.64 31.99 -4.33
N SER D 118 30.96 31.88 -4.43
CA SER D 118 31.83 32.31 -3.33
C SER D 118 32.99 33.17 -3.82
N GLY D 119 33.95 33.40 -2.94
CA GLY D 119 35.12 34.20 -3.26
C GLY D 119 36.05 34.36 -2.10
N THR D 120 37.09 35.17 -2.28
CA THR D 120 38.04 35.45 -1.22
C THR D 120 38.47 36.91 -1.29
N GLY D 121 38.74 37.50 -0.13
CA GLY D 121 39.05 38.93 -0.05
C GLY D 121 37.88 39.74 -0.57
N LEU D 122 36.68 39.39 -0.11
CA LEU D 122 35.44 39.93 -0.65
C LEU D 122 35.26 41.41 -0.33
N GLY D 123 35.60 41.78 0.90
CA GLY D 123 35.37 43.13 1.38
C GLY D 123 36.08 44.23 0.62
N GLU D 124 37.29 43.97 0.15
CA GLU D 124 38.08 45.00 -0.50
C GLU D 124 37.57 45.31 -1.90
N GLY D 125 36.80 44.38 -2.46
CA GLY D 125 36.23 44.59 -3.78
C GLY D 125 34.93 45.37 -3.72
N MET D 126 34.43 45.58 -2.51
CA MET D 126 33.16 46.28 -2.32
C MET D 126 33.41 47.78 -2.22
N PRO D 127 32.40 48.60 -2.58
CA PRO D 127 32.64 50.05 -2.53
C PRO D 127 32.80 50.56 -1.10
N PRO D 128 33.63 51.61 -0.92
CA PRO D 128 33.82 52.22 0.40
C PRO D 128 32.51 52.63 1.03
N GLU D 129 31.49 52.86 0.19
CA GLU D 129 30.18 53.33 0.64
C GLU D 129 29.41 52.29 1.44
N ALA D 130 29.53 51.02 1.03
CA ALA D 130 28.72 49.93 1.58
C ALA D 130 28.86 49.79 3.10
N GLY D 131 30.09 49.83 3.57
CA GLY D 131 30.38 49.71 4.99
C GLY D 131 29.60 50.72 5.82
N ALA D 132 29.54 51.97 5.33
CA ALA D 132 28.78 53.02 6.00
C ALA D 132 27.29 52.76 5.86
N ALA D 133 26.88 52.36 4.66
CA ALA D 133 25.48 52.06 4.37
C ALA D 133 24.89 51.05 5.35
N PHE D 134 25.68 50.05 5.75
CA PHE D 134 25.15 48.98 6.58
C PHE D 134 24.92 49.38 8.04
N GLN D 135 25.62 50.39 8.53
CA GLN D 135 25.39 50.85 9.90
C GLN D 135 24.44 52.04 9.92
N ASN D 136 24.33 52.72 8.79
CA ASN D 136 23.39 53.82 8.66
C ASN D 136 21.98 53.33 8.38
N ASP D 137 21.86 52.37 7.47
CA ASP D 137 20.58 51.74 7.18
C ASP D 137 20.79 50.24 6.97
N TYR D 138 20.79 49.49 8.06
CA TYR D 138 21.10 48.06 8.04
C TYR D 138 20.13 47.25 7.19
N ILE D 139 18.85 47.33 7.53
CA ILE D 139 17.79 46.61 6.83
C ILE D 139 17.74 46.99 5.35
N GLY D 140 17.81 48.28 5.06
CA GLY D 140 17.79 48.77 3.70
C GLY D 140 18.97 48.29 2.88
N ALA D 141 20.17 48.41 3.44
CA ALA D 141 21.39 47.99 2.76
C ALA D 141 21.41 46.48 2.49
N PHE D 142 21.04 45.69 3.49
CA PHE D 142 21.07 44.24 3.31
C PHE D 142 19.99 43.80 2.32
N GLY D 143 18.81 44.41 2.42
CA GLY D 143 17.73 44.13 1.50
C GLY D 143 18.16 44.40 0.07
N GLY D 144 18.75 45.58 -0.14
CA GLY D 144 19.26 45.95 -1.44
C GLY D 144 20.35 45.01 -1.92
N LEU D 145 21.17 44.53 -1.00
CA LEU D 145 22.24 43.59 -1.33
C LEU D 145 21.66 42.26 -1.80
N LEU D 146 20.61 41.81 -1.14
CA LEU D 146 19.93 40.58 -1.51
C LEU D 146 19.15 40.73 -2.81
N GLU D 147 18.81 41.97 -3.16
CA GLU D 147 18.11 42.22 -4.42
C GLU D 147 19.02 42.00 -5.63
N GLY D 148 20.32 41.88 -5.39
CA GLY D 148 21.27 41.59 -6.45
C GLY D 148 21.73 40.14 -6.41
N ALA D 149 21.15 39.38 -5.49
CA ALA D 149 21.56 37.99 -5.27
C ALA D 149 20.63 37.00 -5.95
N VAL D 150 19.50 37.50 -6.43
CA VAL D 150 18.51 36.65 -7.10
C VAL D 150 18.35 37.09 -8.55
N SER D 151 18.22 36.13 -9.46
CA SER D 151 18.10 36.44 -10.88
C SER D 151 16.74 37.05 -11.19
N ALA D 152 16.64 37.67 -12.37
CA ALA D 152 15.38 38.27 -12.81
C ALA D 152 14.31 37.21 -12.97
N ARG D 153 14.67 36.08 -13.58
CA ARG D 153 13.71 35.00 -13.80
C ARG D 153 13.26 34.39 -12.48
N SER D 154 14.15 34.35 -11.50
CA SER D 154 13.79 33.79 -10.20
C SER D 154 12.89 34.75 -9.42
N LYS D 155 13.17 36.04 -9.52
CA LYS D 155 12.29 37.05 -8.93
C LYS D 155 10.91 36.99 -9.57
N ARG D 156 10.90 36.70 -10.86
CA ARG D 156 9.68 36.64 -11.65
C ARG D 156 8.82 35.42 -11.29
N GLU D 157 9.46 34.26 -11.30
CA GLU D 157 8.75 32.98 -11.17
C GLU D 157 8.72 32.46 -9.73
N ARG D 158 9.71 32.83 -8.93
CA ARG D 158 9.78 32.35 -7.54
C ARG D 158 10.11 33.47 -6.55
N PRO D 159 9.11 34.33 -6.26
CA PRO D 159 9.30 35.45 -5.31
C PRO D 159 9.60 34.98 -3.88
N GLU D 160 9.20 33.76 -3.57
CA GLU D 160 9.38 33.18 -2.24
C GLU D 160 10.85 33.10 -1.84
N ILE D 161 11.73 33.01 -2.83
CA ILE D 161 13.16 32.91 -2.58
C ILE D 161 13.72 34.21 -1.99
N LEU D 162 13.52 35.32 -2.69
CA LEU D 162 13.95 36.61 -2.18
C LEU D 162 13.22 36.94 -0.89
N ALA D 163 11.96 36.52 -0.80
CA ALA D 163 11.18 36.69 0.42
C ALA D 163 11.87 36.04 1.63
N VAL D 164 12.23 34.77 1.50
CA VAL D 164 12.81 34.04 2.62
C VAL D 164 14.24 34.50 2.90
N MET D 165 14.96 34.89 1.85
CA MET D 165 16.31 35.42 2.03
C MET D 165 16.26 36.73 2.81
N LYS D 166 15.30 37.59 2.48
CA LYS D 166 15.12 38.83 3.21
C LYS D 166 14.63 38.57 4.63
N ALA D 167 13.92 37.46 4.80
CA ALA D 167 13.41 37.09 6.10
C ALA D 167 14.52 36.60 7.04
N HIS D 168 15.51 35.93 6.48
CA HIS D 168 16.59 35.33 7.29
C HIS D 168 17.36 36.35 8.13
N PHE D 169 17.70 37.49 7.56
CA PHE D 169 18.47 38.49 8.30
C PHE D 169 17.57 39.45 9.08
N SER D 170 16.27 39.33 8.86
CA SER D 170 15.31 40.21 9.54
C SER D 170 14.76 39.57 10.81
N VAL D 171 15.02 38.27 10.97
CA VAL D 171 14.61 37.55 12.17
C VAL D 171 15.81 37.32 13.08
N PRO D 172 15.91 38.10 14.16
CA PRO D 172 17.06 38.09 15.09
C PRO D 172 17.32 36.73 15.72
N SER D 173 16.29 35.90 15.81
CA SER D 173 16.43 34.55 16.35
C SER D 173 17.34 33.72 15.46
N ASN D 174 17.32 34.02 14.16
CA ASN D 174 18.13 33.32 13.18
C ASN D 174 19.46 34.04 12.93
N PHE D 175 19.40 35.36 12.83
CA PHE D 175 20.58 36.15 12.52
C PHE D 175 20.51 37.52 13.17
N PRO D 176 21.03 37.64 14.40
CA PRO D 176 21.09 38.92 15.11
C PRO D 176 22.20 39.81 14.57
N LYS D 177 22.07 41.11 14.74
CA LYS D 177 23.00 42.04 14.12
C LYS D 177 24.37 42.02 14.78
N HIS D 178 24.45 41.57 16.03
CA HIS D 178 25.72 41.54 16.73
C HIS D 178 26.64 40.51 16.07
N VAL D 179 26.04 39.45 15.52
CA VAL D 179 26.79 38.45 14.77
C VAL D 179 27.30 39.06 13.46
N PHE D 180 26.46 39.85 12.80
CA PHE D 180 26.85 40.53 11.57
C PHE D 180 28.02 41.48 11.82
N ASP D 181 27.92 42.27 12.87
CA ASP D 181 28.95 43.23 13.22
C ASP D 181 30.26 42.55 13.61
N ALA D 182 30.14 41.48 14.40
CA ALA D 182 31.31 40.71 14.82
C ALA D 182 32.02 40.09 13.62
N ALA D 183 31.25 39.49 12.72
CA ALA D 183 31.81 38.85 11.53
C ALA D 183 32.43 39.89 10.60
N THR D 184 31.80 41.06 10.53
CA THR D 184 32.27 42.16 9.70
C THR D 184 33.61 42.70 10.21
N ALA D 185 33.73 42.76 11.54
CA ALA D 185 34.88 43.38 12.16
C ALA D 185 36.08 42.44 12.26
N ASP D 186 35.84 41.14 12.18
CA ASP D 186 36.91 40.16 12.31
C ASP D 186 37.87 40.23 11.13
N PRO D 187 39.17 40.33 11.42
CA PRO D 187 40.24 40.47 10.41
C PRO D 187 40.31 39.27 9.47
N ASN D 188 39.63 38.18 9.82
CA ASN D 188 39.59 36.99 8.96
C ASN D 188 38.16 36.48 8.83
N GLY D 189 37.20 37.40 8.95
CA GLY D 189 35.80 37.07 8.80
C GLY D 189 35.39 37.05 7.34
N VAL D 190 34.10 36.92 7.09
CA VAL D 190 33.57 36.71 5.74
C VAL D 190 34.01 37.78 4.73
N PHE D 191 34.23 39.00 5.21
CA PHE D 191 34.59 40.12 4.34
C PHE D 191 36.10 40.30 4.21
N ALA D 192 36.83 40.00 5.28
CA ALA D 192 38.26 40.26 5.31
C ALA D 192 39.09 39.04 4.94
N TRP D 193 38.50 37.85 5.05
CA TRP D 193 39.18 36.60 4.77
C TRP D 193 39.77 36.58 3.35
N ASN D 194 41.06 36.32 3.26
CA ASN D 194 41.78 36.39 1.99
C ASN D 194 42.88 35.34 1.88
N ILE D 195 42.71 34.39 0.96
CA ILE D 195 43.71 33.34 0.75
C ILE D 195 44.12 33.24 -0.72
N LYS D 196 44.16 34.37 -1.41
CA LYS D 196 44.47 34.41 -2.84
C LYS D 196 45.75 33.66 -3.23
N ASP D 197 46.80 33.79 -2.42
CA ASP D 197 48.08 33.20 -2.75
C ASP D 197 48.18 31.73 -2.33
N ARG D 198 47.26 31.30 -1.48
CA ARG D 198 47.25 29.92 -1.00
C ARG D 198 46.27 29.04 -1.77
N LEU D 199 45.55 29.65 -2.72
CA LEU D 199 44.55 28.91 -3.49
C LEU D 199 45.17 27.77 -4.29
N SER D 200 46.42 27.96 -4.70
CA SER D 200 47.13 26.97 -5.51
C SER D 200 47.53 25.74 -4.68
N SER D 201 47.28 25.81 -3.38
CA SER D 201 47.61 24.69 -2.49
C SER D 201 46.43 23.76 -2.31
N ILE D 202 45.23 24.23 -2.65
CA ILE D 202 44.04 23.39 -2.64
C ILE D 202 44.15 22.34 -3.74
N GLN D 203 44.13 21.07 -3.35
CA GLN D 203 44.49 20.01 -4.29
C GLN D 203 43.35 19.06 -4.60
N ALA D 204 42.29 19.11 -3.79
CA ALA D 204 41.14 18.26 -4.00
C ALA D 204 40.42 18.63 -5.28
N PRO D 205 39.74 17.65 -5.91
CA PRO D 205 38.89 17.94 -7.07
C PRO D 205 37.84 18.99 -6.74
N THR D 206 37.86 20.12 -7.44
CA THR D 206 37.01 21.24 -7.08
C THR D 206 36.18 21.76 -8.26
N LEU D 207 34.87 21.88 -8.03
CA LEU D 207 33.98 22.46 -9.02
C LEU D 207 33.42 23.80 -8.52
N VAL D 208 33.81 24.88 -9.18
CA VAL D 208 33.32 26.20 -8.83
C VAL D 208 32.12 26.57 -9.69
N VAL D 209 31.02 26.97 -9.07
CA VAL D 209 29.79 27.25 -9.78
C VAL D 209 29.33 28.68 -9.54
N ALA D 210 29.14 29.44 -10.61
CA ALA D 210 28.75 30.84 -10.50
C ALA D 210 27.50 31.15 -11.31
N GLY D 211 26.63 31.99 -10.74
CA GLY D 211 25.42 32.41 -11.43
C GLY D 211 25.67 33.63 -12.29
N GLU D 212 25.03 33.69 -13.44
CA GLU D 212 25.22 34.77 -14.39
C GLU D 212 24.81 36.13 -13.82
N GLU D 213 23.75 36.14 -13.01
CA GLU D 213 23.19 37.40 -12.52
C GLU D 213 23.48 37.67 -11.05
N ASP D 214 24.49 36.99 -10.51
CA ASP D 214 24.93 37.18 -9.14
C ASP D 214 25.76 38.47 -9.02
N LEU D 215 25.34 39.35 -8.11
CA LEU D 215 26.05 40.61 -7.87
C LEU D 215 26.85 40.58 -6.57
N VAL D 216 26.46 39.72 -5.63
CA VAL D 216 27.17 39.60 -4.35
C VAL D 216 28.55 39.00 -4.57
N THR D 217 28.58 37.87 -5.28
CA THR D 217 29.82 37.28 -5.76
C THR D 217 29.78 37.22 -7.29
N THR D 218 30.55 38.09 -7.94
CA THR D 218 30.56 38.16 -9.41
C THR D 218 31.21 36.92 -10.01
N VAL D 219 31.00 36.72 -11.32
CA VAL D 219 31.63 35.63 -12.04
C VAL D 219 33.15 35.75 -11.94
N ALA D 220 33.65 36.98 -11.85
CA ALA D 220 35.07 37.23 -11.65
C ALA D 220 35.56 36.65 -10.32
N ASN D 221 34.77 36.89 -9.27
CA ASN D 221 35.09 36.38 -7.93
C ASN D 221 35.30 34.88 -7.90
N ASN D 222 34.34 34.14 -8.47
CA ASN D 222 34.40 32.68 -8.51
C ASN D 222 35.45 32.17 -9.48
N GLN D 223 35.63 32.90 -10.58
CA GLN D 223 36.57 32.49 -11.62
C GLN D 223 38.00 32.62 -11.13
N LEU D 224 38.25 33.57 -10.25
CA LEU D 224 39.55 33.67 -9.60
C LEU D 224 39.84 32.38 -8.83
N LEU D 225 38.85 31.94 -8.06
CA LEU D 225 38.91 30.68 -7.32
C LEU D 225 39.22 29.50 -8.23
N ALA D 226 38.42 29.34 -9.28
CA ALA D 226 38.59 28.21 -10.20
C ALA D 226 39.95 28.24 -10.90
N ASP D 227 40.40 29.44 -11.26
CA ASP D 227 41.63 29.60 -12.01
C ASP D 227 42.87 29.40 -11.16
N ASN D 228 42.74 29.63 -9.85
CA ASN D 228 43.91 29.48 -8.98
C ASN D 228 44.00 28.12 -8.30
N ILE D 229 42.92 27.35 -8.31
CA ILE D 229 42.95 26.01 -7.74
C ILE D 229 43.28 24.97 -8.82
N PRO D 230 44.36 24.21 -8.60
CA PRO D 230 44.84 23.18 -9.54
C PRO D 230 43.77 22.15 -9.91
N GLY D 231 43.45 22.07 -11.19
CA GLY D 231 42.50 21.08 -11.69
C GLY D 231 41.05 21.44 -11.45
N ALA D 232 40.80 22.67 -11.01
CA ALA D 232 39.44 23.09 -10.71
C ALA D 232 38.67 23.46 -11.97
N GLU D 233 37.36 23.27 -11.93
CA GLU D 233 36.49 23.59 -13.04
C GLU D 233 35.52 24.70 -12.66
N LEU D 234 35.18 25.55 -13.62
CA LEU D 234 34.19 26.59 -13.38
C LEU D 234 32.94 26.36 -14.21
N ARG D 235 31.78 26.46 -13.57
CA ARG D 235 30.51 26.41 -14.27
C ARG D 235 29.78 27.74 -14.09
N VAL D 236 29.57 28.48 -15.19
CA VAL D 236 28.78 29.71 -15.13
C VAL D 236 27.33 29.37 -15.43
N ILE D 237 26.42 29.69 -14.52
CA ILE D 237 25.05 29.25 -14.67
C ILE D 237 24.11 30.34 -15.19
N ASN D 238 23.39 30.04 -16.26
CA ASN D 238 22.43 30.95 -16.87
C ASN D 238 21.25 31.26 -15.95
N ASP D 239 20.81 32.51 -15.95
CA ASP D 239 19.58 32.93 -15.29
C ASP D 239 19.54 32.62 -13.78
N VAL D 240 20.69 32.59 -13.13
CA VAL D 240 20.76 32.25 -11.72
C VAL D 240 21.64 33.26 -10.98
N GLY D 241 21.31 33.55 -9.72
CA GLY D 241 22.10 34.45 -8.92
C GLY D 241 22.97 33.74 -7.89
N HIS D 242 22.72 34.04 -6.62
CA HIS D 242 23.57 33.56 -5.54
C HIS D 242 23.14 32.19 -5.01
N PHE D 243 21.88 31.83 -5.22
CA PHE D 243 21.34 30.62 -4.62
C PHE D 243 20.84 29.63 -5.67
N TYR D 244 21.77 29.00 -6.37
CA TYR D 244 21.47 28.02 -7.41
C TYR D 244 20.63 26.85 -6.86
N GLN D 245 20.90 26.46 -5.62
CA GLN D 245 20.23 25.30 -5.04
C GLN D 245 18.75 25.58 -4.76
N LEU D 246 18.39 26.86 -4.72
CA LEU D 246 17.00 27.25 -4.51
C LEU D 246 16.32 27.70 -5.80
N GLU D 247 17.06 28.40 -6.65
CA GLU D 247 16.51 28.95 -7.88
C GLU D 247 16.20 27.85 -8.89
N ARG D 248 17.11 26.89 -9.01
CA ARG D 248 16.89 25.72 -9.85
C ARG D 248 17.40 24.47 -9.15
N PRO D 249 16.68 24.01 -8.11
CA PRO D 249 17.11 22.91 -7.25
C PRO D 249 17.41 21.61 -8.01
N SER D 250 16.54 21.25 -8.95
CA SER D 250 16.69 20.00 -9.70
C SER D 250 17.99 19.96 -10.51
N GLU D 251 18.27 21.05 -11.22
CA GLU D 251 19.47 21.14 -12.04
C GLU D 251 20.74 21.17 -11.19
N PHE D 252 20.70 21.89 -10.08
CA PHE D 252 21.81 21.91 -9.16
C PHE D 252 22.07 20.50 -8.62
N ASN D 253 20.99 19.78 -8.35
CA ASN D 253 21.08 18.40 -7.90
C ASN D 253 21.74 17.50 -8.94
N GLU D 254 21.36 17.68 -10.21
CA GLU D 254 22.02 16.96 -11.30
C GLU D 254 23.51 17.25 -11.33
N LEU D 255 23.86 18.53 -11.26
CA LEU D 255 25.26 18.95 -11.29
C LEU D 255 26.05 18.33 -10.13
N LEU D 256 25.45 18.33 -8.95
CA LEU D 256 26.11 17.78 -7.76
C LEU D 256 26.24 16.27 -7.87
N ARG D 257 25.29 15.65 -8.57
CA ARG D 257 25.35 14.22 -8.82
C ARG D 257 26.41 13.92 -9.89
N GLY D 258 26.83 14.95 -10.60
CA GLY D 258 27.80 14.82 -11.68
C GLY D 258 29.25 14.55 -11.30
N PHE D 259 29.82 15.38 -10.43
CA PHE D 259 31.26 15.37 -10.17
C PHE D 259 31.72 14.28 -9.18
N VAL D 260 30.79 13.73 -8.40
CA VAL D 260 31.12 12.67 -7.45
C VAL D 260 31.64 11.42 -8.16
N PRO E 2 -7.77 -10.05 -29.49
CA PRO E 2 -9.21 -10.13 -29.28
C PRO E 2 -9.73 -11.58 -29.30
N HIS E 3 -11.03 -11.75 -29.16
CA HIS E 3 -11.60 -13.09 -29.07
C HIS E 3 -13.08 -13.10 -29.45
N VAL E 4 -13.54 -14.26 -29.93
CA VAL E 4 -14.96 -14.44 -30.23
C VAL E 4 -15.52 -15.62 -29.45
N GLU E 5 -16.83 -15.64 -29.20
CA GLU E 5 -17.41 -16.77 -28.49
C GLU E 5 -18.26 -17.64 -29.41
N ASN E 6 -17.78 -18.86 -29.65
CA ASN E 6 -18.53 -19.84 -30.41
C ASN E 6 -19.03 -20.97 -29.51
N ASP E 7 -20.35 -21.04 -29.33
CA ASP E 7 -20.98 -22.06 -28.49
C ASP E 7 -20.42 -22.09 -27.07
N GLY E 8 -20.13 -20.90 -26.53
CA GLY E 8 -19.62 -20.80 -25.17
C GLY E 8 -18.11 -20.92 -25.09
N VAL E 9 -17.47 -21.13 -26.24
CA VAL E 9 -16.02 -21.29 -26.28
C VAL E 9 -15.33 -20.04 -26.82
N LYS E 10 -14.46 -19.46 -26.00
CA LYS E 10 -13.71 -18.28 -26.42
C LYS E 10 -12.53 -18.67 -27.30
N ILE E 11 -12.55 -18.18 -28.53
CA ILE E 11 -11.51 -18.40 -29.51
C ILE E 11 -10.69 -17.13 -29.66
N TYR E 12 -9.39 -17.26 -29.41
CA TYR E 12 -8.49 -16.11 -29.50
C TYR E 12 -7.95 -15.94 -30.91
N TYR E 13 -7.76 -14.68 -31.31
CA TYR E 13 -7.17 -14.38 -32.61
C TYR E 13 -6.45 -13.05 -32.59
N ASP E 14 -5.46 -12.89 -33.46
CA ASP E 14 -4.84 -11.60 -33.66
C ASP E 14 -5.11 -11.11 -35.09
N SER E 15 -5.25 -9.80 -35.26
CA SER E 15 -5.55 -9.23 -36.56
C SER E 15 -4.71 -7.99 -36.87
N TYR E 16 -3.92 -8.07 -37.94
CA TYR E 16 -3.08 -6.95 -38.34
C TYR E 16 -3.22 -6.64 -39.83
N GLY E 17 -3.10 -5.37 -40.20
CA GLY E 17 -3.07 -4.98 -41.60
C GLY E 17 -4.42 -4.92 -42.29
N GLU E 18 -4.38 -4.61 -43.59
CA GLU E 18 -5.59 -4.44 -44.39
C GLU E 18 -5.39 -4.96 -45.81
N GLY E 19 -6.47 -5.40 -46.45
CA GLY E 19 -6.41 -5.90 -47.81
C GLY E 19 -7.04 -7.28 -47.96
N VAL E 20 -6.43 -8.11 -48.80
CA VAL E 20 -6.86 -9.49 -48.98
C VAL E 20 -6.57 -10.28 -47.72
N PRO E 21 -7.62 -10.85 -47.10
CA PRO E 21 -7.46 -11.56 -45.83
C PRO E 21 -6.69 -12.87 -45.95
N ILE E 22 -5.71 -13.08 -45.07
CA ILE E 22 -4.99 -14.34 -44.98
C ILE E 22 -5.14 -14.92 -43.57
N VAL E 23 -5.69 -16.11 -43.47
CA VAL E 23 -5.91 -16.74 -42.17
C VAL E 23 -4.86 -17.81 -41.88
N PHE E 24 -4.05 -17.57 -40.86
CA PHE E 24 -3.04 -18.54 -40.44
C PHE E 24 -3.55 -19.45 -39.32
N LEU E 25 -3.41 -20.74 -39.58
CA LEU E 25 -3.89 -21.80 -38.69
C LEU E 25 -2.74 -22.72 -38.27
N HIS E 26 -2.40 -22.66 -36.99
CA HIS E 26 -1.26 -23.40 -36.44
C HIS E 26 -1.51 -24.91 -36.34
N PRO E 27 -0.42 -25.71 -36.26
CA PRO E 27 -0.55 -27.16 -36.10
C PRO E 27 -0.97 -27.59 -34.69
N PHE E 28 -1.25 -28.88 -34.53
CA PHE E 28 -1.63 -29.47 -33.25
C PHE E 28 -0.55 -29.22 -32.19
N SER E 29 -0.98 -29.06 -30.94
CA SER E 29 -0.12 -28.89 -29.77
C SER E 29 0.51 -27.49 -29.64
N THR E 30 0.35 -26.64 -30.65
CA THR E 30 0.97 -25.32 -30.62
C THR E 30 -0.07 -24.20 -30.49
N ASN E 31 0.34 -23.00 -30.89
CA ASN E 31 -0.56 -21.86 -31.02
C ASN E 31 -0.09 -20.91 -32.11
N GLY E 32 -0.74 -19.76 -32.22
CA GLY E 32 -0.52 -18.83 -33.32
C GLY E 32 0.85 -18.20 -33.40
N GLY E 33 1.57 -18.15 -32.28
CA GLY E 33 2.88 -17.56 -32.22
C GLY E 33 3.87 -18.14 -33.21
N ILE E 34 3.64 -19.39 -33.58
CA ILE E 34 4.47 -20.09 -34.57
C ILE E 34 4.50 -19.36 -35.91
N TRP E 35 3.53 -18.47 -36.14
CA TRP E 35 3.47 -17.71 -37.38
C TRP E 35 4.15 -16.35 -37.26
N TYR E 36 5.02 -16.20 -36.27
CA TYR E 36 5.67 -14.91 -35.99
C TYR E 36 6.35 -14.29 -37.21
N PHE E 37 7.05 -15.11 -37.99
CA PHE E 37 7.80 -14.59 -39.14
C PHE E 37 6.90 -14.38 -40.36
N GLN E 38 5.66 -14.85 -40.28
CA GLN E 38 4.71 -14.69 -41.39
C GLN E 38 3.75 -13.54 -41.14
N THR E 39 3.27 -13.44 -39.91
CA THR E 39 2.21 -12.52 -39.53
C THR E 39 2.48 -11.07 -39.93
N PHE E 40 3.64 -10.55 -39.54
CA PHE E 40 3.91 -9.11 -39.67
C PHE E 40 4.47 -8.66 -41.01
N PRO E 41 5.32 -9.48 -41.66
CA PRO E 41 5.62 -9.12 -43.05
C PRO E 41 4.36 -9.09 -43.90
N PHE E 42 3.56 -10.15 -43.84
CA PHE E 42 2.34 -10.21 -44.63
C PHE E 42 1.28 -9.22 -44.17
N ALA E 43 1.46 -8.63 -42.98
CA ALA E 43 0.55 -7.59 -42.51
C ALA E 43 0.80 -6.31 -43.28
N GLN E 44 1.91 -6.27 -44.00
CA GLN E 44 2.27 -5.11 -44.80
C GLN E 44 1.39 -5.00 -46.02
N THR E 45 1.03 -6.14 -46.58
CA THR E 45 0.33 -6.21 -47.86
C THR E 45 -1.05 -6.83 -47.75
N ASN E 46 -1.32 -7.49 -46.63
CA ASN E 46 -2.58 -8.21 -46.47
C ASN E 46 -3.25 -8.02 -45.11
N HIS E 47 -4.50 -8.42 -45.02
CA HIS E 47 -5.20 -8.46 -43.75
C HIS E 47 -4.95 -9.80 -43.07
N VAL E 48 -3.91 -9.85 -42.25
CA VAL E 48 -3.49 -11.08 -41.59
C VAL E 48 -4.28 -11.38 -40.31
N ILE E 49 -4.80 -12.59 -40.26
CA ILE E 49 -5.59 -13.08 -39.14
C ILE E 49 -4.99 -14.38 -38.62
N VAL E 50 -4.53 -14.39 -37.37
CA VAL E 50 -3.88 -15.57 -36.81
C VAL E 50 -4.76 -16.17 -35.72
N ILE E 51 -5.13 -17.45 -35.88
CA ILE E 51 -6.09 -18.02 -34.93
C ILE E 51 -5.52 -19.07 -33.99
N ASP E 52 -5.89 -18.97 -32.71
CA ASP E 52 -5.64 -20.00 -31.72
C ASP E 52 -6.83 -20.95 -31.67
N HIS E 53 -6.59 -22.21 -32.03
CA HIS E 53 -7.64 -23.23 -32.00
C HIS E 53 -8.14 -23.46 -30.58
N ARG E 54 -9.36 -23.96 -30.46
CA ARG E 54 -9.88 -24.35 -29.15
C ARG E 54 -8.99 -25.44 -28.56
N GLY E 55 -8.75 -25.36 -27.26
CA GLY E 55 -7.87 -26.30 -26.60
C GLY E 55 -6.41 -25.91 -26.72
N HIS E 56 -6.15 -24.75 -27.33
CA HIS E 56 -4.77 -24.32 -27.57
C HIS E 56 -4.50 -22.90 -27.10
N GLY E 57 -3.27 -22.67 -26.64
CA GLY E 57 -2.77 -21.34 -26.32
C GLY E 57 -3.64 -20.46 -25.45
N ARG E 58 -4.14 -19.38 -26.05
CA ARG E 58 -4.89 -18.37 -25.32
C ARG E 58 -6.39 -18.57 -25.44
N SER E 59 -6.80 -19.53 -26.26
CA SER E 59 -8.21 -19.84 -26.44
C SER E 59 -8.71 -20.75 -25.33
N ASP E 60 -10.03 -20.82 -25.18
CA ASP E 60 -10.64 -21.72 -24.21
C ASP E 60 -10.34 -23.17 -24.57
N LYS E 61 -10.32 -24.02 -23.55
CA LYS E 61 -9.97 -25.42 -23.73
C LYS E 61 -11.03 -26.32 -23.11
N PRO E 62 -12.21 -26.39 -23.73
CA PRO E 62 -13.33 -27.16 -23.17
C PRO E 62 -13.03 -28.65 -23.08
N ALA E 63 -13.78 -29.36 -22.25
CA ALA E 63 -13.60 -30.79 -22.06
C ALA E 63 -13.91 -31.55 -23.35
N THR E 64 -14.88 -31.02 -24.09
CA THR E 64 -15.35 -31.62 -25.33
C THR E 64 -15.97 -30.49 -26.17
N GLY E 65 -16.03 -30.64 -27.49
CA GLY E 65 -15.41 -31.72 -28.24
C GLY E 65 -14.63 -31.11 -29.39
N TYR E 66 -13.73 -31.88 -29.98
CA TYR E 66 -12.77 -31.31 -30.90
C TYR E 66 -12.80 -31.93 -32.30
N SER E 67 -13.98 -31.95 -32.91
CA SER E 67 -14.09 -32.37 -34.30
C SER E 67 -13.63 -31.22 -35.20
N ILE E 68 -13.11 -31.57 -36.37
CA ILE E 68 -12.58 -30.57 -37.30
C ILE E 68 -13.65 -29.59 -37.74
N MET E 69 -14.90 -30.06 -37.79
CA MET E 69 -16.02 -29.22 -38.16
C MET E 69 -16.22 -28.07 -37.16
N GLU E 70 -16.07 -28.38 -35.88
CA GLU E 70 -16.21 -27.38 -34.84
C GLU E 70 -15.09 -26.35 -34.89
N HIS E 71 -13.87 -26.82 -35.13
CA HIS E 71 -12.72 -25.94 -35.34
C HIS E 71 -13.00 -24.97 -36.50
N ALA E 72 -13.45 -25.53 -37.61
CA ALA E 72 -13.78 -24.75 -38.79
C ALA E 72 -14.85 -23.69 -38.48
N ASP E 73 -15.84 -24.09 -37.69
CA ASP E 73 -16.89 -23.15 -37.27
C ASP E 73 -16.33 -22.03 -36.39
N ASP E 74 -15.32 -22.34 -35.58
CA ASP E 74 -14.62 -21.31 -34.82
C ASP E 74 -13.99 -20.30 -35.77
N VAL E 75 -13.29 -20.82 -36.78
CA VAL E 75 -12.69 -19.95 -37.80
C VAL E 75 -13.76 -19.06 -38.45
N VAL E 76 -14.91 -19.64 -38.78
CA VAL E 76 -16.00 -18.90 -39.38
C VAL E 76 -16.50 -17.78 -38.46
N ALA E 77 -16.54 -18.07 -37.16
CA ALA E 77 -16.91 -17.07 -36.16
C ALA E 77 -15.95 -15.89 -36.20
N VAL E 78 -14.64 -16.20 -36.21
CA VAL E 78 -13.61 -15.17 -36.30
C VAL E 78 -13.78 -14.33 -37.58
N LEU E 79 -14.04 -15.00 -38.70
CA LEU E 79 -14.26 -14.32 -39.97
C LEU E 79 -15.48 -13.40 -39.90
N ASP E 80 -16.50 -13.83 -39.15
CA ASP E 80 -17.74 -13.09 -39.05
C ASP E 80 -17.59 -11.82 -38.22
N ALA E 81 -16.91 -11.92 -37.08
CA ALA E 81 -16.68 -10.73 -36.27
C ALA E 81 -15.84 -9.69 -37.02
N LEU E 82 -14.95 -10.17 -37.89
CA LEU E 82 -14.06 -9.28 -38.64
C LEU E 82 -14.67 -8.86 -39.97
N LYS E 83 -15.94 -9.20 -40.18
CA LYS E 83 -16.66 -8.87 -41.40
C LYS E 83 -15.89 -9.26 -42.66
N VAL E 84 -15.31 -10.46 -42.64
CA VAL E 84 -14.52 -10.95 -43.76
C VAL E 84 -15.36 -11.85 -44.66
N ASP E 85 -15.39 -11.54 -45.95
CA ASP E 85 -16.18 -12.31 -46.91
C ASP E 85 -15.44 -13.57 -47.36
N ARG E 86 -14.20 -13.41 -47.80
CA ARG E 86 -13.41 -14.54 -48.24
C ARG E 86 -11.95 -14.33 -47.88
N ALA E 87 -11.21 -15.43 -47.76
CA ALA E 87 -9.82 -15.34 -47.35
C ALA E 87 -8.97 -16.47 -47.93
N VAL E 88 -7.68 -16.23 -47.99
CA VAL E 88 -6.70 -17.27 -48.31
C VAL E 88 -6.35 -18.01 -47.04
N PHE E 89 -6.50 -19.33 -47.02
CA PHE E 89 -6.25 -20.10 -45.82
C PHE E 89 -4.89 -20.80 -45.85
N VAL E 90 -4.07 -20.52 -44.83
CA VAL E 90 -2.79 -21.20 -44.67
C VAL E 90 -2.83 -22.09 -43.43
N GLY E 91 -2.92 -23.39 -43.67
CA GLY E 91 -3.11 -24.37 -42.61
C GLY E 91 -1.96 -25.34 -42.44
N ASN E 92 -1.56 -25.52 -41.19
CA ASN E 92 -0.49 -26.46 -40.83
C ASN E 92 -1.08 -27.65 -40.08
N SER E 93 -0.76 -28.85 -40.54
CA SER E 93 -1.23 -30.10 -39.94
C SER E 93 -2.74 -30.10 -39.75
N ILE E 94 -3.15 -29.90 -38.51
CA ILE E 94 -4.56 -29.83 -38.18
C ILE E 94 -5.17 -28.55 -38.78
N GLY E 95 -4.35 -27.51 -38.91
CA GLY E 95 -4.80 -26.27 -39.50
C GLY E 95 -5.20 -26.46 -40.95
N GLY E 96 -4.44 -27.31 -41.65
CA GLY E 96 -4.76 -27.69 -43.00
C GLY E 96 -6.07 -28.47 -43.06
N MET E 97 -6.27 -29.35 -42.08
CA MET E 97 -7.51 -30.10 -41.98
C MET E 97 -8.69 -29.16 -41.82
N ILE E 98 -8.54 -28.22 -40.88
CA ILE E 98 -9.57 -27.21 -40.64
C ILE E 98 -9.86 -26.40 -41.90
N ALA E 99 -8.80 -26.07 -42.63
CA ALA E 99 -8.93 -25.33 -43.88
C ALA E 99 -9.73 -26.12 -44.93
N MET E 100 -9.41 -27.39 -45.08
CA MET E 100 -10.09 -28.24 -46.05
C MET E 100 -11.56 -28.46 -45.69
N GLN E 101 -11.82 -28.68 -44.40
CA GLN E 101 -13.19 -28.83 -43.92
C GLN E 101 -13.98 -27.55 -44.16
N LEU E 102 -13.31 -26.42 -43.97
CA LEU E 102 -13.92 -25.12 -44.22
C LEU E 102 -14.23 -24.96 -45.71
N ASN E 103 -13.35 -25.49 -46.56
CA ASN E 103 -13.58 -25.51 -48.00
C ASN E 103 -14.79 -26.36 -48.35
N LEU E 104 -14.97 -27.46 -47.62
CA LEU E 104 -16.10 -28.35 -47.84
C LEU E 104 -17.44 -27.75 -47.44
N ASP E 105 -17.48 -27.12 -46.26
CA ASP E 105 -18.75 -26.61 -45.72
C ASP E 105 -19.02 -25.14 -46.04
N HIS E 106 -17.97 -24.36 -46.27
CA HIS E 106 -18.14 -22.96 -46.63
C HIS E 106 -17.23 -22.57 -47.80
N PRO E 107 -17.48 -23.12 -48.99
CA PRO E 107 -16.59 -22.90 -50.14
C PRO E 107 -16.57 -21.45 -50.63
N GLN E 108 -17.60 -20.70 -50.27
CA GLN E 108 -17.74 -19.33 -50.75
C GLN E 108 -16.98 -18.34 -49.88
N ARG E 109 -16.35 -18.85 -48.82
CA ARG E 109 -15.53 -18.03 -47.94
C ARG E 109 -14.06 -18.24 -48.27
N VAL E 110 -13.79 -18.94 -49.36
CA VAL E 110 -12.42 -19.35 -49.68
C VAL E 110 -11.90 -18.73 -50.97
N ILE E 111 -10.77 -18.04 -50.88
CA ILE E 111 -10.08 -17.55 -52.08
C ILE E 111 -9.17 -18.65 -52.60
N GLY E 112 -8.34 -19.19 -51.71
CA GLY E 112 -7.42 -20.26 -52.04
C GLY E 112 -6.82 -20.88 -50.80
N ASN E 113 -6.09 -21.97 -50.99
CA ASN E 113 -5.48 -22.67 -49.86
C ASN E 113 -4.00 -22.95 -50.04
N LEU E 114 -3.22 -22.71 -48.99
CA LEU E 114 -1.88 -23.26 -48.90
C LEU E 114 -1.85 -24.24 -47.75
N ILE E 115 -1.87 -25.53 -48.08
CA ILE E 115 -1.88 -26.58 -47.09
C ILE E 115 -0.47 -27.06 -46.80
N LEU E 116 -0.02 -26.85 -45.56
CA LEU E 116 1.35 -27.18 -45.18
C LEU E 116 1.39 -28.41 -44.27
N SER E 117 2.01 -29.48 -44.76
CA SER E 117 2.24 -30.69 -43.98
C SER E 117 0.97 -31.24 -43.33
N SER E 118 0.01 -31.63 -44.15
CA SER E 118 -1.25 -32.15 -43.63
C SER E 118 -1.65 -33.45 -44.32
N GLY E 119 -2.87 -33.88 -44.05
CA GLY E 119 -3.41 -35.09 -44.66
C GLY E 119 -4.79 -35.38 -44.11
N THR E 120 -5.31 -36.56 -44.39
CA THR E 120 -6.61 -36.96 -43.87
C THR E 120 -6.59 -38.44 -43.51
N GLY E 121 -7.32 -38.80 -42.45
CA GLY E 121 -7.32 -40.17 -41.97
C GLY E 121 -5.94 -40.58 -41.49
N LEU E 122 -5.27 -39.67 -40.79
CA LEU E 122 -3.91 -39.88 -40.31
C LEU E 122 -3.81 -41.02 -39.30
N GLY E 123 -4.82 -41.12 -38.44
CA GLY E 123 -4.85 -42.15 -37.42
C GLY E 123 -4.72 -43.56 -37.98
N GLU E 124 -5.21 -43.74 -39.21
CA GLU E 124 -5.12 -45.01 -39.91
C GLU E 124 -3.68 -45.43 -40.15
N GLY E 125 -2.83 -44.46 -40.44
CA GLY E 125 -1.46 -44.74 -40.79
C GLY E 125 -0.56 -44.99 -39.59
N MET E 126 -1.07 -44.67 -38.40
CA MET E 126 -0.30 -44.84 -37.18
C MET E 126 -0.49 -46.24 -36.59
N PRO E 127 0.54 -46.78 -35.93
CA PRO E 127 0.41 -48.11 -35.31
C PRO E 127 -0.35 -48.07 -33.98
N PRO E 128 -1.09 -49.15 -33.67
CA PRO E 128 -1.83 -49.27 -32.41
C PRO E 128 -0.88 -49.23 -31.22
N GLU E 129 0.34 -49.68 -31.47
CA GLU E 129 1.48 -49.53 -30.57
C GLU E 129 1.61 -48.10 -30.01
N ALA E 130 1.44 -47.12 -30.90
CA ALA E 130 1.64 -45.71 -30.55
C ALA E 130 0.64 -45.18 -29.51
N GLY E 131 -0.59 -45.66 -29.53
CA GLY E 131 -1.60 -45.19 -28.60
C GLY E 131 -1.27 -45.54 -27.16
N ALA E 132 -1.04 -46.84 -26.95
CA ALA E 132 -0.58 -47.36 -25.68
C ALA E 132 0.70 -46.66 -25.25
N ALA E 133 1.59 -46.41 -26.22
CA ALA E 133 2.81 -45.63 -25.93
C ALA E 133 2.48 -44.24 -25.41
N PHE E 134 1.45 -43.62 -25.97
CA PHE E 134 1.08 -42.25 -25.64
C PHE E 134 0.41 -42.18 -24.27
N GLN E 135 -0.18 -43.29 -23.84
CA GLN E 135 -0.79 -43.33 -22.52
C GLN E 135 0.20 -43.77 -21.44
N ASN E 136 1.21 -44.55 -21.82
CA ASN E 136 2.18 -45.06 -20.85
C ASN E 136 3.26 -44.03 -20.52
N ASP E 137 3.84 -43.43 -21.55
CA ASP E 137 4.77 -42.33 -21.38
C ASP E 137 4.41 -41.21 -22.35
N TYR E 138 3.53 -40.31 -21.91
CA TYR E 138 3.00 -39.23 -22.74
C TYR E 138 4.09 -38.32 -23.30
N ILE E 139 4.87 -37.73 -22.40
CA ILE E 139 5.98 -36.86 -22.76
C ILE E 139 6.96 -37.52 -23.72
N GLY E 140 7.32 -38.77 -23.42
CA GLY E 140 8.28 -39.51 -24.22
C GLY E 140 7.77 -39.83 -25.61
N ALA E 141 6.53 -40.33 -25.69
CA ALA E 141 5.91 -40.66 -26.96
C ALA E 141 5.76 -39.43 -27.86
N PHE E 142 5.23 -38.35 -27.30
CA PHE E 142 5.04 -37.14 -28.09
C PHE E 142 6.39 -36.55 -28.51
N GLY E 143 7.35 -36.57 -27.59
CA GLY E 143 8.69 -36.09 -27.89
C GLY E 143 9.31 -36.85 -29.05
N GLY E 144 9.24 -38.17 -28.98
CA GLY E 144 9.72 -39.03 -30.04
C GLY E 144 9.02 -38.76 -31.36
N LEU E 145 7.71 -38.48 -31.30
CA LEU E 145 6.96 -38.11 -32.49
C LEU E 145 7.49 -36.81 -33.10
N LEU E 146 7.80 -35.85 -32.25
CA LEU E 146 8.30 -34.55 -32.69
C LEU E 146 9.72 -34.63 -33.23
N GLU E 147 10.46 -35.67 -32.81
CA GLU E 147 11.79 -35.91 -33.35
C GLU E 147 11.73 -36.25 -34.85
N GLY E 148 10.55 -36.61 -35.33
CA GLY E 148 10.35 -36.92 -36.73
C GLY E 148 9.67 -35.79 -37.48
N ALA E 149 9.47 -34.67 -36.79
CA ALA E 149 8.78 -33.51 -37.36
C ALA E 149 9.77 -32.45 -37.81
N VAL E 150 11.03 -32.60 -37.41
CA VAL E 150 12.05 -31.62 -37.72
C VAL E 150 13.16 -32.27 -38.53
N SER E 151 13.66 -31.55 -39.54
CA SER E 151 14.69 -32.10 -40.42
C SER E 151 16.04 -32.16 -39.72
N ALA E 152 16.96 -32.93 -40.31
CA ALA E 152 18.29 -33.09 -39.76
C ALA E 152 19.04 -31.77 -39.72
N ARG E 153 18.94 -31.02 -40.83
CA ARG E 153 19.62 -29.73 -40.94
C ARG E 153 19.02 -28.71 -39.99
N SER E 154 17.72 -28.79 -39.76
CA SER E 154 17.07 -27.91 -38.80
C SER E 154 17.54 -28.25 -37.39
N LYS E 155 17.76 -29.54 -37.11
CA LYS E 155 18.26 -29.96 -35.82
C LYS E 155 19.71 -29.52 -35.62
N ARG E 156 20.47 -29.46 -36.71
CA ARG E 156 21.85 -29.00 -36.65
C ARG E 156 21.94 -27.49 -36.46
N GLU E 157 21.22 -26.75 -37.29
CA GLU E 157 21.31 -25.30 -37.34
C GLU E 157 20.37 -24.58 -36.38
N ARG E 158 19.19 -25.14 -36.16
CA ARG E 158 18.18 -24.49 -35.32
C ARG E 158 17.51 -25.45 -34.33
N PRO E 159 18.24 -25.84 -33.27
CA PRO E 159 17.70 -26.76 -32.25
C PRO E 159 16.53 -26.17 -31.46
N GLU E 160 16.46 -24.84 -31.46
CA GLU E 160 15.41 -24.12 -30.74
C GLU E 160 14.02 -24.47 -31.25
N ILE E 161 13.93 -24.90 -32.51
CA ILE E 161 12.67 -25.29 -33.10
C ILE E 161 12.10 -26.53 -32.41
N LEU E 162 12.87 -27.61 -32.37
CA LEU E 162 12.44 -28.82 -31.69
C LEU E 162 12.23 -28.55 -30.21
N ALA E 163 13.12 -27.73 -29.62
CA ALA E 163 12.99 -27.34 -28.23
C ALA E 163 11.60 -26.73 -27.93
N VAL E 164 11.23 -25.71 -28.70
CA VAL E 164 9.97 -25.01 -28.46
C VAL E 164 8.78 -25.88 -28.82
N MET E 165 8.94 -26.78 -29.79
CA MET E 165 7.87 -27.68 -30.17
C MET E 165 7.58 -28.69 -29.05
N LYS E 166 8.63 -29.19 -28.38
CA LYS E 166 8.44 -30.07 -27.24
C LYS E 166 7.85 -29.31 -26.05
N ALA E 167 8.34 -28.08 -25.86
CA ALA E 167 7.82 -27.19 -24.84
C ALA E 167 6.32 -26.96 -24.99
N HIS E 168 5.85 -26.86 -26.23
CA HIS E 168 4.44 -26.58 -26.48
C HIS E 168 3.49 -27.61 -25.87
N PHE E 169 3.81 -28.89 -25.98
CA PHE E 169 2.97 -29.93 -25.40
C PHE E 169 3.36 -30.20 -23.95
N SER E 170 4.56 -29.77 -23.57
CA SER E 170 4.99 -29.98 -22.18
C SER E 170 4.43 -28.94 -21.21
N VAL E 171 3.77 -27.90 -21.73
CA VAL E 171 3.18 -26.86 -20.89
C VAL E 171 1.67 -26.92 -20.89
N PRO E 172 1.07 -27.33 -19.76
CA PRO E 172 -0.38 -27.46 -19.62
C PRO E 172 -1.13 -26.15 -19.84
N SER E 173 -0.45 -25.04 -19.57
CA SER E 173 -1.03 -23.71 -19.79
C SER E 173 -1.32 -23.49 -21.27
N ASN E 174 -0.52 -24.13 -22.11
CA ASN E 174 -0.68 -24.05 -23.56
C ASN E 174 -1.50 -25.21 -24.10
N PHE E 175 -1.19 -26.41 -23.63
CA PHE E 175 -1.81 -27.62 -24.16
C PHE E 175 -1.95 -28.68 -23.08
N PRO E 176 -3.10 -28.71 -22.40
CA PRO E 176 -3.35 -29.74 -21.39
C PRO E 176 -3.63 -31.09 -22.03
N LYS E 177 -3.33 -32.16 -21.33
CA LYS E 177 -3.45 -33.50 -21.89
C LYS E 177 -4.91 -33.90 -22.14
N HIS E 178 -5.84 -33.27 -21.43
CA HIS E 178 -7.25 -33.63 -21.60
C HIS E 178 -7.77 -33.16 -22.96
N VAL E 179 -7.15 -32.13 -23.51
CA VAL E 179 -7.45 -31.69 -24.87
C VAL E 179 -6.94 -32.72 -25.86
N PHE E 180 -5.73 -33.23 -25.63
CA PHE E 180 -5.16 -34.28 -26.45
C PHE E 180 -6.05 -35.52 -26.44
N ASP E 181 -6.48 -35.93 -25.26
CA ASP E 181 -7.34 -37.10 -25.10
C ASP E 181 -8.69 -36.90 -25.77
N ALA E 182 -9.26 -35.72 -25.60
CA ALA E 182 -10.55 -35.39 -26.21
C ALA E 182 -10.47 -35.42 -27.73
N ALA E 183 -9.42 -34.83 -28.28
CA ALA E 183 -9.25 -34.76 -29.73
C ALA E 183 -8.95 -36.15 -30.29
N THR E 184 -8.19 -36.94 -29.55
CA THR E 184 -7.85 -38.30 -29.94
C THR E 184 -9.10 -39.19 -29.95
N ALA E 185 -10.00 -38.93 -29.01
CA ALA E 185 -11.19 -39.77 -28.85
C ALA E 185 -12.31 -39.39 -29.81
N ASP E 186 -12.24 -38.19 -30.38
CA ASP E 186 -13.31 -37.69 -31.23
C ASP E 186 -13.35 -38.44 -32.58
N PRO E 187 -14.54 -38.91 -32.96
CA PRO E 187 -14.76 -39.65 -34.22
C PRO E 187 -14.49 -38.80 -35.46
N ASN E 188 -14.43 -37.49 -35.29
CA ASN E 188 -14.07 -36.60 -36.39
C ASN E 188 -12.95 -35.66 -35.96
N GLY E 189 -12.13 -36.12 -35.03
CA GLY E 189 -11.02 -35.35 -34.50
C GLY E 189 -9.78 -35.42 -35.37
N VAL E 190 -8.66 -34.91 -34.88
CA VAL E 190 -7.45 -34.74 -35.68
C VAL E 190 -6.96 -36.03 -36.33
N PHE E 191 -7.09 -37.15 -35.62
CA PHE E 191 -6.59 -38.43 -36.12
C PHE E 191 -7.66 -39.21 -36.89
N ALA E 192 -8.91 -39.03 -36.49
CA ALA E 192 -10.01 -39.81 -37.05
C ALA E 192 -10.67 -39.15 -38.26
N TRP E 193 -10.47 -37.85 -38.40
CA TRP E 193 -11.06 -37.08 -39.50
C TRP E 193 -10.66 -37.63 -40.85
N ASN E 194 -11.64 -37.99 -41.66
CA ASN E 194 -11.39 -38.58 -42.97
C ASN E 194 -12.38 -38.08 -44.02
N ILE E 195 -11.88 -37.35 -45.01
CA ILE E 195 -12.72 -36.84 -46.08
C ILE E 195 -12.21 -37.29 -47.46
N LYS E 196 -11.61 -38.47 -47.51
CA LYS E 196 -11.07 -39.01 -48.76
C LYS E 196 -12.14 -39.13 -49.83
N ASP E 197 -13.36 -39.42 -49.42
CA ASP E 197 -14.48 -39.56 -50.34
C ASP E 197 -14.94 -38.23 -50.92
N ARG E 198 -14.48 -37.12 -50.34
CA ARG E 198 -15.00 -35.81 -50.68
C ARG E 198 -13.92 -34.85 -51.18
N LEU E 199 -12.71 -35.37 -51.35
CA LEU E 199 -11.56 -34.54 -51.68
C LEU E 199 -11.73 -33.77 -52.99
N SER E 200 -12.49 -34.34 -53.91
CA SER E 200 -12.69 -33.72 -55.22
C SER E 200 -13.70 -32.58 -55.18
N SER E 201 -14.32 -32.38 -54.02
CA SER E 201 -15.33 -31.34 -53.88
C SER E 201 -14.69 -29.99 -53.54
N ILE E 202 -13.43 -30.03 -53.11
CA ILE E 202 -12.66 -28.82 -52.89
C ILE E 202 -12.31 -28.19 -54.22
N GLN E 203 -12.84 -27.00 -54.48
CA GLN E 203 -12.77 -26.38 -55.80
C GLN E 203 -11.76 -25.23 -55.87
N ALA E 204 -11.40 -24.67 -54.72
CA ALA E 204 -10.54 -23.49 -54.68
C ALA E 204 -9.11 -23.82 -55.12
N PRO E 205 -8.39 -22.80 -55.62
CA PRO E 205 -6.95 -22.96 -55.93
C PRO E 205 -6.19 -23.40 -54.70
N THR E 206 -5.56 -24.56 -54.76
CA THR E 206 -4.92 -25.14 -53.58
C THR E 206 -3.46 -25.51 -53.82
N LEU E 207 -2.59 -25.04 -52.93
CA LEU E 207 -1.18 -25.41 -52.98
C LEU E 207 -0.82 -26.28 -51.79
N VAL E 208 -0.48 -27.54 -52.07
CA VAL E 208 -0.06 -28.46 -51.02
C VAL E 208 1.46 -28.45 -50.90
N VAL E 209 1.95 -28.17 -49.70
CA VAL E 209 3.39 -28.11 -49.45
C VAL E 209 3.81 -29.14 -48.41
N ALA E 210 4.74 -30.01 -48.78
CA ALA E 210 5.17 -31.09 -47.90
C ALA E 210 6.68 -31.08 -47.69
N GLY E 211 7.10 -31.34 -46.45
CA GLY E 211 8.51 -31.45 -46.13
C GLY E 211 9.01 -32.86 -46.43
N GLU E 212 10.21 -32.94 -47.00
CA GLU E 212 10.76 -34.22 -47.43
C GLU E 212 11.10 -35.14 -46.26
N GLU E 213 11.43 -34.54 -45.11
CA GLU E 213 11.85 -35.30 -43.94
C GLU E 213 10.75 -35.42 -42.89
N ASP E 214 9.53 -35.01 -43.24
CA ASP E 214 8.41 -35.05 -42.30
C ASP E 214 7.89 -36.48 -42.14
N LEU E 215 7.83 -36.93 -40.89
CA LEU E 215 7.37 -38.28 -40.55
C LEU E 215 6.01 -38.22 -39.87
N VAL E 216 5.63 -37.04 -39.36
CA VAL E 216 4.32 -36.85 -38.75
C VAL E 216 3.25 -36.91 -39.85
N THR E 217 3.45 -36.09 -40.89
CA THR E 217 2.73 -36.28 -42.15
C THR E 217 3.75 -36.61 -43.22
N THR E 218 3.64 -37.81 -43.80
CA THR E 218 4.59 -38.23 -44.81
C THR E 218 4.31 -37.52 -46.13
N VAL E 219 5.24 -37.65 -47.08
CA VAL E 219 5.06 -37.06 -48.41
C VAL E 219 3.84 -37.70 -49.07
N ALA E 220 3.60 -38.98 -48.78
CA ALA E 220 2.45 -39.68 -49.32
C ALA E 220 1.13 -39.07 -48.82
N ASN E 221 1.11 -38.68 -47.54
CA ASN E 221 -0.07 -38.07 -46.94
C ASN E 221 -0.51 -36.81 -47.68
N ASN E 222 0.44 -35.93 -47.96
CA ASN E 222 0.15 -34.70 -48.69
C ASN E 222 -0.09 -34.98 -50.16
N GLN E 223 0.59 -35.99 -50.68
CA GLN E 223 0.49 -36.40 -52.07
C GLN E 223 -0.93 -36.84 -52.39
N LEU E 224 -1.58 -37.51 -51.43
CA LEU E 224 -2.98 -37.85 -51.56
C LEU E 224 -3.82 -36.61 -51.85
N LEU E 225 -3.64 -35.60 -51.00
CA LEU E 225 -4.33 -34.33 -51.11
C LEU E 225 -4.11 -33.67 -52.48
N ALA E 226 -2.85 -33.53 -52.87
CA ALA E 226 -2.52 -32.88 -54.13
C ALA E 226 -3.06 -33.66 -55.34
N ASP E 227 -3.01 -34.99 -55.25
CA ASP E 227 -3.42 -35.84 -56.35
C ASP E 227 -4.94 -35.90 -56.53
N ASN E 228 -5.69 -35.73 -55.44
CA ASN E 228 -7.13 -35.88 -55.55
C ASN E 228 -7.94 -34.58 -55.49
N ILE E 229 -7.30 -33.48 -55.11
CA ILE E 229 -7.97 -32.18 -55.18
C ILE E 229 -7.75 -31.57 -56.56
N PRO E 230 -8.85 -31.32 -57.30
CA PRO E 230 -8.82 -30.82 -58.67
C PRO E 230 -8.02 -29.53 -58.85
N GLY E 231 -6.98 -29.59 -59.67
CA GLY E 231 -6.19 -28.41 -60.01
C GLY E 231 -5.19 -27.99 -58.95
N ALA E 232 -4.99 -28.84 -57.95
CA ALA E 232 -4.07 -28.52 -56.85
C ALA E 232 -2.61 -28.65 -57.29
N GLU E 233 -1.76 -27.84 -56.68
CA GLU E 233 -0.32 -27.90 -56.94
C GLU E 233 0.43 -28.50 -55.76
N LEU E 234 1.57 -29.13 -56.04
CA LEU E 234 2.34 -29.80 -55.00
C LEU E 234 3.80 -29.34 -54.99
N ARG E 235 4.32 -29.09 -53.79
CA ARG E 235 5.71 -28.73 -53.61
C ARG E 235 6.34 -29.58 -52.52
N VAL E 236 7.33 -30.39 -52.90
CA VAL E 236 8.09 -31.16 -51.92
C VAL E 236 9.34 -30.38 -51.55
N ILE E 237 9.51 -30.09 -50.26
CA ILE E 237 10.61 -29.24 -49.82
C ILE E 237 11.74 -30.05 -49.19
N ASN E 238 12.93 -30.00 -49.79
CA ASN E 238 14.10 -30.65 -49.24
C ASN E 238 14.58 -29.97 -47.95
N ASP E 239 15.15 -30.78 -47.06
CA ASP E 239 15.74 -30.34 -45.80
C ASP E 239 14.74 -29.72 -44.82
N VAL E 240 13.47 -30.08 -44.97
CA VAL E 240 12.41 -29.55 -44.10
C VAL E 240 11.52 -30.68 -43.58
N GLY E 241 10.95 -30.50 -42.39
CA GLY E 241 10.05 -31.49 -41.83
C GLY E 241 8.63 -30.98 -41.80
N HIS E 242 8.10 -30.78 -40.59
CA HIS E 242 6.69 -30.46 -40.40
C HIS E 242 6.42 -28.97 -40.36
N PHE E 243 7.46 -28.19 -40.08
CA PHE E 243 7.31 -26.75 -39.85
C PHE E 243 8.15 -25.90 -40.80
N TYR E 244 7.74 -25.86 -42.07
CA TYR E 244 8.45 -25.07 -43.08
C TYR E 244 8.50 -23.59 -42.72
N GLN E 245 7.43 -23.10 -42.09
CA GLN E 245 7.32 -21.68 -41.78
C GLN E 245 8.33 -21.26 -40.71
N LEU E 246 8.86 -22.23 -39.98
CA LEU E 246 9.81 -21.93 -38.91
C LEU E 246 11.23 -22.39 -39.27
N GLU E 247 11.33 -23.50 -39.99
CA GLU E 247 12.63 -24.04 -40.38
C GLU E 247 13.30 -23.15 -41.43
N ARG E 248 12.51 -22.66 -42.38
CA ARG E 248 13.00 -21.72 -43.38
C ARG E 248 11.94 -20.65 -43.67
N PRO E 249 11.77 -19.70 -42.74
CA PRO E 249 10.70 -18.69 -42.80
C PRO E 249 10.69 -17.84 -44.08
N SER E 250 11.86 -17.37 -44.52
CA SER E 250 11.94 -16.49 -45.68
C SER E 250 11.49 -17.17 -46.96
N GLU E 251 11.98 -18.40 -47.16
CA GLU E 251 11.63 -19.19 -48.33
C GLU E 251 10.14 -19.54 -48.35
N PHE E 252 9.60 -19.92 -47.20
CA PHE E 252 8.17 -20.17 -47.08
C PHE E 252 7.38 -18.92 -47.41
N ASN E 253 7.90 -17.77 -46.97
CA ASN E 253 7.23 -16.50 -47.23
C ASN E 253 7.17 -16.17 -48.73
N GLU E 254 8.28 -16.38 -49.43
CA GLU E 254 8.26 -16.15 -50.88
C GLU E 254 7.33 -17.14 -51.57
N LEU E 255 7.31 -18.38 -51.07
CA LEU E 255 6.41 -19.39 -51.63
C LEU E 255 4.95 -18.99 -51.48
N LEU E 256 4.60 -18.48 -50.30
CA LEU E 256 3.25 -18.02 -50.04
C LEU E 256 2.92 -16.79 -50.88
N ARG E 257 3.94 -15.98 -51.16
CA ARG E 257 3.76 -14.84 -52.06
C ARG E 257 3.60 -15.30 -53.51
N GLY E 258 3.99 -16.55 -53.77
CA GLY E 258 3.92 -17.11 -55.11
C GLY E 258 2.54 -17.31 -55.73
N PHE E 259 1.52 -17.47 -54.90
CA PHE E 259 0.16 -17.67 -55.41
C PHE E 259 -0.45 -16.36 -55.89
N VAL E 260 -1.10 -16.41 -57.05
CA VAL E 260 -1.73 -15.23 -57.64
C VAL E 260 -2.76 -14.59 -56.72
N PRO F 2 -36.04 11.95 -10.04
CA PRO F 2 -35.04 11.69 -11.08
C PRO F 2 -33.91 12.70 -11.06
N HIS F 3 -32.97 12.56 -12.00
CA HIS F 3 -31.84 13.47 -12.08
C HIS F 3 -31.20 13.46 -13.46
N VAL F 4 -30.67 14.59 -13.89
CA VAL F 4 -29.93 14.66 -15.14
C VAL F 4 -28.51 15.13 -14.90
N GLU F 5 -27.58 14.70 -15.75
CA GLU F 5 -26.20 15.17 -15.66
C GLU F 5 -25.94 16.34 -16.61
N ASN F 6 -25.34 17.40 -16.07
CA ASN F 6 -25.00 18.62 -16.81
C ASN F 6 -23.66 19.11 -16.29
N ASP F 7 -22.66 19.14 -17.17
CA ASP F 7 -21.30 19.53 -16.78
C ASP F 7 -20.75 18.54 -15.78
N GLY F 8 -21.28 17.32 -15.80
CA GLY F 8 -20.86 16.29 -14.86
C GLY F 8 -21.50 16.48 -13.50
N VAL F 9 -22.35 17.50 -13.40
CA VAL F 9 -23.04 17.78 -12.16
C VAL F 9 -24.47 17.27 -12.24
N LYS F 10 -24.82 16.40 -11.30
CA LYS F 10 -26.14 15.81 -11.25
C LYS F 10 -27.15 16.76 -10.61
N ILE F 11 -28.13 17.15 -11.42
CA ILE F 11 -29.21 18.02 -11.00
C ILE F 11 -30.45 17.18 -10.74
N TYR F 12 -30.92 17.20 -9.50
CA TYR F 12 -32.12 16.48 -9.12
C TYR F 12 -33.37 17.29 -9.45
N TYR F 13 -34.43 16.60 -9.86
CA TYR F 13 -35.70 17.25 -10.14
C TYR F 13 -36.83 16.27 -9.87
N ASP F 14 -38.02 16.81 -9.59
CA ASP F 14 -39.23 15.98 -9.51
C ASP F 14 -40.21 16.43 -10.59
N SER F 15 -40.99 15.47 -11.09
CA SER F 15 -41.90 15.74 -12.20
C SER F 15 -43.25 15.09 -11.99
N TYR F 16 -44.31 15.90 -12.04
CA TYR F 16 -45.67 15.40 -11.86
C TYR F 16 -46.63 15.96 -12.91
N GLY F 17 -47.66 15.18 -13.24
CA GLY F 17 -48.77 15.67 -14.03
C GLY F 17 -48.62 15.79 -15.53
N GLU F 18 -49.65 16.32 -16.18
CA GLU F 18 -49.68 16.52 -17.63
C GLU F 18 -50.14 17.93 -18.00
N GLY F 19 -49.68 18.43 -19.15
CA GLY F 19 -50.18 19.69 -19.67
C GLY F 19 -49.12 20.78 -19.88
N VAL F 20 -49.51 22.03 -19.62
CA VAL F 20 -48.60 23.16 -19.72
C VAL F 20 -47.53 23.06 -18.64
N PRO F 21 -46.26 23.02 -19.03
CA PRO F 21 -45.17 22.88 -18.06
C PRO F 21 -45.00 24.11 -17.18
N ILE F 22 -44.95 23.88 -15.87
CA ILE F 22 -44.63 24.94 -14.93
C ILE F 22 -43.40 24.53 -14.13
N VAL F 23 -42.35 25.34 -14.20
CA VAL F 23 -41.10 24.98 -13.53
C VAL F 23 -40.87 25.80 -12.26
N PHE F 24 -40.78 25.09 -11.13
CA PHE F 24 -40.55 25.73 -9.84
C PHE F 24 -39.08 25.71 -9.45
N LEU F 25 -38.57 26.93 -9.22
CA LEU F 25 -37.18 27.18 -8.87
C LEU F 25 -37.10 27.78 -7.48
N HIS F 26 -36.55 27.02 -6.53
CA HIS F 26 -36.51 27.42 -5.12
C HIS F 26 -35.50 28.53 -4.84
N PRO F 27 -35.70 29.26 -3.73
CA PRO F 27 -34.75 30.30 -3.33
C PRO F 27 -33.41 29.77 -2.84
N PHE F 28 -32.46 30.67 -2.67
CA PHE F 28 -31.11 30.33 -2.24
C PHE F 28 -31.11 29.63 -0.88
N SER F 29 -30.24 28.62 -0.75
CA SER F 29 -30.01 27.85 0.48
C SER F 29 -31.13 26.88 0.84
N THR F 30 -32.22 26.88 0.08
CA THR F 30 -33.31 25.93 0.33
C THR F 30 -33.31 24.83 -0.73
N ASN F 31 -34.46 24.19 -0.92
CA ASN F 31 -34.63 23.20 -1.98
C ASN F 31 -36.08 23.08 -2.42
N GLY F 32 -36.35 22.15 -3.33
CA GLY F 32 -37.65 22.01 -3.96
C GLY F 32 -38.80 21.70 -3.03
N GLY F 33 -38.50 21.15 -1.86
CA GLY F 33 -39.50 20.83 -0.87
C GLY F 33 -40.38 22.02 -0.54
N ILE F 34 -39.77 23.21 -0.55
CA ILE F 34 -40.46 24.47 -0.27
C ILE F 34 -41.71 24.69 -1.15
N TRP F 35 -41.78 24.02 -2.29
CA TRP F 35 -42.93 24.17 -3.18
C TRP F 35 -44.04 23.16 -2.88
N TYR F 36 -44.00 22.55 -1.70
CA TYR F 36 -44.91 21.44 -1.35
C TYR F 36 -46.37 21.78 -1.57
N PHE F 37 -46.78 22.97 -1.15
CA PHE F 37 -48.18 23.35 -1.25
C PHE F 37 -48.58 23.85 -2.63
N GLN F 38 -47.60 24.04 -3.51
CA GLN F 38 -47.88 24.46 -4.88
C GLN F 38 -47.77 23.29 -5.85
N THR F 39 -46.77 22.45 -5.61
CA THR F 39 -46.40 21.36 -6.51
C THR F 39 -47.56 20.47 -6.93
N PHE F 40 -48.33 20.00 -5.95
CA PHE F 40 -49.35 18.98 -6.21
C PHE F 40 -50.73 19.53 -6.60
N PRO F 41 -51.16 20.65 -6.01
CA PRO F 41 -52.38 21.24 -6.56
C PRO F 41 -52.24 21.62 -8.05
N PHE F 42 -51.07 22.10 -8.43
CA PHE F 42 -50.82 22.47 -9.82
C PHE F 42 -50.48 21.25 -10.67
N ALA F 43 -50.20 20.12 -10.02
CA ALA F 43 -49.95 18.88 -10.74
C ALA F 43 -51.26 18.28 -11.23
N GLN F 44 -52.37 18.80 -10.71
CA GLN F 44 -53.70 18.37 -11.15
C GLN F 44 -54.03 18.92 -12.54
N THR F 45 -53.52 20.11 -12.84
CA THR F 45 -53.89 20.80 -14.06
C THR F 45 -52.72 21.02 -15.01
N ASN F 46 -51.51 20.90 -14.50
CA ASN F 46 -50.32 21.20 -15.30
C ASN F 46 -49.22 20.16 -15.15
N HIS F 47 -48.20 20.25 -16.01
CA HIS F 47 -47.01 19.45 -15.87
C HIS F 47 -46.00 20.19 -14.99
N VAL F 48 -46.02 19.88 -13.71
CA VAL F 48 -45.14 20.51 -12.74
C VAL F 48 -43.74 19.90 -12.71
N ILE F 49 -42.73 20.74 -12.84
CA ILE F 49 -41.34 20.34 -12.78
C ILE F 49 -40.63 21.15 -11.70
N VAL F 50 -40.21 20.50 -10.62
CA VAL F 50 -39.58 21.25 -9.53
C VAL F 50 -38.11 20.87 -9.38
N ILE F 51 -37.23 21.88 -9.37
CA ILE F 51 -35.79 21.59 -9.44
C ILE F 51 -34.98 21.95 -8.19
N ASP F 52 -34.09 21.05 -7.79
CA ASP F 52 -33.07 21.36 -6.80
C ASP F 52 -31.83 21.93 -7.49
N HIS F 53 -31.49 23.18 -7.16
CA HIS F 53 -30.33 23.84 -7.74
C HIS F 53 -29.04 23.11 -7.39
N ARG F 54 -28.01 23.32 -8.20
CA ARG F 54 -26.69 22.78 -7.88
C ARG F 54 -26.22 23.40 -6.57
N GLY F 55 -25.59 22.59 -5.73
CA GLY F 55 -25.17 23.05 -4.42
C GLY F 55 -26.29 22.99 -3.39
N HIS F 56 -27.45 22.49 -3.81
CA HIS F 56 -28.62 22.46 -2.94
C HIS F 56 -29.29 21.09 -2.88
N GLY F 57 -29.80 20.75 -1.70
CA GLY F 57 -30.65 19.58 -1.52
C GLY F 57 -30.07 18.25 -1.97
N ARG F 58 -30.77 17.62 -2.92
CA ARG F 58 -30.44 16.29 -3.38
C ARG F 58 -29.52 16.33 -4.61
N SER F 59 -29.30 17.52 -5.13
CA SER F 59 -28.43 17.72 -6.28
C SER F 59 -26.96 17.78 -5.86
N ASP F 60 -26.06 17.61 -6.83
CA ASP F 60 -24.63 17.65 -6.54
C ASP F 60 -24.19 19.04 -6.11
N LYS F 61 -23.13 19.09 -5.31
CA LYS F 61 -22.68 20.34 -4.72
C LYS F 61 -21.17 20.53 -4.87
N PRO F 62 -20.71 20.81 -6.10
CA PRO F 62 -19.28 21.00 -6.36
C PRO F 62 -18.71 22.24 -5.68
N ALA F 63 -17.39 22.33 -5.60
CA ALA F 63 -16.73 23.47 -4.98
C ALA F 63 -16.95 24.74 -5.78
N THR F 64 -16.99 24.57 -7.10
CA THR F 64 -17.20 25.67 -8.06
C THR F 64 -17.94 25.10 -9.27
N GLY F 65 -18.60 25.93 -10.06
CA GLY F 65 -18.81 27.34 -9.80
C GLY F 65 -20.30 27.62 -9.85
N TYR F 66 -20.71 28.79 -9.36
CA TYR F 66 -22.13 29.04 -9.19
C TYR F 66 -22.58 30.37 -9.80
N SER F 67 -22.30 30.54 -11.08
CA SER F 67 -22.84 31.66 -11.82
C SER F 67 -24.28 31.34 -12.18
N ILE F 68 -25.10 32.37 -12.34
CA ILE F 68 -26.51 32.21 -12.67
C ILE F 68 -26.69 31.48 -14.00
N MET F 69 -25.71 31.63 -14.89
CA MET F 69 -25.76 31.03 -16.21
C MET F 69 -25.70 29.51 -16.15
N GLU F 70 -24.85 28.98 -15.27
CA GLU F 70 -24.71 27.53 -15.10
C GLU F 70 -25.98 26.94 -14.50
N HIS F 71 -26.57 27.67 -13.55
CA HIS F 71 -27.85 27.30 -12.97
C HIS F 71 -28.91 27.19 -14.06
N ALA F 72 -29.02 28.25 -14.85
CA ALA F 72 -29.95 28.28 -15.97
C ALA F 72 -29.73 27.09 -16.89
N ASP F 73 -28.47 26.82 -17.21
CA ASP F 73 -28.11 25.70 -18.08
C ASP F 73 -28.56 24.37 -17.49
N ASP F 74 -28.48 24.26 -16.16
CA ASP F 74 -29.01 23.07 -15.47
C ASP F 74 -30.51 22.96 -15.73
N VAL F 75 -31.21 24.08 -15.63
CA VAL F 75 -32.64 24.10 -15.89
C VAL F 75 -32.94 23.62 -17.33
N VAL F 76 -32.21 24.14 -18.32
CA VAL F 76 -32.47 23.70 -19.70
C VAL F 76 -32.09 22.24 -19.88
N ALA F 77 -31.16 21.75 -19.07
CA ALA F 77 -30.78 20.34 -19.13
C ALA F 77 -31.95 19.48 -18.68
N VAL F 78 -32.55 19.86 -17.56
CA VAL F 78 -33.75 19.21 -17.06
C VAL F 78 -34.87 19.25 -18.11
N LEU F 79 -35.05 20.41 -18.74
CA LEU F 79 -36.08 20.56 -19.77
C LEU F 79 -35.81 19.69 -21.00
N ASP F 80 -34.53 19.51 -21.32
CA ASP F 80 -34.14 18.70 -22.48
C ASP F 80 -34.39 17.22 -22.22
N ALA F 81 -34.02 16.75 -21.04
CA ALA F 81 -34.24 15.36 -20.69
C ALA F 81 -35.74 15.03 -20.67
N LEU F 82 -36.56 16.01 -20.29
CA LEU F 82 -38.00 15.82 -20.20
C LEU F 82 -38.71 16.19 -21.50
N LYS F 83 -37.92 16.44 -22.55
CA LYS F 83 -38.45 16.81 -23.86
C LYS F 83 -39.45 17.96 -23.78
N VAL F 84 -39.17 18.91 -22.91
CA VAL F 84 -40.02 20.08 -22.77
C VAL F 84 -39.47 21.24 -23.60
N ASP F 85 -40.27 21.74 -24.52
CA ASP F 85 -39.85 22.82 -25.38
C ASP F 85 -40.01 24.17 -24.69
N ARG F 86 -41.20 24.43 -24.15
CA ARG F 86 -41.48 25.72 -23.55
C ARG F 86 -42.22 25.57 -22.23
N ALA F 87 -42.01 26.51 -21.31
CA ALA F 87 -42.56 26.38 -19.96
C ALA F 87 -42.80 27.72 -19.27
N VAL F 88 -43.71 27.69 -18.30
CA VAL F 88 -43.94 28.82 -17.40
C VAL F 88 -42.96 28.73 -16.25
N PHE F 89 -42.26 29.82 -15.95
CA PHE F 89 -41.21 29.78 -14.94
C PHE F 89 -41.57 30.54 -13.67
N VAL F 90 -41.49 29.84 -12.54
CA VAL F 90 -41.75 30.42 -11.23
C VAL F 90 -40.49 30.40 -10.39
N GLY F 91 -39.85 31.55 -10.23
CA GLY F 91 -38.59 31.62 -9.51
C GLY F 91 -38.61 32.53 -8.29
N ASN F 92 -38.03 32.05 -7.21
CA ASN F 92 -37.96 32.81 -5.96
C ASN F 92 -36.53 33.17 -5.61
N SER F 93 -36.30 34.44 -5.31
CA SER F 93 -34.96 34.96 -5.03
C SER F 93 -33.99 34.63 -6.15
N ILE F 94 -33.09 33.69 -5.88
CA ILE F 94 -32.10 33.26 -6.86
C ILE F 94 -32.80 32.53 -8.01
N GLY F 95 -33.96 31.95 -7.73
CA GLY F 95 -34.74 31.27 -8.74
C GLY F 95 -35.22 32.25 -9.79
N GLY F 96 -35.55 33.46 -9.34
CA GLY F 96 -35.96 34.52 -10.23
C GLY F 96 -34.82 34.96 -11.12
N MET F 97 -33.62 35.03 -10.54
CA MET F 97 -32.41 35.33 -11.29
C MET F 97 -32.18 34.31 -12.38
N ILE F 98 -32.30 33.03 -12.01
CA ILE F 98 -32.13 31.93 -12.94
C ILE F 98 -33.14 32.01 -14.07
N ALA F 99 -34.39 32.28 -13.72
CA ALA F 99 -35.46 32.41 -14.70
C ALA F 99 -35.21 33.56 -15.67
N MET F 100 -34.76 34.69 -15.14
CA MET F 100 -34.49 35.86 -15.97
C MET F 100 -33.31 35.63 -16.91
N GLN F 101 -32.27 34.99 -16.39
CA GLN F 101 -31.10 34.63 -17.20
C GLN F 101 -31.51 33.67 -18.31
N LEU F 102 -32.44 32.78 -17.99
CA LEU F 102 -32.95 31.83 -18.97
C LEU F 102 -33.75 32.56 -20.05
N ASN F 103 -34.48 33.59 -19.63
CA ASN F 103 -35.18 34.44 -20.58
C ASN F 103 -34.20 35.17 -21.50
N LEU F 104 -33.05 35.53 -20.95
CA LEU F 104 -32.02 36.21 -21.71
C LEU F 104 -31.34 35.30 -22.73
N ASP F 105 -31.04 34.06 -22.33
CA ASP F 105 -30.31 33.15 -23.20
C ASP F 105 -31.22 32.24 -24.03
N HIS F 106 -32.40 31.93 -23.50
CA HIS F 106 -33.31 31.01 -24.19
C HIS F 106 -34.75 31.51 -24.21
N PRO F 107 -35.00 32.63 -24.90
CA PRO F 107 -36.35 33.23 -24.90
C PRO F 107 -37.39 32.37 -25.60
N GLN F 108 -36.95 31.46 -26.46
CA GLN F 108 -37.87 30.58 -27.19
C GLN F 108 -38.34 29.44 -26.30
N ARG F 109 -37.83 29.40 -25.07
CA ARG F 109 -38.17 28.35 -24.13
C ARG F 109 -39.14 28.85 -23.06
N VAL F 110 -39.59 30.09 -23.20
CA VAL F 110 -40.37 30.73 -22.14
C VAL F 110 -41.81 31.06 -22.56
N ILE F 111 -42.77 30.53 -21.81
CA ILE F 111 -44.17 30.93 -21.97
C ILE F 111 -44.42 32.24 -21.24
N GLY F 112 -44.03 32.26 -19.98
CA GLY F 112 -44.17 33.43 -19.14
C GLY F 112 -43.41 33.22 -17.85
N ASN F 113 -43.34 34.25 -17.01
CA ASN F 113 -42.64 34.15 -15.74
C ASN F 113 -43.45 34.67 -14.57
N LEU F 114 -43.37 33.97 -13.44
CA LEU F 114 -43.75 34.56 -12.16
C LEU F 114 -42.49 34.70 -11.33
N ILE F 115 -41.98 35.91 -11.24
CA ILE F 115 -40.78 36.19 -10.46
C ILE F 115 -41.18 36.65 -9.06
N LEU F 116 -40.85 35.82 -8.07
CA LEU F 116 -41.27 36.08 -6.70
C LEU F 116 -40.12 36.52 -5.81
N SER F 117 -40.20 37.75 -5.30
CA SER F 117 -39.23 38.27 -4.34
C SER F 117 -37.78 38.14 -4.82
N SER F 118 -37.46 38.80 -5.93
CA SER F 118 -36.13 38.70 -6.51
C SER F 118 -35.56 40.08 -6.82
N GLY F 119 -34.44 40.10 -7.56
CA GLY F 119 -33.80 41.34 -7.92
C GLY F 119 -32.56 41.12 -8.78
N THR F 120 -31.86 42.21 -9.07
CA THR F 120 -30.60 42.14 -9.79
C THR F 120 -29.63 43.18 -9.24
N GLY F 121 -28.34 42.87 -9.30
CA GLY F 121 -27.33 43.72 -8.68
C GLY F 121 -27.59 43.81 -7.18
N LEU F 122 -27.95 42.68 -6.59
CA LEU F 122 -28.34 42.63 -5.18
C LEU F 122 -27.20 43.00 -4.25
N GLY F 123 -26.02 42.48 -4.53
CA GLY F 123 -24.84 42.73 -3.72
C GLY F 123 -24.49 44.19 -3.52
N GLU F 124 -24.78 45.01 -4.53
CA GLU F 124 -24.55 46.45 -4.43
C GLU F 124 -25.42 47.09 -3.35
N GLY F 125 -26.58 46.51 -3.09
CA GLY F 125 -27.54 47.06 -2.14
C GLY F 125 -27.30 46.65 -0.71
N MET F 126 -26.44 45.65 -0.51
CA MET F 126 -26.10 45.19 0.83
C MET F 126 -25.21 46.20 1.54
N PRO F 127 -25.42 46.36 2.86
CA PRO F 127 -24.58 47.26 3.67
C PRO F 127 -23.11 46.88 3.56
N PRO F 128 -22.21 47.89 3.52
CA PRO F 128 -20.77 47.67 3.35
C PRO F 128 -20.20 46.72 4.40
N GLU F 129 -20.73 46.77 5.62
CA GLU F 129 -20.23 45.94 6.70
C GLU F 129 -20.59 44.45 6.53
N ALA F 130 -21.79 44.19 6.00
CA ALA F 130 -22.36 42.84 5.90
C ALA F 130 -21.40 41.76 5.37
N GLY F 131 -20.63 42.12 4.35
CA GLY F 131 -19.69 41.20 3.71
C GLY F 131 -18.82 40.44 4.69
N ALA F 132 -18.05 41.18 5.49
CA ALA F 132 -17.23 40.62 6.55
C ALA F 132 -18.05 39.82 7.57
N ALA F 133 -19.22 40.36 7.89
CA ALA F 133 -20.12 39.75 8.87
C ALA F 133 -20.45 38.31 8.49
N PHE F 134 -20.57 38.03 7.20
CA PHE F 134 -20.95 36.68 6.80
C PHE F 134 -19.85 35.60 6.94
N GLN F 135 -18.59 36.01 7.02
CA GLN F 135 -17.52 35.03 7.22
C GLN F 135 -17.03 35.02 8.66
N ASN F 136 -17.17 36.15 9.35
CA ASN F 136 -16.81 36.19 10.77
C ASN F 136 -17.84 35.42 11.59
N ASP F 137 -19.11 35.65 11.29
CA ASP F 137 -20.20 34.97 11.97
C ASP F 137 -21.26 34.53 10.96
N TYR F 138 -21.02 33.41 10.30
CA TYR F 138 -21.88 32.93 9.23
C TYR F 138 -23.30 32.62 9.70
N ILE F 139 -23.42 31.78 10.72
CA ILE F 139 -24.71 31.37 11.25
C ILE F 139 -25.55 32.56 11.74
N GLY F 140 -24.92 33.41 12.56
CA GLY F 140 -25.59 34.58 13.11
C GLY F 140 -26.04 35.58 12.06
N ALA F 141 -25.15 35.89 11.13
CA ALA F 141 -25.45 36.85 10.07
C ALA F 141 -26.53 36.32 9.13
N PHE F 142 -26.45 35.03 8.79
CA PHE F 142 -27.45 34.41 7.93
C PHE F 142 -28.82 34.42 8.60
N GLY F 143 -28.84 34.09 9.89
CA GLY F 143 -30.06 34.12 10.66
C GLY F 143 -30.67 35.51 10.71
N GLY F 144 -29.83 36.50 11.02
CA GLY F 144 -30.26 37.89 11.03
C GLY F 144 -30.81 38.31 9.67
N LEU F 145 -30.23 37.78 8.62
CA LEU F 145 -30.71 38.03 7.26
C LEU F 145 -32.11 37.45 7.09
N LEU F 146 -32.31 36.24 7.60
CA LEU F 146 -33.59 35.57 7.44
C LEU F 146 -34.70 36.12 8.34
N GLU F 147 -34.32 36.88 9.37
CA GLU F 147 -35.32 37.48 10.25
C GLU F 147 -36.05 38.64 9.56
N GLY F 148 -35.46 39.16 8.49
CA GLY F 148 -36.09 40.21 7.72
C GLY F 148 -36.75 39.67 6.46
N ALA F 149 -36.75 38.34 6.34
CA ALA F 149 -37.32 37.67 5.18
C ALA F 149 -38.73 37.17 5.45
N VAL F 150 -39.13 37.27 6.72
CA VAL F 150 -40.44 36.79 7.15
C VAL F 150 -41.25 37.95 7.72
N SER F 151 -42.54 38.00 7.40
CA SER F 151 -43.40 39.06 7.89
C SER F 151 -43.66 38.87 9.39
N ALA F 152 -44.14 39.94 10.04
CA ALA F 152 -44.46 39.89 11.46
C ALA F 152 -45.54 38.87 11.73
N ARG F 153 -46.61 38.91 10.93
CA ARG F 153 -47.70 37.96 11.06
C ARG F 153 -47.20 36.54 10.86
N SER F 154 -46.27 36.33 9.95
CA SER F 154 -45.78 34.99 9.69
C SER F 154 -44.87 34.50 10.80
N LYS F 155 -44.07 35.39 11.36
CA LYS F 155 -43.24 35.04 12.50
C LYS F 155 -44.09 34.73 13.72
N ARG F 156 -45.28 35.35 13.76
CA ARG F 156 -46.21 35.14 14.86
C ARG F 156 -47.00 33.85 14.73
N GLU F 157 -47.72 33.70 13.61
CA GLU F 157 -48.65 32.59 13.40
C GLU F 157 -47.99 31.35 12.78
N ARG F 158 -46.89 31.55 12.07
CA ARG F 158 -46.19 30.42 11.44
C ARG F 158 -44.67 30.47 11.69
N PRO F 159 -44.24 30.25 12.94
CA PRO F 159 -42.82 30.30 13.29
C PRO F 159 -42.00 29.19 12.63
N GLU F 160 -42.69 28.14 12.20
CA GLU F 160 -42.07 27.00 11.56
C GLU F 160 -41.37 27.37 10.25
N ILE F 161 -41.78 28.48 9.64
CA ILE F 161 -41.18 28.95 8.41
C ILE F 161 -39.77 29.49 8.64
N LEU F 162 -39.64 30.40 9.58
CA LEU F 162 -38.33 30.92 9.95
C LEU F 162 -37.46 29.80 10.54
N ALA F 163 -38.10 28.89 11.27
CA ALA F 163 -37.38 27.75 11.83
C ALA F 163 -36.76 26.88 10.73
N VAL F 164 -37.57 26.51 9.74
CA VAL F 164 -37.11 25.62 8.68
C VAL F 164 -36.10 26.34 7.77
N MET F 165 -36.25 27.66 7.64
CA MET F 165 -35.32 28.43 6.82
C MET F 165 -33.97 28.57 7.50
N LYS F 166 -33.98 28.74 8.81
CA LYS F 166 -32.73 28.77 9.58
C LYS F 166 -32.11 27.38 9.61
N ALA F 167 -32.97 26.36 9.47
CA ALA F 167 -32.51 24.98 9.43
C ALA F 167 -31.81 24.67 8.11
N HIS F 168 -32.29 25.26 7.02
CA HIS F 168 -31.76 24.99 5.69
C HIS F 168 -30.25 25.22 5.56
N PHE F 169 -29.74 26.33 6.09
CA PHE F 169 -28.33 26.64 5.93
C PHE F 169 -27.49 26.11 7.09
N SER F 170 -28.15 25.54 8.09
CA SER F 170 -27.45 24.99 9.24
C SER F 170 -27.18 23.50 9.08
N VAL F 171 -27.82 22.89 8.08
CA VAL F 171 -27.61 21.49 7.77
C VAL F 171 -26.78 21.35 6.50
N PRO F 172 -25.49 21.01 6.66
CA PRO F 172 -24.52 20.92 5.56
C PRO F 172 -24.95 19.95 4.46
N SER F 173 -25.75 18.95 4.81
CA SER F 173 -26.24 17.97 3.87
C SER F 173 -27.16 18.61 2.84
N ASN F 174 -27.84 19.67 3.26
CA ASN F 174 -28.74 20.41 2.38
C ASN F 174 -28.06 21.60 1.72
N PHE F 175 -27.37 22.40 2.54
CA PHE F 175 -26.69 23.58 2.04
C PHE F 175 -25.37 23.81 2.76
N PRO F 176 -24.27 23.31 2.17
CA PRO F 176 -22.93 23.51 2.75
C PRO F 176 -22.42 24.92 2.52
N LYS F 177 -21.52 25.38 3.38
CA LYS F 177 -21.09 26.77 3.35
C LYS F 177 -20.19 27.08 2.14
N HIS F 178 -19.52 26.05 1.62
CA HIS F 178 -18.62 26.25 0.50
C HIS F 178 -19.38 26.68 -0.75
N VAL F 179 -20.65 26.28 -0.82
CA VAL F 179 -21.53 26.72 -1.90
C VAL F 179 -21.83 28.21 -1.76
N PHE F 180 -22.11 28.64 -0.54
CA PHE F 180 -22.32 30.05 -0.24
C PHE F 180 -21.11 30.88 -0.62
N ASP F 181 -19.93 30.43 -0.18
CA ASP F 181 -18.70 31.16 -0.43
C ASP F 181 -18.33 31.21 -1.91
N ALA F 182 -18.52 30.09 -2.60
CA ALA F 182 -18.25 30.03 -4.03
C ALA F 182 -19.20 30.94 -4.80
N ALA F 183 -20.46 30.95 -4.38
CA ALA F 183 -21.47 31.80 -5.00
C ALA F 183 -21.17 33.28 -4.77
N THR F 184 -20.66 33.59 -3.58
CA THR F 184 -20.29 34.96 -3.24
C THR F 184 -19.06 35.40 -4.03
N ALA F 185 -18.14 34.47 -4.25
CA ALA F 185 -16.89 34.77 -4.95
C ALA F 185 -17.08 34.88 -6.46
N ASP F 186 -18.16 34.30 -6.97
CA ASP F 186 -18.43 34.33 -8.41
C ASP F 186 -18.83 35.74 -8.85
N PRO F 187 -18.18 36.24 -9.92
CA PRO F 187 -18.48 37.57 -10.47
C PRO F 187 -19.87 37.64 -11.11
N ASN F 188 -20.51 36.49 -11.27
CA ASN F 188 -21.89 36.43 -11.73
C ASN F 188 -22.74 35.54 -10.84
N GLY F 189 -22.41 35.52 -9.55
CA GLY F 189 -23.13 34.71 -8.58
C GLY F 189 -24.33 35.44 -8.01
N VAL F 190 -24.84 34.95 -6.89
CA VAL F 190 -26.05 35.48 -6.26
C VAL F 190 -26.00 37.00 -6.05
N PHE F 191 -24.86 37.49 -5.61
CA PHE F 191 -24.73 38.89 -5.22
C PHE F 191 -24.20 39.77 -6.36
N ALA F 192 -23.42 39.19 -7.25
CA ALA F 192 -22.74 39.96 -8.28
C ALA F 192 -23.49 40.01 -9.61
N TRP F 193 -24.42 39.08 -9.80
CA TRP F 193 -25.23 39.03 -11.02
C TRP F 193 -26.00 40.32 -11.22
N ASN F 194 -25.82 40.94 -12.39
CA ASN F 194 -26.41 42.24 -12.68
C ASN F 194 -26.83 42.37 -14.14
N ILE F 195 -28.14 42.50 -14.36
CA ILE F 195 -28.67 42.65 -15.71
C ILE F 195 -29.65 43.81 -15.85
N LYS F 196 -29.46 44.88 -15.07
CA LYS F 196 -30.25 46.10 -15.22
C LYS F 196 -30.27 46.55 -16.68
N ASP F 197 -29.14 46.37 -17.33
CA ASP F 197 -28.93 46.75 -18.72
C ASP F 197 -29.82 46.02 -19.72
N ARG F 198 -30.21 44.80 -19.38
CA ARG F 198 -30.87 43.92 -20.35
C ARG F 198 -32.29 43.55 -19.94
N LEU F 199 -32.81 44.19 -18.91
CA LEU F 199 -34.18 43.92 -18.45
C LEU F 199 -35.20 44.22 -19.54
N SER F 200 -34.89 45.20 -20.39
CA SER F 200 -35.78 45.59 -21.46
C SER F 200 -35.75 44.60 -22.62
N SER F 201 -34.92 43.58 -22.51
CA SER F 201 -34.81 42.56 -23.55
C SER F 201 -35.79 41.42 -23.30
N ILE F 202 -36.22 41.29 -22.06
CA ILE F 202 -37.18 40.25 -21.68
C ILE F 202 -38.58 40.60 -22.19
N GLN F 203 -39.11 39.76 -23.06
CA GLN F 203 -40.36 40.07 -23.75
C GLN F 203 -41.53 39.20 -23.30
N ALA F 204 -41.24 38.15 -22.54
CA ALA F 204 -42.27 37.24 -22.07
C ALA F 204 -43.20 37.91 -21.06
N PRO F 205 -44.46 37.45 -21.00
CA PRO F 205 -45.38 37.91 -19.95
C PRO F 205 -44.80 37.61 -18.57
N THR F 206 -44.54 38.66 -17.79
CA THR F 206 -43.85 38.49 -16.52
C THR F 206 -44.59 39.13 -15.36
N LEU F 207 -44.85 38.35 -14.32
CA LEU F 207 -45.47 38.84 -13.10
C LEU F 207 -44.46 38.87 -11.96
N VAL F 208 -44.06 40.06 -11.55
CA VAL F 208 -43.14 40.22 -10.43
C VAL F 208 -43.94 40.43 -9.14
N VAL F 209 -43.72 39.57 -8.16
CA VAL F 209 -44.48 39.60 -6.91
C VAL F 209 -43.56 39.86 -5.73
N ALA F 210 -43.85 40.91 -4.95
CA ALA F 210 -43.02 41.28 -3.82
C ALA F 210 -43.81 41.35 -2.52
N GLY F 211 -43.17 40.92 -1.44
CA GLY F 211 -43.75 41.04 -0.11
C GLY F 211 -43.45 42.42 0.46
N GLU F 212 -44.43 42.99 1.14
CA GLU F 212 -44.30 44.36 1.66
C GLU F 212 -43.26 44.43 2.79
N GLU F 213 -43.14 43.35 3.55
CA GLU F 213 -42.22 43.32 4.68
C GLU F 213 -40.91 42.59 4.36
N ASP F 214 -40.71 42.29 3.08
CA ASP F 214 -39.48 41.64 2.64
C ASP F 214 -38.30 42.63 2.69
N LEU F 215 -37.25 42.24 3.40
CA LEU F 215 -36.08 43.09 3.59
C LEU F 215 -34.82 42.54 2.93
N VAL F 216 -34.82 41.26 2.57
CA VAL F 216 -33.67 40.68 1.85
C VAL F 216 -33.76 41.07 0.37
N THR F 217 -34.97 41.07 -0.18
CA THR F 217 -35.22 41.78 -1.44
C THR F 217 -36.33 42.80 -1.17
N THR F 218 -35.97 44.08 -1.25
CA THR F 218 -36.92 45.15 -0.94
C THR F 218 -37.97 45.30 -2.03
N VAL F 219 -39.03 46.05 -1.73
CA VAL F 219 -40.05 46.37 -2.71
C VAL F 219 -39.42 47.10 -3.88
N ALA F 220 -38.42 47.93 -3.59
CA ALA F 220 -37.69 48.67 -4.62
C ALA F 220 -36.97 47.72 -5.58
N ASN F 221 -36.36 46.67 -5.02
CA ASN F 221 -35.63 45.70 -5.82
C ASN F 221 -36.51 45.02 -6.87
N ASN F 222 -37.68 44.56 -6.45
CA ASN F 222 -38.62 43.95 -7.38
C ASN F 222 -39.23 44.97 -8.32
N GLN F 223 -39.40 46.19 -7.81
CA GLN F 223 -40.03 47.27 -8.56
C GLN F 223 -39.16 47.70 -9.73
N LEU F 224 -37.84 47.64 -9.56
CA LEU F 224 -36.92 47.96 -10.65
C LEU F 224 -37.13 46.99 -11.81
N LEU F 225 -37.18 45.71 -11.47
CA LEU F 225 -37.47 44.65 -12.42
C LEU F 225 -38.79 44.88 -13.15
N ALA F 226 -39.86 45.11 -12.38
CA ALA F 226 -41.18 45.31 -12.97
C ALA F 226 -41.22 46.55 -13.87
N ASP F 227 -40.47 47.57 -13.49
CA ASP F 227 -40.49 48.85 -14.21
C ASP F 227 -39.64 48.84 -15.47
N ASN F 228 -38.65 47.96 -15.52
CA ASN F 228 -37.77 47.94 -16.70
C ASN F 228 -38.02 46.78 -17.66
N ILE F 229 -38.78 45.78 -17.22
CA ILE F 229 -39.19 44.70 -18.11
C ILE F 229 -40.48 45.10 -18.82
N PRO F 230 -40.46 45.14 -20.16
CA PRO F 230 -41.62 45.56 -20.96
C PRO F 230 -42.88 44.77 -20.66
N GLY F 231 -43.90 45.45 -20.15
CA GLY F 231 -45.19 44.84 -19.90
C GLY F 231 -45.27 44.00 -18.64
N ALA F 232 -44.27 44.14 -17.77
CA ALA F 232 -44.25 43.36 -16.53
C ALA F 232 -45.26 43.90 -15.52
N GLU F 233 -45.80 43.01 -14.70
CA GLU F 233 -46.71 43.39 -13.63
C GLU F 233 -46.01 43.36 -12.27
N LEU F 234 -46.42 44.27 -11.39
CA LEU F 234 -45.96 44.24 -10.02
C LEU F 234 -47.14 44.02 -9.07
N ARG F 235 -47.01 43.04 -8.19
CA ARG F 235 -47.99 42.81 -7.13
C ARG F 235 -47.30 42.85 -5.78
N VAL F 236 -47.60 43.85 -4.97
CA VAL F 236 -47.02 43.95 -3.64
C VAL F 236 -47.98 43.31 -2.64
N ILE F 237 -47.50 42.31 -1.90
CA ILE F 237 -48.37 41.53 -1.02
C ILE F 237 -48.22 41.94 0.44
N ASN F 238 -49.34 42.23 1.10
CA ASN F 238 -49.34 42.65 2.50
C ASN F 238 -49.02 41.50 3.45
N ASP F 239 -48.31 41.80 4.55
CA ASP F 239 -48.01 40.82 5.60
C ASP F 239 -47.33 39.56 5.06
N VAL F 240 -46.49 39.74 4.06
CA VAL F 240 -45.71 38.65 3.49
C VAL F 240 -44.28 39.15 3.30
N GLY F 241 -43.31 38.29 3.57
CA GLY F 241 -41.91 38.64 3.36
C GLY F 241 -41.37 38.01 2.08
N HIS F 242 -40.39 37.12 2.26
CA HIS F 242 -39.66 36.55 1.14
C HIS F 242 -40.32 35.29 0.59
N PHE F 243 -41.18 34.68 1.37
CA PHE F 243 -41.73 33.37 1.02
C PHE F 243 -43.25 33.35 0.96
N TYR F 244 -43.79 34.02 -0.06
CA TYR F 244 -45.25 34.09 -0.25
C TYR F 244 -45.88 32.71 -0.40
N GLN F 245 -45.16 31.79 -1.03
CA GLN F 245 -45.68 30.46 -1.28
C GLN F 245 -45.80 29.65 0.01
N LEU F 246 -45.13 30.11 1.06
CA LEU F 246 -45.20 29.47 2.36
C LEU F 246 -46.03 30.28 3.36
N GLU F 247 -45.92 31.60 3.29
CA GLU F 247 -46.59 32.47 4.26
C GLU F 247 -48.10 32.51 4.03
N ARG F 248 -48.51 32.61 2.77
CA ARG F 248 -49.92 32.50 2.42
C ARG F 248 -50.09 31.64 1.17
N PRO F 249 -49.85 30.32 1.32
CA PRO F 249 -49.78 29.37 0.21
C PRO F 249 -51.00 29.35 -0.71
N SER F 250 -52.20 29.31 -0.14
CA SER F 250 -53.41 29.22 -0.93
C SER F 250 -53.63 30.49 -1.75
N GLU F 251 -53.33 31.62 -1.14
CA GLU F 251 -53.44 32.92 -1.79
C GLU F 251 -52.44 33.02 -2.94
N PHE F 252 -51.21 32.58 -2.69
CA PHE F 252 -50.19 32.52 -3.73
C PHE F 252 -50.66 31.64 -4.89
N ASN F 253 -51.25 30.51 -4.54
CA ASN F 253 -51.83 29.61 -5.54
C ASN F 253 -52.83 30.36 -6.42
N GLU F 254 -53.83 30.98 -5.79
CA GLU F 254 -54.83 31.75 -6.53
C GLU F 254 -54.18 32.81 -7.44
N LEU F 255 -53.13 33.46 -6.96
CA LEU F 255 -52.42 34.44 -7.78
C LEU F 255 -51.79 33.77 -9.00
N LEU F 256 -51.23 32.57 -8.80
CA LEU F 256 -50.50 31.90 -9.86
C LEU F 256 -51.42 31.31 -10.94
N ARG F 257 -52.56 30.76 -10.54
CA ARG F 257 -53.49 30.21 -11.52
C ARG F 257 -54.07 31.32 -12.40
N GLY F 258 -54.07 32.54 -11.87
CA GLY F 258 -54.66 33.67 -12.57
C GLY F 258 -53.65 34.52 -13.31
N PHE F 259 -52.40 34.07 -13.31
CA PHE F 259 -51.32 34.81 -13.96
C PHE F 259 -51.21 34.40 -15.42
N VAL F 260 -50.92 35.35 -16.29
CA VAL F 260 -50.91 35.03 -17.72
C VAL F 260 -49.63 34.35 -18.16
N ALA F 261 -49.81 33.09 -18.51
CA ALA F 261 -48.76 32.14 -18.85
C ALA F 261 -49.38 30.76 -18.74
N PRO G 2 31.41 -33.02 15.51
CA PRO G 2 32.53 -32.93 14.55
C PRO G 2 33.24 -31.58 14.61
N HIS G 3 34.29 -31.43 13.82
CA HIS G 3 34.97 -30.14 13.70
C HIS G 3 35.67 -30.01 12.36
N VAL G 4 35.67 -28.78 11.83
CA VAL G 4 36.35 -28.49 10.57
C VAL G 4 37.51 -27.54 10.86
N GLU G 5 38.37 -27.28 9.88
CA GLU G 5 39.52 -26.42 10.13
C GLU G 5 39.65 -25.25 9.15
N ASN G 6 39.85 -24.06 9.70
CA ASN G 6 40.16 -22.89 8.89
C ASN G 6 41.37 -22.17 9.48
N ASP G 7 42.41 -22.01 8.66
CA ASP G 7 43.64 -21.33 9.06
C ASP G 7 44.32 -22.00 10.26
N GLY G 8 44.18 -23.31 10.37
CA GLY G 8 44.77 -24.06 11.46
C GLY G 8 43.93 -24.00 12.72
N VAL G 9 42.76 -23.37 12.61
CA VAL G 9 41.85 -23.21 13.73
C VAL G 9 40.66 -24.15 13.59
N LYS G 10 40.48 -25.04 14.55
CA LYS G 10 39.39 -26.00 14.50
C LYS G 10 38.10 -25.41 15.06
N ILE G 11 37.09 -25.38 14.20
CA ILE G 11 35.75 -24.94 14.53
C ILE G 11 34.85 -26.12 14.81
N TYR G 12 34.28 -26.17 16.01
CA TYR G 12 33.37 -27.24 16.36
C TYR G 12 31.96 -26.92 15.88
N TYR G 13 31.26 -27.96 15.45
CA TYR G 13 29.86 -27.85 15.10
C TYR G 13 29.14 -29.17 15.34
N ASP G 14 27.85 -29.10 15.60
CA ASP G 14 27.01 -30.29 15.63
C ASP G 14 26.05 -30.24 14.45
N SER G 15 25.80 -31.41 13.86
CA SER G 15 24.93 -31.51 12.69
C SER G 15 23.88 -32.58 12.88
N TYR G 16 22.61 -32.18 12.88
CA TYR G 16 21.52 -33.14 13.00
C TYR G 16 20.48 -32.95 11.89
N GLY G 17 19.80 -34.03 11.52
CA GLY G 17 18.67 -33.94 10.61
C GLY G 17 18.99 -33.79 9.13
N GLU G 18 17.94 -33.68 8.33
CA GLU G 18 18.06 -33.59 6.88
C GLU G 18 17.02 -32.67 6.25
N GLY G 19 17.39 -32.02 5.14
CA GLY G 19 16.49 -31.14 4.43
C GLY G 19 17.06 -29.75 4.22
N VAL G 20 16.23 -28.74 4.41
CA VAL G 20 16.66 -27.34 4.31
C VAL G 20 17.57 -26.98 5.47
N PRO G 21 18.81 -26.54 5.17
CA PRO G 21 19.78 -26.26 6.22
C PRO G 21 19.46 -25.00 7.03
N ILE G 22 19.55 -25.12 8.36
CA ILE G 22 19.45 -23.97 9.25
C ILE G 22 20.69 -23.88 10.12
N VAL G 23 21.39 -22.75 10.05
CA VAL G 23 22.61 -22.56 10.81
C VAL G 23 22.38 -21.69 12.03
N PHE G 24 22.55 -22.26 13.22
CA PHE G 24 22.38 -21.53 14.46
C PHE G 24 23.72 -20.96 14.94
N LEU G 25 23.76 -19.64 15.07
CA LEU G 25 24.94 -18.93 15.53
C LEU G 25 24.70 -18.29 16.89
N HIS G 26 25.36 -18.81 17.91
CA HIS G 26 25.13 -18.40 19.30
C HIS G 26 25.60 -16.97 19.58
N PRO G 27 25.07 -16.34 20.64
CA PRO G 27 25.53 -15.01 21.03
C PRO G 27 26.94 -14.99 21.61
N PHE G 28 27.45 -13.79 21.88
CA PHE G 28 28.80 -13.60 22.39
C PHE G 28 29.01 -14.29 23.73
N SER G 29 30.19 -14.86 23.92
CA SER G 29 30.62 -15.53 25.15
C SER G 29 29.85 -16.81 25.46
N THR G 30 28.93 -17.20 24.58
CA THR G 30 28.15 -18.42 24.79
C THR G 30 28.65 -19.55 23.91
N ASN G 31 27.80 -20.55 23.69
CA ASN G 31 28.08 -21.62 22.74
C ASN G 31 26.79 -22.21 22.19
N GLY G 32 26.92 -23.25 21.36
CA GLY G 32 25.81 -23.81 20.64
C GLY G 32 24.72 -24.45 21.49
N GLY G 33 25.09 -24.86 22.70
CA GLY G 33 24.15 -25.47 23.63
C GLY G 33 22.93 -24.61 23.90
N ILE G 34 23.10 -23.29 23.80
CA ILE G 34 22.01 -22.34 23.99
C ILE G 34 20.84 -22.58 23.01
N TRP G 35 21.10 -23.29 21.92
CA TRP G 35 20.07 -23.58 20.94
C TRP G 35 19.39 -24.92 21.20
N TYR G 36 19.56 -25.43 22.41
CA TYR G 36 19.06 -26.76 22.78
C TYR G 36 17.57 -26.98 22.45
N PHE G 37 16.74 -25.99 22.73
CA PHE G 37 15.30 -26.13 22.52
C PHE G 37 14.89 -25.88 21.07
N GLN G 38 15.82 -25.38 20.26
CA GLN G 38 15.56 -25.17 18.84
C GLN G 38 16.17 -26.31 18.02
N THR G 39 17.37 -26.72 18.43
CA THR G 39 18.19 -27.67 17.67
C THR G 39 17.46 -28.92 17.22
N PHE G 40 16.77 -29.57 18.15
CA PHE G 40 16.18 -30.87 17.88
C PHE G 40 14.74 -30.85 17.34
N PRO G 41 13.89 -29.91 17.82
CA PRO G 41 12.59 -29.81 17.14
C PRO G 41 12.71 -29.50 15.65
N PHE G 42 13.67 -28.66 15.28
CA PHE G 42 13.86 -28.28 13.88
C PHE G 42 14.69 -29.31 13.13
N ALA G 43 15.35 -30.21 13.85
CA ALA G 43 16.12 -31.28 13.23
C ALA G 43 15.17 -32.35 12.67
N GLN G 44 13.92 -32.30 13.08
CA GLN G 44 12.90 -33.20 12.56
C GLN G 44 12.52 -32.83 11.12
N THR G 45 12.60 -31.54 10.82
CA THR G 45 12.15 -31.04 9.52
C THR G 45 13.30 -30.46 8.70
N ASN G 46 14.42 -30.16 9.35
CA ASN G 46 15.52 -29.48 8.69
C ASN G 46 16.89 -30.06 8.99
N HIS G 47 17.87 -29.68 8.17
CA HIS G 47 19.27 -29.99 8.43
C HIS G 47 19.86 -28.93 9.34
N VAL G 48 19.73 -29.15 10.65
CA VAL G 48 20.20 -28.21 11.65
C VAL G 48 21.71 -28.29 11.87
N ILE G 49 22.37 -27.15 11.71
CA ILE G 49 23.80 -27.02 11.91
C ILE G 49 24.09 -25.98 13.00
N VAL G 50 24.68 -26.41 14.11
CA VAL G 50 24.96 -25.51 15.22
C VAL G 50 26.46 -25.33 15.44
N ILE G 51 26.94 -24.10 15.32
CA ILE G 51 28.37 -23.83 15.35
C ILE G 51 28.86 -23.16 16.63
N ASP G 52 29.98 -23.65 17.15
CA ASP G 52 30.70 -22.94 18.21
C ASP G 52 31.73 -22.02 17.58
N HIS G 53 31.60 -20.72 17.82
CA HIS G 53 32.49 -19.73 17.24
C HIS G 53 33.90 -19.87 17.80
N ARG G 54 34.88 -19.26 17.15
CA ARG G 54 36.24 -19.24 17.68
C ARG G 54 36.24 -18.57 19.03
N GLY G 55 37.05 -19.11 19.94
CA GLY G 55 37.16 -18.52 21.25
C GLY G 55 36.00 -18.90 22.14
N HIS G 56 35.18 -19.85 21.70
CA HIS G 56 34.03 -20.30 22.49
C HIS G 56 33.89 -21.83 22.52
N GLY G 57 33.50 -22.35 23.67
CA GLY G 57 33.10 -23.74 23.81
C GLY G 57 34.12 -24.80 23.43
N ARG G 58 33.78 -25.58 22.42
CA ARG G 58 34.58 -26.73 22.03
C ARG G 58 35.51 -26.39 20.87
N SER G 59 35.37 -25.18 20.35
CA SER G 59 36.24 -24.72 19.27
C SER G 59 37.52 -24.15 19.84
N ASP G 60 38.47 -23.86 18.95
CA ASP G 60 39.72 -23.23 19.35
C ASP G 60 39.48 -21.87 19.99
N LYS G 61 40.42 -21.48 20.85
CA LYS G 61 40.40 -20.15 21.44
C LYS G 61 41.76 -19.50 21.29
N PRO G 62 42.13 -19.15 20.04
CA PRO G 62 43.43 -18.53 19.78
C PRO G 62 43.60 -17.24 20.57
N ALA G 63 44.84 -16.82 20.81
CA ALA G 63 45.09 -15.55 21.45
C ALA G 63 44.56 -14.43 20.57
N THR G 64 44.69 -14.60 19.26
CA THR G 64 44.23 -13.65 18.26
C THR G 64 43.77 -14.40 17.02
N GLY G 65 42.81 -13.86 16.28
CA GLY G 65 42.08 -12.65 16.64
C GLY G 65 40.62 -12.95 16.30
N TYR G 66 39.71 -12.06 16.67
CA TYR G 66 38.31 -12.36 16.45
C TYR G 66 37.58 -11.27 15.68
N SER G 67 37.60 -11.44 14.37
CA SER G 67 36.94 -10.55 13.42
C SER G 67 35.67 -11.21 12.91
N ILE G 68 34.65 -10.41 12.64
CA ILE G 68 33.36 -10.92 12.20
C ILE G 68 33.49 -11.62 10.84
N MET G 69 34.36 -11.09 10.00
CA MET G 69 34.54 -11.61 8.65
C MET G 69 35.06 -13.04 8.66
N GLU G 70 36.04 -13.33 9.52
CA GLU G 70 36.61 -14.67 9.57
C GLU G 70 35.73 -15.62 10.38
N HIS G 71 34.96 -15.09 11.33
CA HIS G 71 33.94 -15.88 12.00
C HIS G 71 32.98 -16.42 10.94
N ALA G 72 32.47 -15.50 10.12
CA ALA G 72 31.65 -15.83 8.97
C ALA G 72 32.33 -16.88 8.08
N ASP G 73 33.63 -16.71 7.85
CA ASP G 73 34.36 -17.67 7.03
C ASP G 73 34.46 -19.05 7.71
N ASP G 74 34.35 -19.08 9.02
CA ASP G 74 34.23 -20.36 9.71
C ASP G 74 32.91 -20.96 9.33
N VAL G 75 31.87 -20.13 9.36
CA VAL G 75 30.56 -20.63 8.97
C VAL G 75 30.59 -21.24 7.56
N VAL G 76 31.25 -20.56 6.62
CA VAL G 76 31.31 -21.09 5.25
C VAL G 76 32.22 -22.32 5.15
N ALA G 77 33.19 -22.43 6.06
CA ALA G 77 34.04 -23.61 6.08
C ALA G 77 33.25 -24.84 6.52
N VAL G 78 32.52 -24.69 7.62
CA VAL G 78 31.62 -25.73 8.11
C VAL G 78 30.61 -26.10 7.03
N LEU G 79 30.08 -25.08 6.35
CA LEU G 79 29.17 -25.32 5.23
C LEU G 79 29.84 -26.11 4.11
N ASP G 80 31.14 -25.91 3.94
CA ASP G 80 31.88 -26.56 2.86
C ASP G 80 32.11 -28.03 3.13
N ALA G 81 32.53 -28.35 4.35
CA ALA G 81 32.72 -29.75 4.72
C ALA G 81 31.41 -30.53 4.65
N LEU G 82 30.30 -29.84 4.87
CA LEU G 82 29.01 -30.50 5.02
C LEU G 82 28.18 -30.48 3.74
N LYS G 83 28.81 -30.18 2.60
CA LYS G 83 28.14 -30.17 1.30
C LYS G 83 26.90 -29.28 1.31
N VAL G 84 27.02 -28.09 1.90
CA VAL G 84 25.87 -27.22 2.03
C VAL G 84 25.84 -26.12 0.95
N ASP G 85 24.71 -26.02 0.26
CA ASP G 85 24.54 -25.04 -0.80
C ASP G 85 24.18 -23.68 -0.21
N ARG G 86 22.91 -23.52 0.14
CA ARG G 86 22.42 -22.31 0.79
C ARG G 86 21.69 -22.69 2.08
N ALA G 87 21.61 -21.76 3.03
CA ALA G 87 20.99 -22.06 4.31
C ALA G 87 20.27 -20.87 4.91
N VAL G 88 19.28 -21.15 5.75
CA VAL G 88 18.65 -20.12 6.57
C VAL G 88 19.51 -19.88 7.80
N PHE G 89 19.86 -18.62 8.04
CA PHE G 89 20.77 -18.29 9.14
C PHE G 89 20.05 -17.66 10.33
N VAL G 90 20.22 -18.28 11.49
CA VAL G 90 19.63 -17.80 12.73
C VAL G 90 20.71 -17.37 13.71
N GLY G 91 20.89 -16.07 13.87
CA GLY G 91 21.97 -15.56 14.68
C GLY G 91 21.55 -14.66 15.83
N ASN G 92 22.20 -14.87 16.97
CA ASN G 92 21.95 -14.08 18.18
C ASN G 92 23.17 -13.23 18.49
N SER G 93 22.95 -11.95 18.77
CA SER G 93 24.04 -10.97 18.99
C SER G 93 25.02 -10.98 17.80
N ILE G 94 26.24 -11.46 18.01
CA ILE G 94 27.20 -11.54 16.92
C ILE G 94 26.76 -12.53 15.86
N GLY G 95 25.95 -13.50 16.26
CA GLY G 95 25.39 -14.45 15.32
C GLY G 95 24.69 -13.72 14.20
N GLY G 96 23.98 -12.65 14.56
CA GLY G 96 23.36 -11.77 13.60
C GLY G 96 24.41 -11.03 12.78
N MET G 97 25.47 -10.59 13.45
CA MET G 97 26.57 -9.92 12.75
C MET G 97 27.24 -10.85 11.76
N ILE G 98 27.54 -12.07 12.21
CA ILE G 98 28.19 -13.07 11.38
C ILE G 98 27.31 -13.43 10.18
N ALA G 99 26.01 -13.58 10.44
CA ALA G 99 25.05 -13.88 9.39
C ALA G 99 24.96 -12.74 8.36
N MET G 100 24.93 -11.51 8.85
CA MET G 100 24.82 -10.35 7.96
C MET G 100 26.10 -10.14 7.14
N GLN G 101 27.24 -10.30 7.79
CA GLN G 101 28.53 -10.20 7.13
C GLN G 101 28.65 -11.28 6.07
N LEU G 102 28.08 -12.45 6.36
CA LEU G 102 28.04 -13.55 5.40
C LEU G 102 27.11 -13.21 4.24
N ASN G 103 26.05 -12.47 4.54
CA ASN G 103 25.17 -11.94 3.50
C ASN G 103 25.92 -10.97 2.60
N LEU G 104 26.86 -10.25 3.19
CA LEU G 104 27.68 -9.29 2.45
C LEU G 104 28.70 -9.97 1.56
N ASP G 105 29.40 -10.96 2.12
CA ASP G 105 30.52 -11.57 1.43
C ASP G 105 30.13 -12.78 0.59
N HIS G 106 29.12 -13.52 1.05
CA HIS G 106 28.72 -14.74 0.35
C HIS G 106 27.19 -14.84 0.19
N PRO G 107 26.62 -13.98 -0.66
CA PRO G 107 25.15 -13.95 -0.84
C PRO G 107 24.61 -15.19 -1.53
N GLN G 108 25.48 -15.92 -2.24
CA GLN G 108 25.07 -17.11 -2.97
C GLN G 108 24.77 -18.30 -2.07
N ARG G 109 25.03 -18.14 -0.78
CA ARG G 109 24.93 -19.23 0.18
C ARG G 109 23.86 -18.98 1.24
N VAL G 110 22.99 -18.00 0.99
CA VAL G 110 21.98 -17.64 1.97
C VAL G 110 20.56 -17.78 1.41
N ILE G 111 19.74 -18.54 2.12
CA ILE G 111 18.32 -18.65 1.78
C ILE G 111 17.52 -17.51 2.41
N GLY G 112 17.72 -17.31 3.71
CA GLY G 112 17.02 -16.28 4.45
C GLY G 112 17.65 -16.09 5.82
N ASN G 113 17.21 -15.07 6.54
CA ASN G 113 17.80 -14.77 7.84
C ASN G 113 16.79 -14.46 8.94
N LEU G 114 17.06 -14.95 10.13
CA LEU G 114 16.39 -14.48 11.34
C LEU G 114 17.45 -13.91 12.27
N ILE G 115 17.52 -12.60 12.34
CA ILE G 115 18.46 -11.94 13.25
C ILE G 115 17.78 -11.67 14.59
N LEU G 116 18.31 -12.27 15.65
CA LEU G 116 17.72 -12.13 16.98
C LEU G 116 18.55 -11.23 17.88
N SER G 117 17.97 -10.09 18.26
CA SER G 117 18.58 -9.18 19.23
C SER G 117 20.02 -8.81 18.87
N SER G 118 20.20 -8.14 17.73
CA SER G 118 21.54 -7.77 17.29
C SER G 118 21.59 -6.33 16.80
N GLY G 119 22.74 -5.94 16.25
CA GLY G 119 22.91 -4.59 15.74
C GLY G 119 24.26 -4.42 15.06
N THR G 120 24.61 -3.17 14.77
CA THR G 120 25.90 -2.86 14.16
C THR G 120 26.46 -1.57 14.77
N GLY G 121 27.78 -1.46 14.83
CA GLY G 121 28.41 -0.32 15.46
C GLY G 121 28.01 -0.21 16.92
N LEU G 122 27.98 -1.35 17.61
CA LEU G 122 27.56 -1.41 19.01
C LEU G 122 28.45 -0.54 19.90
N GLY G 123 29.75 -0.58 19.65
CA GLY G 123 30.71 0.19 20.42
C GLY G 123 30.43 1.68 20.46
N GLU G 124 29.70 2.18 19.47
CA GLU G 124 29.31 3.58 19.42
C GLU G 124 28.32 3.95 20.53
N GLY G 125 27.43 3.00 20.85
CA GLY G 125 26.38 3.25 21.82
C GLY G 125 26.82 3.09 23.26
N MET G 126 28.11 2.86 23.46
CA MET G 126 28.65 2.65 24.79
C MET G 126 28.76 3.95 25.57
N PRO G 127 28.32 3.94 26.83
CA PRO G 127 28.79 5.07 27.63
C PRO G 127 30.29 4.94 27.80
N PRO G 128 31.04 6.05 27.72
CA PRO G 128 32.50 6.04 27.77
C PRO G 128 33.01 5.32 29.02
N GLU G 129 32.17 5.37 30.05
CA GLU G 129 32.45 4.84 31.37
C GLU G 129 32.61 3.32 31.44
N ALA G 130 31.77 2.61 30.70
CA ALA G 130 31.69 1.15 30.76
C ALA G 130 33.01 0.46 30.37
N GLY G 131 33.65 0.97 29.33
CA GLY G 131 34.93 0.44 28.88
C GLY G 131 35.94 0.44 30.02
N ALA G 132 35.96 1.53 30.78
CA ALA G 132 36.80 1.62 31.96
C ALA G 132 36.31 0.66 33.04
N ALA G 133 35.00 0.48 33.12
CA ALA G 133 34.39 -0.39 34.12
C ALA G 133 34.87 -1.83 33.96
N PHE G 134 35.06 -2.28 32.73
CA PHE G 134 35.54 -3.64 32.49
C PHE G 134 36.98 -3.84 32.98
N GLN G 135 37.75 -2.76 33.01
CA GLN G 135 39.14 -2.83 33.47
C GLN G 135 39.20 -2.68 35.00
N ASN G 136 38.25 -1.93 35.55
CA ASN G 136 38.11 -1.82 37.00
C ASN G 136 37.62 -3.14 37.60
N ASP G 137 36.65 -3.75 36.92
CA ASP G 137 36.14 -5.06 37.30
C ASP G 137 35.61 -5.76 36.07
N TYR G 138 36.20 -6.90 35.73
CA TYR G 138 35.75 -7.67 34.58
C TYR G 138 34.44 -8.37 34.89
N ILE G 139 34.45 -9.18 35.94
CA ILE G 139 33.28 -9.96 36.34
C ILE G 139 32.09 -9.07 36.67
N GLY G 140 32.33 -8.02 37.45
CA GLY G 140 31.27 -7.12 37.85
C GLY G 140 30.62 -6.39 36.68
N ALA G 141 31.46 -5.85 35.80
CA ALA G 141 30.96 -5.12 34.63
C ALA G 141 30.23 -6.04 33.66
N PHE G 142 30.78 -7.22 33.43
CA PHE G 142 30.16 -8.17 32.50
C PHE G 142 28.82 -8.65 33.04
N GLY G 143 28.80 -8.97 34.34
CA GLY G 143 27.58 -9.37 35.02
C GLY G 143 26.52 -8.29 34.92
N GLY G 144 26.89 -7.06 35.28
CA GLY G 144 26.00 -5.92 35.18
C GLY G 144 25.48 -5.71 33.78
N LEU G 145 26.33 -5.97 32.80
CA LEU G 145 25.94 -5.92 31.39
C LEU G 145 24.88 -6.99 31.10
N LEU G 146 25.02 -8.14 31.76
CA LEU G 146 24.11 -9.26 31.52
C LEU G 146 22.77 -9.11 32.26
N GLU G 147 22.74 -8.29 33.30
CA GLU G 147 21.48 -8.04 34.01
C GLU G 147 20.50 -7.29 33.11
N GLY G 148 21.03 -6.62 32.09
CA GLY G 148 20.21 -5.88 31.15
C GLY G 148 19.98 -6.65 29.86
N ALA G 149 20.45 -7.90 29.84
CA ALA G 149 20.25 -8.78 28.69
C ALA G 149 19.05 -9.68 28.92
N VAL G 150 18.59 -9.72 30.16
CA VAL G 150 17.45 -10.55 30.53
C VAL G 150 16.31 -9.67 31.02
N SER G 151 15.08 -10.00 30.63
CA SER G 151 13.93 -9.21 31.06
C SER G 151 13.66 -9.41 32.55
N ALA G 152 12.85 -8.52 33.11
CA ALA G 152 12.46 -8.63 34.51
C ALA G 152 11.71 -9.93 34.76
N ARG G 153 10.75 -10.21 33.89
CA ARG G 153 9.94 -11.42 34.02
C ARG G 153 10.78 -12.68 33.90
N SER G 154 11.79 -12.66 33.04
CA SER G 154 12.65 -13.83 32.86
C SER G 154 13.59 -13.99 34.04
N LYS G 155 14.09 -12.86 34.55
CA LYS G 155 14.95 -12.88 35.72
C LYS G 155 14.20 -13.42 36.94
N ARG G 156 12.90 -13.16 37.01
CA ARG G 156 12.10 -13.63 38.15
C ARG G 156 11.59 -15.06 37.98
N GLU G 157 11.06 -15.38 36.80
CA GLU G 157 10.47 -16.69 36.55
C GLU G 157 11.51 -17.73 36.16
N ARG G 158 12.58 -17.31 35.47
CA ARG G 158 13.62 -18.23 35.03
C ARG G 158 15.02 -17.71 35.33
N PRO G 159 15.44 -17.77 36.61
CA PRO G 159 16.74 -17.26 37.04
C PRO G 159 17.91 -18.02 36.42
N GLU G 160 17.62 -19.23 35.95
CA GLU G 160 18.65 -20.11 35.38
C GLU G 160 19.27 -19.53 34.11
N ILE G 161 18.52 -18.67 33.42
CA ILE G 161 19.00 -18.06 32.19
C ILE G 161 20.14 -17.08 32.49
N LEU G 162 19.87 -16.11 33.37
CA LEU G 162 20.89 -15.15 33.77
C LEU G 162 22.04 -15.86 34.49
N ALA G 163 21.70 -16.89 35.27
CA ALA G 163 22.69 -17.67 35.97
C ALA G 163 23.69 -18.32 35.02
N VAL G 164 23.17 -19.06 34.03
CA VAL G 164 24.02 -19.75 33.08
C VAL G 164 24.75 -18.78 32.17
N MET G 165 24.15 -17.61 31.94
CA MET G 165 24.78 -16.63 31.05
C MET G 165 25.94 -15.93 31.75
N LYS G 166 25.79 -15.66 33.04
CA LYS G 166 26.90 -15.11 33.82
C LYS G 166 27.94 -16.19 34.07
N ALA G 167 27.50 -17.44 34.00
CA ALA G 167 28.40 -18.58 34.15
C ALA G 167 29.27 -18.78 32.91
N HIS G 168 28.71 -18.50 31.73
CA HIS G 168 29.41 -18.76 30.48
C HIS G 168 30.75 -18.03 30.34
N PHE G 169 30.80 -16.77 30.77
CA PHE G 169 32.01 -15.97 30.57
C PHE G 169 32.98 -16.10 31.75
N SER G 170 32.48 -16.63 32.86
CA SER G 170 33.29 -16.73 34.08
C SER G 170 33.96 -18.10 34.20
N VAL G 171 33.61 -19.02 33.30
CA VAL G 171 34.31 -20.30 33.21
C VAL G 171 35.33 -20.24 32.08
N PRO G 172 36.61 -20.10 32.44
CA PRO G 172 37.72 -19.90 31.48
C PRO G 172 37.83 -21.03 30.47
N SER G 173 37.35 -22.22 30.87
CA SER G 173 37.33 -23.38 29.99
C SER G 173 36.51 -23.10 28.74
N ASN G 174 35.42 -22.34 28.91
CA ASN G 174 34.60 -21.93 27.78
C ASN G 174 34.95 -20.51 27.34
N PHE G 175 34.98 -19.56 28.26
CA PHE G 175 35.27 -18.18 27.89
C PHE G 175 36.34 -17.52 28.75
N PRO G 176 37.59 -17.51 28.25
CA PRO G 176 38.74 -16.87 28.89
C PRO G 176 38.74 -15.37 28.66
N LYS G 177 39.45 -14.61 29.50
CA LYS G 177 39.51 -13.16 29.35
C LYS G 177 40.28 -12.75 28.10
N HIS G 178 41.21 -13.60 27.66
CA HIS G 178 42.08 -13.23 26.56
C HIS G 178 41.28 -13.12 25.27
N VAL G 179 40.25 -13.95 25.13
CA VAL G 179 39.32 -13.86 24.00
C VAL G 179 38.59 -12.52 23.96
N PHE G 180 38.05 -12.10 25.08
CA PHE G 180 37.31 -10.85 25.17
C PHE G 180 38.23 -9.65 24.90
N ASP G 181 39.40 -9.66 25.53
CA ASP G 181 40.40 -8.61 25.31
C ASP G 181 40.79 -8.53 23.83
N ALA G 182 41.09 -9.69 23.23
CA ALA G 182 41.49 -9.74 21.83
C ALA G 182 40.38 -9.22 20.91
N ALA G 183 39.14 -9.61 21.20
CA ALA G 183 38.01 -9.23 20.36
C ALA G 183 37.71 -7.74 20.46
N THR G 184 37.78 -7.21 21.67
CA THR G 184 37.51 -5.78 21.89
C THR G 184 38.61 -4.93 21.26
N ALA G 185 39.86 -5.36 21.41
CA ALA G 185 40.99 -4.68 20.79
C ALA G 185 40.87 -4.64 19.26
N ASP G 186 40.15 -5.59 18.69
CA ASP G 186 39.96 -5.65 17.24
C ASP G 186 38.99 -4.57 16.77
N PRO G 187 39.41 -3.77 15.77
CA PRO G 187 38.69 -2.65 15.18
C PRO G 187 37.56 -3.10 14.24
N ASN G 188 37.48 -4.40 14.04
CA ASN G 188 36.34 -5.00 13.34
C ASN G 188 35.78 -6.14 14.18
N GLY G 189 35.99 -6.04 15.49
CA GLY G 189 35.45 -6.99 16.44
C GLY G 189 33.99 -6.74 16.76
N VAL G 190 33.52 -7.33 17.86
CA VAL G 190 32.09 -7.34 18.19
C VAL G 190 31.51 -5.94 18.37
N PHE G 191 32.26 -5.06 19.01
CA PHE G 191 31.79 -3.71 19.28
C PHE G 191 32.04 -2.78 18.11
N ALA G 192 33.09 -3.05 17.34
CA ALA G 192 33.54 -2.09 16.34
C ALA G 192 33.03 -2.40 14.93
N TRP G 193 32.51 -3.61 14.73
CA TRP G 193 31.94 -4.01 13.45
C TRP G 193 30.81 -3.07 13.04
N ASN G 194 30.91 -2.51 11.85
CA ASN G 194 30.00 -1.46 11.41
C ASN G 194 29.74 -1.51 9.90
N ILE G 195 28.51 -1.80 9.50
CA ILE G 195 28.19 -1.97 8.08
C ILE G 195 26.91 -1.27 7.62
N LYS G 196 26.68 -0.05 8.11
CA LYS G 196 25.43 0.65 7.82
C LYS G 196 25.29 0.99 6.33
N ASP G 197 26.42 1.22 5.66
CA ASP G 197 26.44 1.42 4.22
C ASP G 197 26.10 0.11 3.52
N ARG G 198 26.47 -1.00 4.18
CA ARG G 198 26.29 -2.34 3.65
C ARG G 198 25.00 -2.96 4.14
N LEU G 199 24.29 -2.26 5.01
CA LEU G 199 22.97 -2.71 5.45
C LEU G 199 21.98 -2.58 4.30
N SER G 200 22.22 -1.59 3.44
CA SER G 200 21.35 -1.35 2.28
C SER G 200 21.63 -2.36 1.17
N SER G 201 22.57 -3.26 1.41
CA SER G 201 23.03 -4.19 0.37
C SER G 201 22.32 -5.54 0.45
N ILE G 202 21.81 -5.88 1.62
CA ILE G 202 21.27 -7.22 1.88
C ILE G 202 19.96 -7.48 1.15
N GLN G 203 19.93 -8.56 0.36
CA GLN G 203 18.83 -8.83 -0.55
C GLN G 203 17.96 -10.02 -0.12
N ALA G 204 18.48 -10.87 0.75
CA ALA G 204 17.76 -12.06 1.18
C ALA G 204 16.58 -11.70 2.08
N PRO G 205 15.53 -12.55 2.09
CA PRO G 205 14.40 -12.36 3.02
C PRO G 205 14.88 -12.36 4.47
N THR G 206 14.59 -11.30 5.20
CA THR G 206 15.16 -11.12 6.53
C THR G 206 14.12 -10.77 7.59
N LEU G 207 14.14 -11.52 8.70
CA LEU G 207 13.28 -11.22 9.83
C LEU G 207 14.11 -10.83 11.05
N VAL G 208 13.94 -9.59 11.50
CA VAL G 208 14.64 -9.12 12.69
C VAL G 208 13.75 -9.23 13.91
N VAL G 209 14.27 -9.84 14.97
CA VAL G 209 13.50 -10.03 16.20
C VAL G 209 14.21 -9.37 17.38
N ALA G 210 13.50 -8.50 18.08
CA ALA G 210 14.09 -7.74 19.18
C ALA G 210 13.33 -7.92 20.49
N GLY G 211 14.08 -8.09 21.58
CA GLY G 211 13.49 -8.12 22.91
C GLY G 211 13.27 -6.70 23.39
N GLU G 212 12.09 -6.45 23.94
CA GLU G 212 11.68 -5.10 24.30
C GLU G 212 12.43 -4.58 25.52
N GLU G 213 12.76 -5.47 26.44
CA GLU G 213 13.52 -5.10 27.63
C GLU G 213 15.01 -5.37 27.47
N ASP G 214 15.48 -5.43 26.23
CA ASP G 214 16.89 -5.64 25.96
C ASP G 214 17.64 -4.31 26.06
N LEU G 215 18.68 -4.29 26.88
CA LEU G 215 19.49 -3.08 27.08
C LEU G 215 20.86 -3.24 26.41
N VAL G 216 21.32 -4.48 26.26
CA VAL G 216 22.55 -4.78 25.54
C VAL G 216 22.42 -4.39 24.07
N THR G 217 21.31 -4.83 23.48
CA THR G 217 20.96 -4.45 22.12
C THR G 217 19.57 -3.83 22.15
N THR G 218 19.52 -2.51 21.90
CA THR G 218 18.28 -1.77 22.04
C THR G 218 17.31 -2.06 20.90
N VAL G 219 16.05 -1.70 21.11
CA VAL G 219 15.04 -1.82 20.08
C VAL G 219 15.46 -0.96 18.89
N ALA G 220 16.09 0.18 19.16
CA ALA G 220 16.58 1.06 18.11
C ALA G 220 17.66 0.39 17.28
N ASN G 221 18.54 -0.36 17.95
CA ASN G 221 19.62 -1.07 17.25
C ASN G 221 19.09 -2.07 16.23
N ASN G 222 18.08 -2.82 16.60
CA ASN G 222 17.45 -3.77 15.69
C ASN G 222 16.63 -3.05 14.62
N GLN G 223 15.96 -1.98 15.04
CA GLN G 223 15.14 -1.17 14.15
C GLN G 223 15.96 -0.63 13.00
N LEU G 224 17.19 -0.20 13.31
CA LEU G 224 18.11 0.26 12.28
C LEU G 224 18.29 -0.80 11.20
N LEU G 225 18.59 -2.02 11.64
CA LEU G 225 18.77 -3.16 10.74
C LEU G 225 17.53 -3.41 9.90
N ALA G 226 16.38 -3.56 10.54
CA ALA G 226 15.14 -3.86 9.84
C ALA G 226 14.76 -2.77 8.85
N ASP G 227 14.99 -1.52 9.22
CA ASP G 227 14.57 -0.38 8.41
C ASP G 227 15.52 -0.10 7.24
N ASN G 228 16.79 -0.46 7.40
CA ASN G 228 17.76 -0.21 6.33
C ASN G 228 17.98 -1.41 5.41
N ILE G 229 17.53 -2.59 5.85
CA ILE G 229 17.58 -3.78 4.98
C ILE G 229 16.26 -3.90 4.22
N PRO G 230 16.33 -3.83 2.88
CA PRO G 230 15.15 -3.82 2.01
C PRO G 230 14.30 -5.08 2.14
N GLY G 231 13.01 -4.90 2.42
CA GLY G 231 12.06 -5.99 2.48
C GLY G 231 12.10 -6.75 3.79
N ALA G 232 12.77 -6.19 4.78
CA ALA G 232 12.90 -6.86 6.08
C ALA G 232 11.65 -6.69 6.93
N GLU G 233 11.41 -7.67 7.80
CA GLU G 233 10.31 -7.62 8.75
C GLU G 233 10.85 -7.54 10.16
N LEU G 234 10.13 -6.82 11.02
CA LEU G 234 10.56 -6.62 12.40
C LEU G 234 9.47 -6.99 13.39
N ARG G 235 9.84 -7.75 14.41
CA ARG G 235 8.93 -8.07 15.48
C ARG G 235 9.56 -7.75 16.83
N VAL G 236 8.95 -6.81 17.55
CA VAL G 236 9.41 -6.46 18.90
C VAL G 236 8.60 -7.25 19.93
N ILE G 237 9.28 -7.84 20.90
CA ILE G 237 8.65 -8.74 21.86
C ILE G 237 8.73 -8.21 23.29
N ASN G 238 7.57 -7.96 23.90
CA ASN G 238 7.51 -7.52 25.29
C ASN G 238 7.99 -8.62 26.26
N ASP G 239 8.46 -8.20 27.44
CA ASP G 239 8.89 -9.11 28.52
C ASP G 239 10.03 -10.06 28.13
N VAL G 240 10.76 -9.71 27.07
CA VAL G 240 11.89 -10.51 26.62
C VAL G 240 13.13 -9.63 26.47
N GLY G 241 14.30 -10.19 26.79
CA GLY G 241 15.56 -9.48 26.68
C GLY G 241 16.38 -9.89 25.48
N HIS G 242 17.59 -10.36 25.73
CA HIS G 242 18.56 -10.64 24.68
C HIS G 242 18.44 -12.05 24.12
N PHE G 243 17.87 -12.95 24.90
CA PHE G 243 17.81 -14.36 24.53
C PHE G 243 16.39 -14.90 24.43
N TYR G 244 15.69 -14.48 23.37
CA TYR G 244 14.31 -14.91 23.15
C TYR G 244 14.20 -16.43 23.02
N GLN G 245 15.23 -17.06 22.48
CA GLN G 245 15.19 -18.51 22.26
C GLN G 245 15.21 -19.29 23.57
N LEU G 246 15.58 -18.61 24.65
CA LEU G 246 15.64 -19.25 25.97
C LEU G 246 14.51 -18.81 26.89
N GLU G 247 14.17 -17.53 26.83
CA GLU G 247 13.18 -16.95 27.75
C GLU G 247 11.79 -17.50 27.50
N ARG G 248 11.41 -17.61 26.22
CA ARG G 248 10.17 -18.26 25.83
C ARG G 248 10.41 -19.08 24.55
N PRO G 249 11.08 -20.24 24.69
CA PRO G 249 11.57 -21.05 23.58
C PRO G 249 10.50 -21.46 22.56
N SER G 250 9.33 -21.88 23.05
CA SER G 250 8.25 -22.33 22.15
C SER G 250 7.75 -21.18 21.27
N GLU G 251 7.56 -20.01 21.87
CA GLU G 251 7.23 -18.79 21.12
C GLU G 251 8.21 -18.54 19.99
N PHE G 252 9.49 -18.50 20.34
CA PHE G 252 10.54 -18.32 19.35
C PHE G 252 10.47 -19.38 18.25
N ASN G 253 10.12 -20.60 18.64
CA ASN G 253 10.03 -21.70 17.68
C ASN G 253 8.92 -21.48 16.66
N GLU G 254 7.78 -21.03 17.14
CA GLU G 254 6.68 -20.68 16.24
C GLU G 254 7.07 -19.51 15.33
N LEU G 255 7.84 -18.57 15.88
CA LEU G 255 8.33 -17.44 15.07
C LEU G 255 9.28 -17.91 13.96
N LEU G 256 10.14 -18.86 14.29
CA LEU G 256 11.12 -19.37 13.33
C LEU G 256 10.43 -20.22 12.26
N ARG G 257 9.40 -20.94 12.66
CA ARG G 257 8.60 -21.70 11.70
C ARG G 257 7.84 -20.76 10.78
N GLY G 258 7.78 -19.49 11.19
CA GLY G 258 7.00 -18.49 10.50
C GLY G 258 7.51 -18.05 9.14
N PHE G 259 8.81 -18.15 8.93
CA PHE G 259 9.37 -17.82 7.61
C PHE G 259 9.31 -19.02 6.68
N VAL G 260 10.13 -20.04 6.96
CA VAL G 260 10.24 -21.26 6.16
C VAL G 260 10.11 -21.04 4.66
N PRO H 2 35.46 -33.43 23.70
CA PRO H 2 36.28 -34.34 22.89
C PRO H 2 35.75 -35.76 22.91
N HIS H 3 36.64 -36.69 22.59
CA HIS H 3 36.24 -38.03 22.32
C HIS H 3 37.15 -39.00 23.05
N VAL H 4 36.61 -40.12 23.53
CA VAL H 4 37.48 -41.20 23.99
C VAL H 4 37.01 -42.48 23.33
N GLU H 5 37.95 -43.36 23.01
CA GLU H 5 37.59 -44.64 22.43
C GLU H 5 37.46 -45.74 23.48
N ASN H 6 36.32 -46.43 23.44
CA ASN H 6 36.15 -47.66 24.21
C ASN H 6 35.99 -48.84 23.25
N ASP H 7 37.09 -49.56 23.03
CA ASP H 7 37.12 -50.69 22.11
C ASP H 7 36.43 -50.38 20.78
N GLY H 8 36.84 -49.30 20.13
CA GLY H 8 36.30 -48.96 18.83
C GLY H 8 34.99 -48.19 18.85
N VAL H 9 34.44 -47.95 20.04
CA VAL H 9 33.25 -47.13 20.16
C VAL H 9 33.60 -45.74 20.68
N LYS H 10 33.40 -44.73 19.85
CA LYS H 10 33.73 -43.36 20.23
C LYS H 10 32.66 -42.75 21.12
N ILE H 11 33.06 -42.43 22.35
CA ILE H 11 32.17 -41.77 23.30
C ILE H 11 32.54 -40.30 23.40
N TYR H 12 31.58 -39.44 23.05
CA TYR H 12 31.79 -38.00 23.13
C TYR H 12 31.52 -37.49 24.54
N TYR H 13 32.31 -36.51 24.96
CA TYR H 13 32.16 -35.90 26.28
C TYR H 13 32.62 -34.45 26.26
N ASP H 14 32.09 -33.65 27.17
CA ASP H 14 32.52 -32.28 27.36
C ASP H 14 33.05 -32.09 28.78
N SER H 15 34.07 -31.26 28.91
CA SER H 15 34.77 -31.10 30.18
C SER H 15 35.07 -29.64 30.49
N TYR H 16 34.59 -29.17 31.63
CA TYR H 16 34.84 -27.77 32.02
C TYR H 16 35.21 -27.66 33.50
N GLY H 17 36.06 -26.70 33.84
CA GLY H 17 36.32 -26.37 35.23
C GLY H 17 37.33 -27.21 35.99
N GLU H 18 37.56 -26.84 37.25
CA GLU H 18 38.49 -27.55 38.13
C GLU H 18 37.90 -27.74 39.52
N GLY H 19 38.28 -28.85 40.17
CA GLY H 19 37.85 -29.13 41.53
C GLY H 19 37.26 -30.52 41.71
N VAL H 20 36.32 -30.65 42.63
CA VAL H 20 35.59 -31.89 42.82
C VAL H 20 34.75 -32.21 41.60
N PRO H 21 35.09 -33.31 40.89
CA PRO H 21 34.47 -33.64 39.61
C PRO H 21 33.01 -34.08 39.72
N ILE H 22 32.18 -33.57 38.83
CA ILE H 22 30.77 -33.97 38.75
C ILE H 22 30.46 -34.51 37.36
N VAL H 23 29.93 -35.73 37.30
CA VAL H 23 29.62 -36.36 36.03
C VAL H 23 28.13 -36.33 35.74
N PHE H 24 27.76 -35.69 34.63
CA PHE H 24 26.36 -35.59 34.24
C PHE H 24 26.00 -36.66 33.21
N LEU H 25 25.03 -37.49 33.55
CA LEU H 25 24.62 -38.57 32.66
C LEU H 25 23.14 -38.42 32.28
N HIS H 26 22.90 -38.14 31.00
CA HIS H 26 21.56 -37.81 30.51
C HIS H 26 20.61 -39.01 30.47
N PRO H 27 19.29 -38.73 30.48
CA PRO H 27 18.30 -39.79 30.35
C PRO H 27 18.25 -40.42 28.95
N PHE H 28 17.48 -41.49 28.82
CA PHE H 28 17.38 -42.25 27.58
C PHE H 28 16.83 -41.40 26.43
N SER H 29 17.39 -41.63 25.24
CA SER H 29 16.99 -40.99 23.97
C SER H 29 17.41 -39.53 23.85
N THR H 30 18.03 -38.98 24.90
CA THR H 30 18.49 -37.60 24.86
C THR H 30 20.00 -37.52 24.68
N ASN H 31 20.60 -36.41 25.09
CA ASN H 31 22.05 -36.28 25.14
C ASN H 31 22.49 -35.27 26.20
N GLY H 32 23.78 -34.98 26.22
CA GLY H 32 24.37 -34.14 27.26
C GLY H 32 23.87 -32.72 27.30
N GLY H 33 23.38 -32.22 26.17
CA GLY H 33 22.86 -30.87 26.07
C GLY H 33 21.78 -30.56 27.08
N ILE H 34 21.06 -31.59 27.52
CA ILE H 34 20.01 -31.45 28.52
C ILE H 34 20.53 -30.88 29.84
N TRP H 35 21.84 -30.94 30.06
CA TRP H 35 22.44 -30.41 31.29
C TRP H 35 22.93 -28.98 31.10
N TYR H 36 22.44 -28.31 30.06
CA TYR H 36 22.90 -26.97 29.71
C TYR H 36 22.92 -25.98 30.87
N PHE H 37 21.87 -25.98 31.68
CA PHE H 37 21.79 -25.07 32.81
C PHE H 37 22.63 -25.54 33.99
N GLN H 38 22.78 -26.86 34.13
CA GLN H 38 23.56 -27.40 35.23
C GLN H 38 25.05 -27.28 34.94
N THR H 39 25.40 -27.49 33.68
CA THR H 39 26.80 -27.62 33.26
C THR H 39 27.70 -26.45 33.63
N PHE H 40 27.30 -25.23 33.27
CA PHE H 40 28.21 -24.09 33.35
C PHE H 40 28.19 -23.34 34.68
N PRO H 41 27.02 -23.17 35.32
CA PRO H 41 27.08 -22.69 36.71
C PRO H 41 27.87 -23.60 37.64
N PHE H 42 27.96 -24.89 37.32
CA PHE H 42 28.68 -25.83 38.18
C PHE H 42 30.11 -26.02 37.69
N ALA H 43 30.39 -25.48 36.52
CA ALA H 43 31.75 -25.52 35.97
C ALA H 43 32.65 -24.51 36.66
N GLN H 44 32.05 -23.50 37.29
CA GLN H 44 32.83 -22.45 37.93
C GLN H 44 33.20 -22.85 39.36
N THR H 45 32.51 -23.85 39.89
CA THR H 45 32.81 -24.38 41.21
C THR H 45 33.49 -25.75 41.08
N ASN H 46 33.06 -26.53 40.10
CA ASN H 46 33.57 -27.89 39.95
C ASN H 46 34.17 -28.20 38.58
N HIS H 47 34.76 -29.40 38.47
CA HIS H 47 35.16 -29.95 37.18
C HIS H 47 34.02 -30.82 36.65
N VAL H 48 33.16 -30.23 35.84
CA VAL H 48 32.01 -30.95 35.30
C VAL H 48 32.34 -31.70 34.02
N ILE H 49 31.86 -32.93 33.96
CA ILE H 49 32.00 -33.80 32.81
C ILE H 49 30.63 -34.25 32.34
N VAL H 50 30.26 -33.90 31.11
CA VAL H 50 28.97 -34.32 30.60
C VAL H 50 29.19 -35.28 29.44
N ILE H 51 28.47 -36.40 29.47
CA ILE H 51 28.71 -37.51 28.54
C ILE H 51 27.50 -37.83 27.69
N ASP H 52 27.73 -37.97 26.39
CA ASP H 52 26.74 -38.58 25.51
C ASP H 52 26.91 -40.09 25.54
N HIS H 53 25.89 -40.80 26.01
CA HIS H 53 25.92 -42.25 26.04
C HIS H 53 26.11 -42.80 24.63
N ARG H 54 26.59 -44.04 24.53
CA ARG H 54 26.69 -44.68 23.23
C ARG H 54 25.29 -44.84 22.67
N GLY H 55 25.14 -44.59 21.37
CA GLY H 55 23.83 -44.63 20.75
C GLY H 55 23.08 -43.32 20.87
N HIS H 56 23.73 -42.33 21.49
CA HIS H 56 23.09 -41.04 21.71
C HIS H 56 23.95 -39.87 21.25
N GLY H 57 23.28 -38.86 20.69
CA GLY H 57 23.90 -37.59 20.34
C GLY H 57 25.13 -37.66 19.45
N ARG H 58 26.26 -37.26 20.02
CA ARG H 58 27.50 -37.13 19.27
C ARG H 58 28.39 -38.35 19.41
N SER H 59 27.96 -39.32 20.21
CA SER H 59 28.71 -40.55 20.41
C SER H 59 28.37 -41.57 19.34
N ASP H 60 29.21 -42.61 19.22
CA ASP H 60 28.98 -43.67 18.26
C ASP H 60 27.70 -44.43 18.57
N LYS H 61 27.10 -45.03 17.53
CA LYS H 61 25.87 -45.78 17.69
C LYS H 61 26.00 -47.15 17.04
N PRO H 62 26.74 -48.07 17.68
CA PRO H 62 26.96 -49.41 17.14
C PRO H 62 25.67 -50.23 17.08
N ALA H 63 25.72 -51.36 16.38
CA ALA H 63 24.55 -52.21 16.21
C ALA H 63 24.06 -52.79 17.53
N THR H 64 25.01 -53.07 18.40
CA THR H 64 24.77 -53.72 19.69
C THR H 64 26.09 -53.64 20.45
N GLY H 65 26.07 -53.73 21.79
CA GLY H 65 24.86 -53.81 22.59
C GLY H 65 24.86 -52.75 23.66
N TYR H 66 23.73 -52.60 24.34
CA TYR H 66 23.56 -51.48 25.25
C TYR H 66 23.18 -51.94 26.65
N SER H 67 24.00 -52.83 27.20
CA SER H 67 23.89 -53.21 28.61
C SER H 67 24.40 -52.08 29.46
N ILE H 68 23.89 -51.99 30.69
CA ILE H 68 24.29 -50.93 31.61
C ILE H 68 25.76 -51.05 31.97
N MET H 69 26.28 -52.27 31.92
CA MET H 69 27.70 -52.52 32.17
C MET H 69 28.56 -51.80 31.13
N GLU H 70 28.15 -51.86 29.88
CA GLU H 70 28.91 -51.26 28.79
C GLU H 70 28.84 -49.74 28.83
N HIS H 71 27.65 -49.20 29.14
CA HIS H 71 27.49 -47.76 29.33
C HIS H 71 28.41 -47.28 30.44
N ALA H 72 28.34 -47.96 31.58
CA ALA H 72 29.16 -47.64 32.73
C ALA H 72 30.64 -47.71 32.40
N ASP H 73 31.04 -48.70 31.61
CA ASP H 73 32.43 -48.87 31.22
C ASP H 73 32.87 -47.74 30.29
N ASP H 74 31.95 -47.25 29.47
CA ASP H 74 32.20 -46.07 28.65
C ASP H 74 32.49 -44.87 29.56
N VAL H 75 31.66 -44.72 30.59
CA VAL H 75 31.88 -43.67 31.57
C VAL H 75 33.27 -43.78 32.21
N VAL H 76 33.64 -44.99 32.63
CA VAL H 76 34.97 -45.21 33.21
C VAL H 76 36.08 -44.82 32.24
N ALA H 77 35.88 -45.15 30.96
CA ALA H 77 36.81 -44.78 29.91
C ALA H 77 37.00 -43.26 29.87
N VAL H 78 35.89 -42.52 29.92
CA VAL H 78 35.97 -41.06 29.97
C VAL H 78 36.72 -40.60 31.22
N LEU H 79 36.42 -41.23 32.35
CA LEU H 79 37.09 -40.94 33.62
C LEU H 79 38.56 -41.35 33.60
N ASP H 80 38.99 -42.01 32.52
CA ASP H 80 40.37 -42.45 32.40
C ASP H 80 41.17 -41.56 31.46
N ALA H 81 40.59 -41.23 30.31
CA ALA H 81 41.24 -40.31 29.37
C ALA H 81 41.51 -38.97 30.07
N LEU H 82 40.53 -38.52 30.85
CA LEU H 82 40.76 -37.50 31.86
C LEU H 82 41.36 -38.19 33.06
N LYS H 83 42.48 -37.67 33.57
CA LYS H 83 43.15 -38.30 34.70
C LYS H 83 42.41 -38.04 36.02
N VAL H 84 41.15 -38.48 36.06
CA VAL H 84 40.28 -38.29 37.22
C VAL H 84 40.01 -39.61 37.92
N ASP H 85 40.38 -39.70 39.20
CA ASP H 85 40.23 -40.96 39.91
C ASP H 85 38.84 -41.10 40.55
N ARG H 86 38.33 -40.02 41.14
CA ARG H 86 37.01 -40.06 41.78
C ARG H 86 36.14 -38.87 41.37
N ALA H 87 34.82 -39.08 41.36
CA ALA H 87 33.90 -38.03 40.95
C ALA H 87 32.51 -38.20 41.58
N VAL H 88 31.74 -37.11 41.59
CA VAL H 88 30.35 -37.15 42.04
C VAL H 88 29.46 -37.42 40.84
N PHE H 89 28.52 -38.34 40.98
CA PHE H 89 27.71 -38.76 39.85
C PHE H 89 26.25 -38.35 39.96
N VAL H 90 25.77 -37.63 38.96
CA VAL H 90 24.36 -37.30 38.88
C VAL H 90 23.74 -37.87 37.61
N GLY H 91 22.86 -38.85 37.78
CA GLY H 91 22.32 -39.59 36.65
C GLY H 91 20.80 -39.54 36.57
N ASN H 92 20.29 -39.37 35.36
CA ASN H 92 18.87 -39.27 35.12
C ASN H 92 18.38 -40.45 34.29
N SER H 93 17.29 -41.07 34.72
CA SER H 93 16.73 -42.27 34.09
C SER H 93 17.80 -43.34 33.90
N ILE H 94 18.23 -43.53 32.66
CA ILE H 94 19.27 -44.52 32.36
C ILE H 94 20.60 -44.08 32.95
N GLY H 95 20.74 -42.78 33.18
CA GLY H 95 21.95 -42.25 33.81
C GLY H 95 22.06 -42.75 35.23
N GLY H 96 20.92 -42.88 35.91
CA GLY H 96 20.89 -43.42 37.26
C GLY H 96 21.32 -44.87 37.27
N MET H 97 20.86 -45.63 36.27
CA MET H 97 21.24 -47.03 36.13
C MET H 97 22.74 -47.16 35.92
N ILE H 98 23.28 -46.33 35.04
CA ILE H 98 24.70 -46.32 34.73
C ILE H 98 25.53 -45.98 35.95
N ALA H 99 25.11 -44.93 36.67
CA ALA H 99 25.80 -44.51 37.88
C ALA H 99 25.78 -45.60 38.95
N MET H 100 24.61 -46.20 39.18
CA MET H 100 24.47 -47.27 40.15
C MET H 100 25.33 -48.49 39.78
N GLN H 101 25.45 -48.75 38.48
CA GLN H 101 26.29 -49.85 38.00
C GLN H 101 27.75 -49.55 38.26
N LEU H 102 28.16 -48.32 37.97
CA LEU H 102 29.46 -47.83 38.39
C LEU H 102 29.69 -48.07 39.89
N ASN H 103 28.67 -47.79 40.70
CA ASN H 103 28.77 -48.00 42.14
C ASN H 103 28.90 -49.46 42.52
N LEU H 104 28.38 -50.33 41.65
CA LEU H 104 28.51 -51.77 41.88
C LEU H 104 29.90 -52.27 41.54
N ASP H 105 30.43 -51.83 40.41
CA ASP H 105 31.68 -52.38 39.89
C ASP H 105 32.91 -51.50 40.15
N HIS H 106 32.70 -50.19 40.24
CA HIS H 106 33.80 -49.29 40.59
C HIS H 106 33.44 -48.34 41.73
N PRO H 107 33.09 -48.88 42.90
CA PRO H 107 32.69 -47.98 43.98
C PRO H 107 33.84 -47.12 44.51
N GLN H 108 35.07 -47.51 44.19
CA GLN H 108 36.25 -46.79 44.66
C GLN H 108 36.55 -45.55 43.82
N ARG H 109 35.71 -45.28 42.83
CA ARG H 109 35.87 -44.08 42.01
C ARG H 109 34.69 -43.14 42.18
N VAL H 110 33.89 -43.37 43.22
CA VAL H 110 32.66 -42.59 43.42
C VAL H 110 32.67 -41.83 44.74
N ILE H 111 32.45 -40.53 44.66
CA ILE H 111 32.35 -39.68 45.84
C ILE H 111 30.93 -39.70 46.41
N GLY H 112 29.96 -39.52 45.53
CA GLY H 112 28.56 -39.52 45.92
C GLY H 112 27.64 -39.55 44.72
N ASN H 113 26.34 -39.72 44.96
CA ASN H 113 25.37 -39.80 43.89
C ASN H 113 24.15 -38.91 44.09
N LEU H 114 23.76 -38.22 43.01
CA LEU H 114 22.44 -37.61 42.93
C LEU H 114 21.72 -38.28 41.76
N ILE H 115 20.90 -39.28 42.04
CA ILE H 115 20.21 -39.94 40.93
C ILE H 115 18.81 -39.34 40.80
N LEU H 116 18.47 -38.97 39.57
CA LEU H 116 17.25 -38.23 39.31
C LEU H 116 16.23 -39.05 38.52
N SER H 117 15.11 -39.35 39.17
CA SER H 117 14.00 -40.04 38.52
C SER H 117 14.43 -41.34 37.86
N SER H 118 14.87 -42.31 38.66
CA SER H 118 15.34 -43.58 38.12
C SER H 118 14.68 -44.76 38.84
N GLY H 119 15.18 -45.96 38.56
CA GLY H 119 14.65 -47.17 39.18
C GLY H 119 15.44 -48.40 38.80
N THR H 120 14.94 -49.56 39.23
CA THR H 120 15.53 -50.84 38.84
C THR H 120 14.41 -51.85 38.60
N GLY H 121 14.65 -52.80 37.69
CA GLY H 121 13.62 -53.72 37.27
C GLY H 121 12.46 -52.96 36.67
N LEU H 122 12.80 -51.98 35.84
CA LEU H 122 11.83 -51.02 35.32
C LEU H 122 10.82 -51.66 34.37
N GLY H 123 11.31 -52.54 33.49
CA GLY H 123 10.46 -53.20 32.52
C GLY H 123 9.43 -54.11 33.15
N GLU H 124 9.81 -54.76 34.26
CA GLU H 124 8.90 -55.67 34.96
C GLU H 124 7.72 -54.91 35.57
N GLY H 125 7.94 -53.63 35.85
CA GLY H 125 6.91 -52.80 36.45
C GLY H 125 5.96 -52.19 35.43
N MET H 126 6.43 -52.04 34.21
CA MET H 126 5.62 -51.51 33.12
C MET H 126 4.53 -52.49 32.72
N PRO H 127 3.34 -51.99 32.39
CA PRO H 127 2.24 -52.83 31.92
C PRO H 127 2.59 -53.55 30.62
N PRO H 128 2.10 -54.78 30.44
CA PRO H 128 2.34 -55.56 29.22
C PRO H 128 1.88 -54.82 27.97
N GLU H 129 0.91 -53.93 28.17
CA GLU H 129 0.33 -53.18 27.07
C GLU H 129 1.37 -52.26 26.44
N ALA H 130 2.14 -51.54 27.27
CA ALA H 130 3.24 -50.71 26.79
C ALA H 130 4.15 -51.55 25.91
N GLY H 131 4.52 -52.69 26.50
CA GLY H 131 5.09 -53.82 25.78
C GLY H 131 4.56 -53.95 24.37
N ALA H 132 3.25 -53.98 24.17
CA ALA H 132 2.70 -54.10 22.80
C ALA H 132 2.71 -52.79 21.99
N ALA H 133 2.53 -51.69 22.72
CA ALA H 133 2.27 -50.38 22.14
C ALA H 133 3.50 -49.91 21.37
N PHE H 134 4.68 -50.29 21.85
CA PHE H 134 5.87 -49.87 21.13
C PHE H 134 6.10 -50.62 19.80
N GLN H 135 5.54 -51.81 19.63
CA GLN H 135 5.67 -52.52 18.35
C GLN H 135 4.55 -52.12 17.41
N ASN H 136 3.36 -51.86 17.95
CA ASN H 136 2.27 -51.41 17.10
C ASN H 136 2.56 -50.00 16.58
N ASP H 137 3.02 -49.13 17.46
CA ASP H 137 3.25 -47.73 17.11
C ASP H 137 4.38 -47.16 17.97
N TYR H 138 5.59 -47.22 17.44
CA TYR H 138 6.79 -46.80 18.17
C TYR H 138 6.75 -45.34 18.60
N ILE H 139 6.68 -44.45 17.61
CA ILE H 139 6.68 -43.01 17.85
C ILE H 139 5.53 -42.59 18.76
N GLY H 140 4.34 -43.12 18.50
CA GLY H 140 3.17 -42.81 19.29
C GLY H 140 3.31 -43.26 20.74
N ALA H 141 3.76 -44.49 20.93
CA ALA H 141 3.94 -45.05 22.27
C ALA H 141 4.96 -44.25 23.07
N PHE H 142 6.13 -43.99 22.48
CA PHE H 142 7.16 -43.22 23.17
C PHE H 142 6.65 -41.80 23.46
N GLY H 143 5.84 -41.27 22.54
CA GLY H 143 5.23 -39.97 22.73
C GLY H 143 4.34 -39.94 23.95
N GLY H 144 3.49 -40.94 24.10
CA GLY H 144 2.62 -41.06 25.26
C GLY H 144 3.40 -41.21 26.55
N LEU H 145 4.41 -42.08 26.51
CA LEU H 145 5.30 -42.25 27.65
C LEU H 145 5.88 -40.90 28.07
N LEU H 146 6.33 -40.11 27.10
CA LEU H 146 6.86 -38.77 27.38
C LEU H 146 5.80 -37.81 27.91
N GLU H 147 4.55 -38.02 27.51
CA GLU H 147 3.44 -37.25 28.05
C GLU H 147 3.23 -37.61 29.51
N GLY H 148 3.67 -38.80 29.88
CA GLY H 148 3.66 -39.19 31.29
C GLY H 148 4.93 -38.77 32.02
N ALA H 149 5.86 -38.15 31.30
CA ALA H 149 7.17 -37.80 31.86
C ALA H 149 7.26 -36.35 32.30
N VAL H 150 6.28 -35.55 31.92
CA VAL H 150 6.30 -34.13 32.24
C VAL H 150 5.13 -33.80 33.16
N SER H 151 5.33 -32.86 34.08
CA SER H 151 4.27 -32.44 34.99
C SER H 151 3.29 -31.52 34.26
N ALA H 152 2.11 -31.35 34.83
CA ALA H 152 1.08 -30.50 34.23
C ALA H 152 1.58 -29.07 34.12
N ARG H 153 2.02 -28.53 35.25
CA ARG H 153 2.51 -27.17 35.32
C ARG H 153 3.61 -26.93 34.30
N SER H 154 4.52 -27.88 34.15
CA SER H 154 5.59 -27.75 33.17
C SER H 154 5.04 -27.80 31.74
N LYS H 155 4.03 -28.65 31.53
CA LYS H 155 3.39 -28.70 30.23
C LYS H 155 2.81 -27.34 29.86
N ARG H 156 2.31 -26.61 30.84
CA ARG H 156 1.74 -25.30 30.52
C ARG H 156 2.80 -24.20 30.44
N GLU H 157 3.67 -24.12 31.44
CA GLU H 157 4.63 -23.04 31.53
C GLU H 157 5.84 -23.23 30.62
N ARG H 158 6.21 -24.49 30.36
CA ARG H 158 7.37 -24.80 29.53
C ARG H 158 7.10 -25.94 28.54
N PRO H 159 6.32 -25.66 27.48
CA PRO H 159 5.99 -26.65 26.45
C PRO H 159 7.21 -27.12 25.65
N GLU H 160 8.25 -26.28 25.65
CA GLU H 160 9.48 -26.58 24.94
C GLU H 160 10.16 -27.85 25.46
N ILE H 161 9.89 -28.19 26.71
CA ILE H 161 10.45 -29.39 27.32
C ILE H 161 9.92 -30.66 26.65
N LEU H 162 8.60 -30.82 26.69
CA LEU H 162 7.94 -31.94 26.02
C LEU H 162 8.27 -31.95 24.54
N ALA H 163 8.29 -30.77 23.94
CA ALA H 163 8.63 -30.62 22.53
C ALA H 163 10.00 -31.20 22.20
N VAL H 164 11.03 -30.72 22.89
CA VAL H 164 12.40 -31.15 22.62
C VAL H 164 12.60 -32.62 22.97
N MET H 165 11.84 -33.11 23.96
CA MET H 165 11.97 -34.50 24.36
C MET H 165 11.36 -35.44 23.32
N LYS H 166 10.28 -35.01 22.68
CA LYS H 166 9.72 -35.81 21.57
C LYS H 166 10.67 -35.75 20.37
N ALA H 167 11.19 -34.55 20.12
CA ALA H 167 12.15 -34.33 19.04
C ALA H 167 13.38 -35.23 19.17
N HIS H 168 13.82 -35.45 20.41
CA HIS H 168 15.01 -36.26 20.66
C HIS H 168 14.93 -37.66 20.05
N PHE H 169 13.80 -38.34 20.24
CA PHE H 169 13.66 -39.68 19.70
C PHE H 169 13.11 -39.63 18.27
N SER H 170 12.60 -38.48 17.86
CA SER H 170 12.13 -38.34 16.49
C SER H 170 13.25 -38.02 15.50
N VAL H 171 14.46 -37.76 16.01
CA VAL H 171 15.61 -37.47 15.14
C VAL H 171 16.61 -38.62 15.18
N PRO H 172 16.72 -39.38 14.07
CA PRO H 172 17.59 -40.55 13.97
C PRO H 172 19.07 -40.21 14.15
N SER H 173 19.44 -38.96 13.85
CA SER H 173 20.81 -38.50 14.01
C SER H 173 21.21 -38.51 15.48
N ASN H 174 20.23 -38.31 16.34
CA ASN H 174 20.47 -38.26 17.79
C ASN H 174 20.16 -39.59 18.46
N PHE H 175 19.01 -40.16 18.12
CA PHE H 175 18.58 -41.42 18.71
C PHE H 175 17.85 -42.28 17.69
N PRO H 176 18.59 -43.16 17.00
CA PRO H 176 17.99 -44.06 16.00
C PRO H 176 17.25 -45.23 16.64
N LYS H 177 16.35 -45.85 15.90
CA LYS H 177 15.50 -46.91 16.44
C LYS H 177 16.28 -48.18 16.78
N HIS H 178 17.39 -48.40 16.10
CA HIS H 178 18.17 -49.62 16.31
C HIS H 178 18.75 -49.65 17.72
N VAL H 179 19.08 -48.47 18.24
CA VAL H 179 19.54 -48.34 19.62
C VAL H 179 18.42 -48.70 20.59
N PHE H 180 17.21 -48.21 20.31
CA PHE H 180 16.05 -48.51 21.15
C PHE H 180 15.78 -50.02 21.18
N ASP H 181 15.79 -50.63 20.00
CA ASP H 181 15.53 -52.07 19.88
C ASP H 181 16.60 -52.88 20.60
N ALA H 182 17.86 -52.53 20.38
CA ALA H 182 18.96 -53.23 21.04
C ALA H 182 18.89 -53.09 22.55
N ALA H 183 18.51 -51.91 23.03
CA ALA H 183 18.41 -51.65 24.46
C ALA H 183 17.25 -52.41 25.09
N THR H 184 16.14 -52.48 24.37
CA THR H 184 14.96 -53.19 24.85
C THR H 184 15.19 -54.69 24.88
N ALA H 185 15.95 -55.18 23.89
CA ALA H 185 16.17 -56.62 23.75
C ALA H 185 17.30 -57.14 24.64
N ASP H 186 18.17 -56.25 25.10
CA ASP H 186 19.31 -56.66 25.91
C ASP H 186 18.86 -57.08 27.31
N PRO H 187 19.35 -58.25 27.78
CA PRO H 187 18.97 -58.78 29.10
C PRO H 187 19.42 -57.90 30.26
N ASN H 188 20.27 -56.93 29.98
CA ASN H 188 20.72 -55.98 31.00
C ASN H 188 20.59 -54.54 30.52
N GLY H 189 19.61 -54.31 29.66
CA GLY H 189 19.38 -52.98 29.11
C GLY H 189 18.45 -52.15 29.97
N VAL H 190 17.96 -51.04 29.42
CA VAL H 190 17.15 -50.08 30.16
C VAL H 190 15.99 -50.71 30.93
N PHE H 191 15.31 -51.67 30.30
CA PHE H 191 14.10 -52.24 30.87
C PHE H 191 14.35 -53.53 31.66
N ALA H 192 15.43 -54.24 31.30
CA ALA H 192 15.69 -55.55 31.87
C ALA H 192 16.65 -55.51 33.05
N TRP H 193 17.46 -54.44 33.13
CA TRP H 193 18.45 -54.27 34.18
C TRP H 193 17.80 -54.26 35.56
N ASN H 194 18.25 -55.15 36.44
CA ASN H 194 17.65 -55.32 37.76
C ASN H 194 18.70 -55.63 38.83
N ILE H 195 18.83 -54.73 39.80
CA ILE H 195 19.85 -54.88 40.84
C ILE H 195 19.33 -54.74 42.27
N LYS H 196 18.14 -55.27 42.56
CA LYS H 196 17.63 -55.31 43.93
C LYS H 196 18.66 -55.98 44.81
N ASP H 197 19.29 -57.00 44.24
CA ASP H 197 20.59 -57.54 44.67
C ASP H 197 21.42 -56.67 45.57
N ARG H 198 22.32 -55.93 44.91
CA ARG H 198 23.39 -55.20 45.56
C ARG H 198 23.03 -53.73 45.77
N LEU H 199 21.74 -53.43 45.61
CA LEU H 199 21.20 -52.13 46.00
C LEU H 199 21.54 -51.87 47.46
N SER H 200 21.34 -52.89 48.28
CA SER H 200 21.67 -52.82 49.71
C SER H 200 23.17 -52.83 49.96
N SER H 201 23.95 -52.99 48.88
CA SER H 201 25.41 -53.01 48.98
C SER H 201 26.03 -51.67 48.60
N ILE H 202 25.35 -50.94 47.71
CA ILE H 202 25.81 -49.63 47.24
C ILE H 202 26.18 -48.72 48.41
N GLN H 203 27.43 -48.28 48.45
CA GLN H 203 28.00 -47.70 49.68
C GLN H 203 28.17 -46.18 49.69
N ALA H 204 28.28 -45.57 48.52
CA ALA H 204 28.50 -44.13 48.44
C ALA H 204 27.24 -43.37 48.89
N PRO H 205 27.44 -42.18 49.50
CA PRO H 205 26.31 -41.33 49.92
C PRO H 205 25.41 -40.99 48.73
N THR H 206 24.12 -41.33 48.85
CA THR H 206 23.21 -41.25 47.71
C THR H 206 21.90 -40.54 48.02
N LEU H 207 21.53 -39.57 47.18
CA LEU H 207 20.26 -38.90 47.29
C LEU H 207 19.41 -39.15 46.05
N VAL H 208 18.25 -39.77 46.25
CA VAL H 208 17.34 -40.04 45.14
C VAL H 208 16.29 -38.94 45.03
N VAL H 209 16.13 -38.38 43.83
CA VAL H 209 15.18 -37.29 43.60
C VAL H 209 14.11 -37.68 42.60
N ALA H 210 12.85 -37.59 43.01
CA ALA H 210 11.74 -38.00 42.16
C ALA H 210 10.69 -36.91 42.04
N GLY H 211 10.11 -36.78 40.84
CA GLY H 211 8.98 -35.90 40.63
C GLY H 211 7.71 -36.60 41.03
N GLU H 212 6.82 -35.87 41.70
CA GLU H 212 5.58 -36.43 42.19
C GLU H 212 4.67 -36.85 41.04
N GLU H 213 4.79 -36.17 39.90
CA GLU H 213 3.94 -36.45 38.75
C GLU H 213 4.62 -37.29 37.67
N ASP H 214 5.80 -37.83 37.98
CA ASP H 214 6.51 -38.70 37.04
C ASP H 214 5.80 -40.04 36.95
N LEU H 215 5.40 -40.41 35.73
CA LEU H 215 4.71 -41.67 35.49
C LEU H 215 5.66 -42.68 34.82
N VAL H 216 6.76 -42.20 34.25
CA VAL H 216 7.72 -43.09 33.59
C VAL H 216 8.61 -43.75 34.64
N THR H 217 8.99 -42.98 35.65
CA THR H 217 9.53 -43.54 36.88
C THR H 217 8.67 -43.02 38.04
N THR H 218 7.84 -43.90 38.61
CA THR H 218 6.97 -43.53 39.71
C THR H 218 7.77 -43.25 40.98
N VAL H 219 7.13 -42.57 41.94
CA VAL H 219 7.74 -42.29 43.23
C VAL H 219 8.11 -43.60 43.93
N ALA H 220 7.34 -44.65 43.65
CA ALA H 220 7.57 -45.96 44.24
C ALA H 220 8.89 -46.57 43.80
N ASN H 221 9.24 -46.41 42.52
CA ASN H 221 10.52 -46.88 42.01
C ASN H 221 11.68 -46.20 42.73
N ASN H 222 11.61 -44.88 42.80
CA ASN H 222 12.65 -44.07 43.42
C ASN H 222 12.82 -44.35 44.91
N GLN H 223 11.72 -44.55 45.63
CA GLN H 223 11.87 -44.88 47.04
C GLN H 223 12.26 -46.35 47.19
N LEU H 224 12.00 -47.15 46.17
CA LEU H 224 12.54 -48.51 46.18
C LEU H 224 14.05 -48.41 46.15
N LEU H 225 14.55 -47.43 45.42
CA LEU H 225 15.98 -47.15 45.43
C LEU H 225 16.45 -46.62 46.79
N ALA H 226 15.72 -45.67 47.37
CA ALA H 226 16.17 -45.00 48.59
C ALA H 226 16.09 -45.89 49.84
N ASP H 227 15.10 -46.77 49.88
CA ASP H 227 14.85 -47.60 51.05
C ASP H 227 15.93 -48.66 51.29
N ASN H 228 16.65 -49.02 50.23
CA ASN H 228 17.62 -50.09 50.30
C ASN H 228 19.05 -49.63 50.06
N ILE H 229 19.39 -48.43 50.51
CA ILE H 229 20.72 -47.89 50.31
C ILE H 229 21.20 -47.14 51.57
N PRO H 230 22.46 -47.37 51.97
CA PRO H 230 23.17 -46.68 53.04
C PRO H 230 23.17 -45.16 52.92
N GLY H 231 22.65 -44.48 53.93
CA GLY H 231 22.61 -43.03 53.93
C GLY H 231 21.74 -42.44 52.84
N ALA H 232 20.86 -43.26 52.28
CA ALA H 232 20.01 -42.82 51.18
C ALA H 232 18.88 -41.95 51.65
N GLU H 233 18.74 -40.80 50.99
CA GLU H 233 17.63 -39.90 51.24
C GLU H 233 16.77 -39.77 49.99
N LEU H 234 15.49 -39.54 50.18
CA LEU H 234 14.58 -39.32 49.06
C LEU H 234 14.02 -37.91 49.09
N ARG H 235 14.05 -37.25 47.94
CA ARG H 235 13.40 -35.97 47.79
C ARG H 235 12.28 -36.07 46.78
N VAL H 236 11.04 -35.97 47.23
CA VAL H 236 9.89 -35.95 46.33
C VAL H 236 9.52 -34.51 46.02
N ILE H 237 9.62 -34.14 44.75
CA ILE H 237 9.35 -32.77 44.32
C ILE H 237 7.98 -32.65 43.65
N ASN H 238 7.07 -31.90 44.27
CA ASN H 238 5.78 -31.62 43.63
C ASN H 238 5.93 -30.75 42.37
N ASP H 239 4.95 -30.87 41.49
CA ASP H 239 4.86 -30.13 40.22
C ASP H 239 6.00 -30.44 39.24
N VAL H 240 6.68 -31.58 39.45
CA VAL H 240 7.80 -31.97 38.60
C VAL H 240 7.63 -33.42 38.13
N GLY H 241 8.10 -33.74 36.93
CA GLY H 241 8.03 -35.11 36.43
C GLY H 241 9.41 -35.74 36.31
N HIS H 242 9.82 -36.03 35.09
CA HIS H 242 11.03 -36.80 34.82
C HIS H 242 12.28 -35.93 34.74
N PHE H 243 12.10 -34.65 34.42
CA PHE H 243 13.23 -33.78 34.11
C PHE H 243 13.29 -32.55 35.02
N TYR H 244 13.60 -32.80 36.29
CA TYR H 244 13.70 -31.73 37.29
C TYR H 244 14.70 -30.65 36.88
N GLN H 245 15.78 -31.06 36.22
CA GLN H 245 16.84 -30.13 35.83
C GLN H 245 16.39 -29.19 34.71
N LEU H 246 15.31 -29.57 34.01
CA LEU H 246 14.77 -28.74 32.95
C LEU H 246 13.47 -28.05 33.37
N GLU H 247 12.65 -28.76 34.14
CA GLU H 247 11.35 -28.26 34.55
C GLU H 247 11.49 -27.11 35.56
N ARG H 248 12.48 -27.22 36.43
CA ARG H 248 12.80 -26.14 37.37
C ARG H 248 14.30 -26.11 37.65
N PRO H 249 15.09 -25.65 36.66
CA PRO H 249 16.55 -25.69 36.66
C PRO H 249 17.21 -25.10 37.91
N SER H 250 16.82 -23.89 38.29
CA SER H 250 17.41 -23.22 39.46
C SER H 250 17.21 -24.05 40.73
N GLU H 251 15.98 -24.51 40.92
CA GLU H 251 15.62 -25.34 42.07
C GLU H 251 16.46 -26.62 42.14
N PHE H 252 16.67 -27.26 40.99
CA PHE H 252 17.51 -28.46 40.93
C PHE H 252 18.95 -28.12 41.31
N ASN H 253 19.42 -26.99 40.77
CA ASN H 253 20.76 -26.49 41.06
C ASN H 253 21.00 -26.31 42.56
N GLU H 254 19.96 -25.85 43.26
CA GLU H 254 20.03 -25.73 44.72
C GLU H 254 20.31 -27.08 45.38
N LEU H 255 19.58 -28.11 44.96
CA LEU H 255 19.75 -29.47 45.49
C LEU H 255 21.15 -30.00 45.21
N LEU H 256 21.64 -29.81 43.99
CA LEU H 256 22.97 -30.28 43.64
C LEU H 256 24.04 -29.53 44.44
N ARG H 257 23.75 -28.27 44.76
CA ARG H 257 24.64 -27.47 45.59
C ARG H 257 24.74 -28.05 47.01
N GLY H 258 23.72 -28.79 47.41
CA GLY H 258 23.69 -29.43 48.71
C GLY H 258 24.07 -30.89 48.65
N PHE H 259 25.20 -31.16 48.01
CA PHE H 259 25.73 -32.51 47.88
C PHE H 259 27.21 -32.47 47.54
#